data_4HAD
#
_entry.id   4HAD
#
_cell.length_a   45.662
_cell.length_b   160.081
_cell.length_c   192.646
_cell.angle_alpha   90.000
_cell.angle_beta   90.000
_cell.angle_gamma   90.000
#
_symmetry.space_group_name_H-M   'P 21 21 21'
#
loop_
_entity.id
_entity.type
_entity.pdbx_description
1 polymer 'Probable oxidoreductase protein'
2 non-polymer 'SODIUM ION'
3 water water
#
_entity_poly.entity_id   1
_entity_poly.type   'polypeptide(L)'
_entity_poly.pdbx_seq_one_letter_code
;(MSE)HHHHHHSSGVDLGTENLYFQS(MSE)LRFGIISTAKIGRDNVVPAIQDAENCVVTAIASRDLTRARE(MSE)ADR
FSVPHAFGSYEE(MSE)LASDVIDAVYIPLPTSQHIEWSIKAADAGKHVVCEKPLALKAGDIDAVIAARDRNKVVVTEAY
(MSE)ITYSPVWQKVRSLIDEGAIGSLRHVQGAFTYFNRDASN(MSE)RNIPELGGGGLPDIGVYPV(MSE)STRFSTGK
EPLRIQANTERDPDFGTDIYSSVKADFDDFELSFYVSTQ(MSE)ANRQI(MSE)VFHGTNGYIEVKSPFNANRWGPEEIE
LADRSHNESRIFRFQDSRQYRREVEAFARAVENGKEEVVTLENSKLNQKVIDAIYRASEKDGWEAV
;
_entity_poly.pdbx_strand_id   A,B,C,D
#
loop_
_chem_comp.id
_chem_comp.type
_chem_comp.name
_chem_comp.formula
NA non-polymer 'SODIUM ION' 'Na 1'
#
# COMPACT_ATOMS: atom_id res chain seq x y z
N SER A 22 -30.77 25.58 17.00
CA SER A 22 -30.03 26.31 18.09
C SER A 22 -28.72 25.58 18.45
N MSE A 23 -27.62 26.32 18.43
CA MSE A 23 -26.28 25.76 18.62
C MSE A 23 -25.93 25.64 20.08
O MSE A 23 -26.15 26.58 20.86
CB MSE A 23 -25.20 26.66 18.01
CG MSE A 23 -25.41 27.02 16.55
SE MSE A 23 -25.31 25.40 15.43
CE MSE A 23 -27.05 25.60 14.51
N LEU A 24 -25.37 24.50 20.47
CA LEU A 24 -24.77 24.37 21.79
C LEU A 24 -23.52 25.23 21.83
N ARG A 25 -23.43 26.08 22.86
CA ARG A 25 -22.39 27.07 22.95
C ARG A 25 -21.26 26.57 23.87
N PHE A 26 -20.06 26.47 23.30
CA PHE A 26 -18.89 25.96 23.99
C PHE A 26 -18.01 27.08 24.50
N GLY A 27 -17.48 26.88 25.70
CA GLY A 27 -16.38 27.67 26.23
C GLY A 27 -15.14 26.79 26.30
N ILE A 28 -13.98 27.35 26.01
CA ILE A 28 -12.74 26.61 26.03
C ILE A 28 -11.91 27.02 27.24
N ILE A 29 -11.56 26.06 28.09
CA ILE A 29 -10.72 26.33 29.23
C ILE A 29 -9.25 26.20 28.84
N SER A 30 -8.60 27.35 28.67
CA SER A 30 -7.17 27.48 28.30
C SER A 30 -6.97 27.44 26.79
N THR A 31 -5.82 27.94 26.36
CA THR A 31 -5.43 27.97 24.96
C THR A 31 -4.50 26.81 24.62
N ALA A 32 -4.73 25.67 25.25
CA ALA A 32 -3.85 24.52 25.04
C ALA A 32 -3.86 24.12 23.55
N LYS A 33 -2.75 23.50 23.13
CA LYS A 33 -2.48 23.21 21.74
C LYS A 33 -3.46 22.24 21.12
N ILE A 34 -3.88 21.22 21.88
CA ILE A 34 -4.89 20.26 21.40
C ILE A 34 -6.17 21.00 20.99
N GLY A 35 -6.56 22.00 21.77
CA GLY A 35 -7.72 22.81 21.43
C GLY A 35 -7.49 23.63 20.18
N ARG A 36 -6.37 24.34 20.12
CA ARG A 36 -6.04 25.20 18.98
C ARG A 36 -5.95 24.42 17.65
N ASP A 37 -5.33 23.24 17.70
CA ASP A 37 -5.00 22.50 16.50
C ASP A 37 -6.11 21.57 16.00
N ASN A 38 -6.99 21.13 16.88
CA ASN A 38 -7.97 20.12 16.54
C ASN A 38 -9.40 20.42 16.96
N VAL A 39 -9.63 20.64 18.24
CA VAL A 39 -10.99 20.66 18.75
C VAL A 39 -11.73 21.97 18.48
N VAL A 40 -11.07 23.10 18.66
CA VAL A 40 -11.74 24.39 18.42
C VAL A 40 -12.21 24.55 16.97
N PRO A 41 -11.33 24.32 15.99
CA PRO A 41 -11.82 24.39 14.64
C PRO A 41 -12.91 23.37 14.34
N ALA A 42 -12.84 22.17 14.95
CA ALA A 42 -13.88 21.18 14.75
C ALA A 42 -15.23 21.61 15.31
N ILE A 43 -15.23 22.32 16.44
CA ILE A 43 -16.48 22.85 16.99
C ILE A 43 -17.08 23.91 16.05
N GLN A 44 -16.24 24.78 15.51
CA GLN A 44 -16.72 25.78 14.55
C GLN A 44 -17.27 25.10 13.29
N ASP A 45 -16.64 24.01 12.84
CA ASP A 45 -17.12 23.26 11.70
C ASP A 45 -18.42 22.51 12.00
N ALA A 46 -18.60 22.10 13.24
CA ALA A 46 -19.71 21.23 13.63
C ALA A 46 -21.08 21.82 13.37
N GLU A 47 -22.05 20.98 13.04
CA GLU A 47 -23.37 21.44 12.65
C GLU A 47 -24.25 21.94 13.77
N ASN A 48 -24.04 21.45 14.97
CA ASN A 48 -24.95 21.72 16.07
C ASN A 48 -24.27 22.34 17.29
N CYS A 49 -23.03 22.81 17.11
CA CYS A 49 -22.39 23.62 18.13
C CYS A 49 -21.45 24.67 17.59
N VAL A 50 -20.98 25.52 18.50
CA VAL A 50 -20.18 26.67 18.14
C VAL A 50 -19.39 27.08 19.39
N VAL A 51 -18.23 27.69 19.20
CA VAL A 51 -17.45 28.22 20.33
C VAL A 51 -17.80 29.68 20.53
N THR A 52 -18.32 30.03 21.71
CA THR A 52 -18.67 31.40 22.05
C THR A 52 -17.67 32.10 22.97
N ALA A 53 -16.84 31.35 23.66
CA ALA A 53 -15.87 31.94 24.57
C ALA A 53 -14.58 31.11 24.72
N ILE A 54 -13.49 31.82 24.96
CA ILE A 54 -12.22 31.23 25.35
C ILE A 54 -11.76 31.91 26.62
N ALA A 55 -11.19 31.12 27.54
CA ALA A 55 -10.73 31.64 28.82
C ALA A 55 -9.29 31.24 29.05
N SER A 56 -8.51 32.17 29.58
CA SER A 56 -7.12 31.91 29.94
C SER A 56 -6.74 32.87 31.05
N ARG A 57 -5.79 32.45 31.88
CA ARG A 57 -5.16 33.37 32.84
C ARG A 57 -4.52 34.57 32.15
N ASP A 58 -4.12 34.39 30.89
CA ASP A 58 -3.55 35.43 30.06
C ASP A 58 -4.62 35.88 29.06
N LEU A 59 -5.29 36.98 29.39
CA LEU A 59 -6.40 37.49 28.59
C LEU A 59 -5.99 37.75 27.14
N THR A 60 -4.79 38.28 26.97
CA THR A 60 -4.27 38.61 25.63
C THR A 60 -4.22 37.37 24.75
N ARG A 61 -3.72 36.27 25.30
CA ARG A 61 -3.72 34.98 24.64
C ARG A 61 -5.10 34.50 24.23
N ALA A 62 -6.04 34.61 25.16
CA ALA A 62 -7.43 34.21 24.91
C ALA A 62 -8.05 35.01 23.76
N ARG A 63 -7.81 36.32 23.79
CA ARG A 63 -8.35 37.25 22.79
C ARG A 63 -7.76 36.97 21.39
N GLU A 64 -6.47 36.66 21.35
CA GLU A 64 -5.78 36.30 20.09
C GLU A 64 -6.36 35.04 19.48
N MSE A 65 -6.60 34.04 20.30
CA MSE A 65 -7.20 32.80 19.83
C MSE A 65 -8.61 33.06 19.37
O MSE A 65 -9.03 32.57 18.32
CB MSE A 65 -7.16 31.76 20.93
CG MSE A 65 -7.61 30.41 20.42
SE MSE A 65 -7.14 29.00 21.71
CE MSE A 65 -8.88 28.18 22.03
N ALA A 66 -9.36 33.78 20.19
CA ALA A 66 -10.76 34.09 19.87
C ALA A 66 -10.87 34.80 18.54
N ASP A 67 -9.99 35.76 18.31
CA ASP A 67 -10.00 36.52 17.05
C ASP A 67 -9.75 35.60 15.88
N ARG A 68 -8.79 34.70 16.00
CA ARG A 68 -8.45 33.77 14.94
C ARG A 68 -9.63 32.89 14.50
N PHE A 69 -10.37 32.38 15.47
CA PHE A 69 -11.38 31.35 15.25
C PHE A 69 -12.80 31.87 15.21
N SER A 70 -12.95 33.20 15.17
CA SER A 70 -14.26 33.85 15.06
C SER A 70 -15.12 33.67 16.31
N VAL A 71 -14.47 33.77 17.48
CA VAL A 71 -15.12 33.55 18.76
C VAL A 71 -15.41 34.91 19.40
N PRO A 72 -16.67 35.15 19.79
CA PRO A 72 -17.05 36.51 20.21
C PRO A 72 -16.52 36.94 21.58
N HIS A 73 -16.33 36.01 22.50
CA HIS A 73 -15.94 36.38 23.87
C HIS A 73 -14.61 35.77 24.31
N ALA A 74 -13.84 36.56 25.04
CA ALA A 74 -12.60 36.14 25.66
C ALA A 74 -12.65 36.53 27.14
N PHE A 75 -12.28 35.61 28.03
CA PHE A 75 -12.31 35.86 29.47
C PHE A 75 -10.91 35.71 30.07
N GLY A 76 -10.63 36.48 31.12
CA GLY A 76 -9.33 36.47 31.79
C GLY A 76 -9.19 35.50 32.95
N SER A 77 -10.22 34.68 33.17
CA SER A 77 -10.17 33.61 34.17
C SER A 77 -11.20 32.55 33.84
N TYR A 78 -10.94 31.33 34.28
CA TYR A 78 -11.89 30.24 34.05
C TYR A 78 -13.18 30.53 34.79
N GLU A 79 -13.05 31.04 36.01
CA GLU A 79 -14.19 31.24 36.90
C GLU A 79 -15.18 32.20 36.30
N GLU A 80 -14.68 33.27 35.68
CA GLU A 80 -15.55 34.26 35.08
C GLU A 80 -16.35 33.70 33.92
N MSE A 81 -15.72 32.89 33.07
CA MSE A 81 -16.43 32.19 32.01
C MSE A 81 -17.48 31.22 32.56
O MSE A 81 -18.60 31.17 32.06
CB MSE A 81 -15.47 31.45 31.10
CG MSE A 81 -16.21 30.85 29.89
SE MSE A 81 -14.94 30.07 28.60
CE MSE A 81 -14.42 28.42 29.59
N LEU A 82 -17.13 30.43 33.56
CA LEU A 82 -18.10 29.50 34.15
C LEU A 82 -19.32 30.19 34.74
N ALA A 83 -19.13 31.39 35.29
CA ALA A 83 -20.24 32.16 35.84
C ALA A 83 -21.13 32.80 34.76
N SER A 84 -20.64 32.86 33.53
CA SER A 84 -21.33 33.58 32.45
C SER A 84 -22.45 32.73 31.88
N ASP A 85 -23.46 33.39 31.30
CA ASP A 85 -24.52 32.69 30.56
C ASP A 85 -24.28 32.64 29.03
N VAL A 86 -23.09 33.04 28.58
CA VAL A 86 -22.78 33.01 27.15
C VAL A 86 -22.32 31.61 26.66
N ILE A 87 -22.08 30.67 27.58
CA ILE A 87 -21.77 29.28 27.25
C ILE A 87 -22.73 28.29 27.90
N ASP A 88 -22.95 27.16 27.23
CA ASP A 88 -23.75 26.05 27.77
C ASP A 88 -22.87 24.88 28.19
N ALA A 89 -21.64 24.83 27.67
CA ALA A 89 -20.77 23.66 27.83
C ALA A 89 -19.32 24.12 27.77
N VAL A 90 -18.44 23.32 28.33
CA VAL A 90 -17.02 23.59 28.25
C VAL A 90 -16.25 22.41 27.67
N TYR A 91 -15.15 22.74 27.03
CA TYR A 91 -14.14 21.79 26.64
C TYR A 91 -12.90 22.05 27.48
N ILE A 92 -12.31 20.98 28.03
CA ILE A 92 -11.21 21.09 28.98
C ILE A 92 -10.00 20.32 28.50
N PRO A 93 -9.06 21.01 27.83
CA PRO A 93 -7.81 20.41 27.38
C PRO A 93 -6.63 20.71 28.27
N LEU A 94 -6.90 20.87 29.56
CA LEU A 94 -5.86 21.10 30.55
C LEU A 94 -5.09 19.81 30.80
N PRO A 95 -3.91 19.91 31.43
CA PRO A 95 -3.20 18.70 31.87
C PRO A 95 -4.05 17.84 32.81
N THR A 96 -3.83 16.52 32.78
CA THR A 96 -4.58 15.55 33.56
C THR A 96 -4.77 15.94 35.01
N SER A 97 -3.71 16.43 35.62
CA SER A 97 -3.74 16.82 37.03
C SER A 97 -4.79 17.90 37.34
N GLN A 98 -5.29 18.57 36.31
CA GLN A 98 -6.28 19.64 36.50
C GLN A 98 -7.69 19.26 36.04
N HIS A 99 -7.84 18.06 35.47
CA HIS A 99 -9.12 17.64 34.90
C HIS A 99 -10.26 17.51 35.92
N ILE A 100 -9.99 16.85 37.03
CA ILE A 100 -11.03 16.63 38.04
C ILE A 100 -11.56 17.96 38.57
N GLU A 101 -10.64 18.82 39.01
CA GLU A 101 -11.01 20.12 39.59
C GLU A 101 -11.96 20.89 38.68
N TRP A 102 -11.61 20.99 37.41
CA TRP A 102 -12.35 21.89 36.51
C TRP A 102 -13.59 21.23 35.89
N SER A 103 -13.56 19.91 35.76
CA SER A 103 -14.77 19.20 35.36
C SER A 103 -15.87 19.40 36.40
N ILE A 104 -15.50 19.29 37.67
CA ILE A 104 -16.46 19.44 38.77
C ILE A 104 -16.94 20.88 38.88
N LYS A 105 -16.03 21.84 38.82
CA LYS A 105 -16.44 23.26 38.88
C LYS A 105 -17.36 23.63 37.73
N ALA A 106 -17.08 23.10 36.54
CA ALA A 106 -17.90 23.39 35.36
C ALA A 106 -19.31 22.86 35.53
N ALA A 107 -19.42 21.60 35.95
CA ALA A 107 -20.72 20.99 36.24
C ALA A 107 -21.46 21.74 37.34
N ASP A 108 -20.76 22.10 38.42
CA ASP A 108 -21.38 22.82 39.51
C ASP A 108 -21.85 24.21 39.07
N ALA A 109 -21.26 24.73 37.99
CA ALA A 109 -21.72 26.00 37.42
C ALA A 109 -22.85 25.73 36.40
N GLY A 110 -23.31 24.48 36.29
CA GLY A 110 -24.39 24.14 35.37
C GLY A 110 -23.99 23.93 33.92
N LYS A 111 -22.70 23.73 33.65
CA LYS A 111 -22.23 23.52 32.28
C LYS A 111 -21.99 22.05 32.02
N HIS A 112 -22.31 21.62 30.80
CA HIS A 112 -21.95 20.30 30.33
C HIS A 112 -20.44 20.28 30.05
N VAL A 113 -19.83 19.10 30.14
CA VAL A 113 -18.38 18.99 30.12
C VAL A 113 -17.88 17.93 29.13
N VAL A 114 -16.99 18.36 28.25
CA VAL A 114 -16.15 17.46 27.50
C VAL A 114 -14.76 17.65 28.06
N CYS A 115 -14.24 16.61 28.73
CA CYS A 115 -12.91 16.66 29.34
C CYS A 115 -11.96 15.77 28.58
N GLU A 116 -10.76 16.28 28.28
CA GLU A 116 -9.77 15.47 27.57
C GLU A 116 -9.34 14.23 28.38
N LYS A 117 -8.89 13.23 27.66
CA LYS A 117 -8.32 12.02 28.23
C LYS A 117 -6.86 12.30 28.61
N PRO A 118 -6.31 11.55 29.56
CA PRO A 118 -7.08 10.68 30.44
C PRO A 118 -7.79 11.54 31.47
N LEU A 119 -8.98 11.14 31.86
CA LEU A 119 -9.80 11.94 32.76
C LEU A 119 -9.09 12.09 34.12
N ALA A 120 -8.54 10.99 34.62
CA ALA A 120 -7.98 10.96 35.96
C ALA A 120 -6.67 10.16 36.06
N LEU A 121 -5.99 10.35 37.17
CA LEU A 121 -4.74 9.67 37.48
C LEU A 121 -4.98 8.27 38.12
N LYS A 122 -6.12 8.13 38.80
CA LYS A 122 -6.54 6.92 39.49
C LYS A 122 -8.02 6.72 39.29
N ALA A 123 -8.45 5.47 39.15
CA ALA A 123 -9.86 5.17 38.88
C ALA A 123 -10.80 5.78 39.92
N GLY A 124 -10.43 5.62 41.19
CA GLY A 124 -11.20 6.12 42.31
C GLY A 124 -11.55 7.60 42.22
N ASP A 125 -10.70 8.39 41.57
CA ASP A 125 -10.90 9.84 41.44
C ASP A 125 -12.14 10.20 40.63
N ILE A 126 -12.61 9.28 39.80
CA ILE A 126 -13.74 9.51 38.92
C ILE A 126 -15.08 9.53 39.68
N ASP A 127 -15.15 8.93 40.87
CA ASP A 127 -16.40 8.93 41.65
C ASP A 127 -16.94 10.35 41.90
N ALA A 128 -16.05 11.29 42.22
CA ALA A 128 -16.46 12.67 42.47
C ALA A 128 -16.97 13.35 41.20
N VAL A 129 -16.47 12.93 40.03
CA VAL A 129 -16.95 13.51 38.77
C VAL A 129 -18.34 12.95 38.45
N ILE A 130 -18.53 11.66 38.70
CA ILE A 130 -19.86 11.05 38.59
C ILE A 130 -20.87 11.76 39.50
N ALA A 131 -20.45 12.06 40.72
CA ALA A 131 -21.36 12.74 41.65
C ALA A 131 -21.72 14.11 41.08
N ALA A 132 -20.76 14.78 40.46
CA ALA A 132 -21.01 16.12 39.92
C ALA A 132 -21.95 16.07 38.73
N ARG A 133 -21.80 15.06 37.89
CA ARG A 133 -22.67 14.85 36.73
C ARG A 133 -24.12 14.68 37.19
N ASP A 134 -24.33 13.76 38.13
CA ASP A 134 -25.66 13.39 38.59
C ASP A 134 -26.34 14.49 39.40
N ARG A 135 -25.55 15.14 40.25
CA ARG A 135 -26.03 16.24 41.06
C ARG A 135 -26.50 17.45 40.22
N ASN A 136 -25.78 17.76 39.18
CA ASN A 136 -26.09 18.94 38.37
C ASN A 136 -26.94 18.61 37.14
N LYS A 137 -27.19 17.32 36.91
CA LYS A 137 -27.92 16.84 35.73
C LYS A 137 -27.36 17.43 34.44
N VAL A 138 -26.06 17.33 34.27
CA VAL A 138 -25.39 17.75 33.05
C VAL A 138 -24.68 16.54 32.45
N VAL A 139 -24.44 16.59 31.15
CA VAL A 139 -23.67 15.61 30.45
C VAL A 139 -22.19 15.88 30.72
N VAL A 140 -21.48 14.83 31.17
CA VAL A 140 -20.06 14.88 31.39
C VAL A 140 -19.40 13.68 30.74
N THR A 141 -18.41 13.92 29.88
CA THR A 141 -17.80 12.82 29.15
C THR A 141 -16.31 13.02 28.90
N GLU A 142 -15.57 11.92 28.93
CA GLU A 142 -14.14 11.90 28.61
C GLU A 142 -13.99 11.84 27.09
N ALA A 143 -13.11 12.69 26.54
CA ALA A 143 -13.07 12.95 25.09
C ALA A 143 -12.38 11.90 24.21
N TYR A 144 -12.90 10.68 24.19
CA TYR A 144 -12.37 9.64 23.31
C TYR A 144 -12.97 9.75 21.90
N MSE A 145 -12.40 10.67 21.14
CA MSE A 145 -12.91 11.02 19.81
C MSE A 145 -13.00 9.79 18.94
O MSE A 145 -13.91 9.66 18.13
CB MSE A 145 -12.03 12.10 19.19
CG MSE A 145 -10.67 11.66 18.71
SE MSE A 145 -9.44 11.11 20.14
CE MSE A 145 -7.87 11.11 19.02
N ILE A 146 -12.05 8.86 19.09
CA ILE A 146 -12.04 7.63 18.26
C ILE A 146 -13.32 6.81 18.30
N THR A 147 -14.03 6.85 19.43
CA THR A 147 -15.24 6.07 19.56
C THR A 147 -16.39 6.63 18.71
N TYR A 148 -16.23 7.85 18.21
CA TYR A 148 -17.26 8.45 17.34
C TYR A 148 -16.86 8.34 15.86
N SER A 149 -15.72 7.70 15.59
CA SER A 149 -15.24 7.57 14.22
CA SER A 149 -15.22 7.58 14.22
C SER A 149 -15.90 6.40 13.50
N PRO A 150 -16.29 6.59 12.24
CA PRO A 150 -16.80 5.48 11.41
C PRO A 150 -15.83 4.30 11.30
N VAL A 151 -14.54 4.60 11.33
CA VAL A 151 -13.51 3.55 11.37
C VAL A 151 -13.76 2.61 12.55
N TRP A 152 -13.83 3.15 13.75
CA TRP A 152 -13.94 2.28 14.95
C TRP A 152 -15.33 1.67 15.08
N GLN A 153 -16.37 2.39 14.64
CA GLN A 153 -17.71 1.80 14.57
C GLN A 153 -17.72 0.60 13.61
N LYS A 154 -16.96 0.65 12.53
CA LYS A 154 -16.91 -0.44 11.58
C LYS A 154 -16.12 -1.63 12.17
N VAL A 155 -15.04 -1.37 12.87
CA VAL A 155 -14.28 -2.44 13.53
C VAL A 155 -15.24 -3.19 14.47
N ARG A 156 -15.92 -2.44 15.31
CA ARG A 156 -16.85 -3.00 16.27
C ARG A 156 -17.95 -3.81 15.58
N SER A 157 -18.59 -3.26 14.55
CA SER A 157 -19.68 -4.00 13.88
C SER A 157 -19.15 -5.26 13.15
N LEU A 158 -17.98 -5.18 12.54
CA LEU A 158 -17.43 -6.31 11.81
C LEU A 158 -17.13 -7.47 12.77
N ILE A 159 -16.53 -7.16 13.92
CA ILE A 159 -16.28 -8.17 14.92
C ILE A 159 -17.60 -8.76 15.40
N ASP A 160 -18.59 -7.90 15.62
CA ASP A 160 -19.90 -8.35 16.11
C ASP A 160 -20.65 -9.21 15.09
N GLU A 161 -20.44 -8.95 13.80
CA GLU A 161 -21.09 -9.69 12.74
C GLU A 161 -20.42 -11.04 12.42
N GLY A 162 -19.29 -11.32 13.04
CA GLY A 162 -18.57 -12.58 12.80
C GLY A 162 -17.55 -12.51 11.69
N ALA A 163 -17.23 -11.31 11.21
CA ALA A 163 -16.32 -11.18 10.07
C ALA A 163 -14.91 -11.73 10.31
N ILE A 164 -14.42 -11.78 11.55
CA ILE A 164 -13.12 -12.40 11.81
C ILE A 164 -13.22 -13.73 12.58
N GLY A 165 -14.42 -14.28 12.67
CA GLY A 165 -14.66 -15.49 13.48
C GLY A 165 -14.51 -15.12 14.95
N SER A 166 -13.88 -16.01 15.72
CA SER A 166 -13.63 -15.77 17.14
C SER A 166 -12.32 -14.99 17.31
N LEU A 167 -12.40 -13.86 17.99
CA LEU A 167 -11.26 -13.01 18.22
C LEU A 167 -10.31 -13.76 19.16
N ARG A 168 -9.03 -13.80 18.81
CA ARG A 168 -8.03 -14.48 19.61
C ARG A 168 -6.86 -13.60 20.07
N HIS A 169 -6.51 -12.59 19.30
CA HIS A 169 -5.42 -11.73 19.68
C HIS A 169 -5.60 -10.34 19.07
N VAL A 170 -5.31 -9.32 19.87
CA VAL A 170 -5.29 -7.95 19.44
C VAL A 170 -3.88 -7.48 19.67
N GLN A 171 -3.22 -7.06 18.60
CA GLN A 171 -1.84 -6.58 18.67
C GLN A 171 -1.75 -5.14 18.19
N GLY A 172 -0.99 -4.31 18.90
CA GLY A 172 -0.81 -2.91 18.46
C GLY A 172 0.33 -2.19 19.11
N ALA A 173 0.42 -0.90 18.81
CA ALA A 173 1.48 -0.07 19.27
C ALA A 173 1.07 1.41 19.14
N PHE A 174 1.60 2.22 20.03
CA PHE A 174 1.45 3.69 19.92
C PHE A 174 2.68 4.33 20.53
N THR A 175 3.53 4.88 19.66
CA THR A 175 4.73 5.52 20.08
C THR A 175 4.94 6.86 19.37
N TYR A 176 5.67 7.74 20.05
CA TYR A 176 6.23 8.92 19.44
C TYR A 176 7.48 9.34 20.17
N PHE A 177 8.17 10.36 19.65
CA PHE A 177 9.42 10.79 20.23
C PHE A 177 9.30 12.20 20.78
N ASN A 178 9.49 12.35 22.08
CA ASN A 178 9.57 13.68 22.71
C ASN A 178 10.50 13.66 23.93
N ARG A 179 11.57 14.44 23.90
CA ARG A 179 12.50 14.51 25.05
C ARG A 179 12.62 15.92 25.67
N ASP A 180 11.52 16.57 26.08
CA ASP A 180 11.68 17.77 26.97
C ASP A 180 10.62 18.08 28.05
N ALA A 181 11.09 18.39 29.26
CA ALA A 181 10.19 18.65 30.41
C ALA A 181 9.54 20.02 30.32
N GLY A 194 3.10 12.65 28.76
CA GLY A 194 3.28 11.46 29.59
C GLY A 194 2.87 10.17 28.89
N LEU A 195 3.30 9.05 29.47
CA LEU A 195 3.05 7.72 28.90
C LEU A 195 1.55 7.31 28.95
N PRO A 196 0.83 7.64 30.05
CA PRO A 196 -0.63 7.41 30.15
C PRO A 196 -1.44 8.03 29.01
N ASP A 197 -1.00 9.19 28.55
CA ASP A 197 -1.69 9.91 27.47
C ASP A 197 -1.77 9.10 26.16
N ILE A 198 -0.89 8.12 26.00
CA ILE A 198 -0.96 7.23 24.83
C ILE A 198 -1.34 5.79 25.21
N GLY A 199 -0.99 5.37 26.42
CA GLY A 199 -1.31 4.01 26.90
C GLY A 199 -2.81 3.74 26.96
N VAL A 200 -3.59 4.78 27.22
CA VAL A 200 -5.04 4.63 27.28
C VAL A 200 -5.69 4.22 25.96
N TYR A 201 -5.04 4.52 24.83
CA TYR A 201 -5.65 4.29 23.54
C TYR A 201 -5.78 2.82 23.08
N PRO A 202 -4.69 2.03 23.19
CA PRO A 202 -4.85 0.60 22.90
C PRO A 202 -5.88 -0.07 23.82
N VAL A 203 -5.96 0.39 25.07
CA VAL A 203 -6.91 -0.15 26.04
C VAL A 203 -8.36 0.23 25.68
N MSE A 204 -8.61 1.50 25.45
CA MSE A 204 -9.97 1.97 25.18
C MSE A 204 -10.48 1.48 23.86
O MSE A 204 -11.66 1.09 23.75
CB MSE A 204 -10.04 3.52 25.21
CG MSE A 204 -11.37 4.06 24.69
SE MSE A 204 -12.96 3.42 25.73
CE MSE A 204 -12.88 4.62 27.27
N SER A 205 -9.62 1.43 22.84
CA SER A 205 -10.06 0.97 21.54
C SER A 205 -10.41 -0.52 21.56
N THR A 206 -9.65 -1.31 22.31
CA THR A 206 -9.95 -2.75 22.46
C THR A 206 -11.23 -3.00 23.23
N ARG A 207 -11.41 -2.29 24.33
CA ARG A 207 -12.60 -2.41 25.14
C ARG A 207 -13.84 -1.98 24.36
N PHE A 208 -13.72 -0.89 23.60
CA PHE A 208 -14.82 -0.40 22.74
C PHE A 208 -15.17 -1.38 21.64
N SER A 209 -14.15 -1.90 20.97
CA SER A 209 -14.39 -2.79 19.83
C SER A 209 -14.97 -4.16 20.21
N THR A 210 -14.72 -4.60 21.43
CA THR A 210 -15.11 -5.96 21.87
C THR A 210 -16.21 -5.98 22.89
N GLY A 211 -16.37 -4.88 23.63
CA GLY A 211 -17.30 -4.86 24.72
C GLY A 211 -16.85 -5.63 25.94
N LYS A 212 -15.58 -6.05 25.99
CA LYS A 212 -15.08 -6.88 27.11
C LYS A 212 -14.10 -6.12 27.97
N GLU A 213 -13.84 -6.67 29.16
CA GLU A 213 -12.86 -6.11 30.10
C GLU A 213 -11.77 -7.13 30.35
N PRO A 214 -10.52 -6.65 30.54
CA PRO A 214 -9.47 -7.64 30.81
C PRO A 214 -9.53 -8.06 32.24
N LEU A 215 -9.10 -9.30 32.53
CA LEU A 215 -9.11 -9.84 33.87
C LEU A 215 -7.76 -9.68 34.54
N ARG A 216 -6.68 -9.72 33.76
CA ARG A 216 -5.35 -9.66 34.34
C ARG A 216 -4.31 -9.18 33.33
N ILE A 217 -3.19 -8.71 33.86
CA ILE A 217 -2.19 -7.95 33.10
C ILE A 217 -0.79 -8.41 33.47
N GLN A 218 0.07 -8.57 32.45
CA GLN A 218 1.51 -8.60 32.63
C GLN A 218 2.10 -7.37 31.95
N ALA A 219 2.98 -6.65 32.63
CA ALA A 219 3.59 -5.48 32.02
C ALA A 219 4.96 -5.20 32.55
N ASN A 220 5.72 -4.47 31.73
CA ASN A 220 7.08 -4.06 32.03
C ASN A 220 7.19 -2.62 31.61
N THR A 221 7.60 -1.75 32.53
CA THR A 221 7.68 -0.32 32.29
C THR A 221 9.10 0.15 32.58
N GLU A 222 9.61 1.05 31.74
CA GLU A 222 10.95 1.62 31.90
C GLU A 222 10.81 3.11 32.12
N ARG A 223 11.72 3.64 32.92
CA ARG A 223 11.73 5.05 33.29
C ARG A 223 12.94 5.77 32.70
N ASP A 224 12.82 7.09 32.53
CA ASP A 224 13.92 7.90 32.04
C ASP A 224 15.03 7.94 33.09
N PRO A 225 16.28 7.57 32.70
CA PRO A 225 17.40 7.57 33.65
C PRO A 225 17.53 8.87 34.46
N ASP A 226 17.29 10.01 33.82
CA ASP A 226 17.42 11.31 34.46
C ASP A 226 16.17 11.70 35.25
N PHE A 227 15.10 12.04 34.55
CA PHE A 227 13.92 12.61 35.19
C PHE A 227 12.96 11.60 35.80
N GLY A 228 13.26 10.31 35.64
CA GLY A 228 12.54 9.25 36.33
C GLY A 228 11.12 8.94 35.88
N THR A 229 10.58 9.66 34.90
CA THR A 229 9.21 9.39 34.42
C THR A 229 9.17 8.16 33.50
N ASP A 230 7.96 7.61 33.34
CA ASP A 230 7.77 6.42 32.52
C ASP A 230 7.82 6.77 31.03
N ILE A 231 8.69 6.11 30.27
CA ILE A 231 8.88 6.39 28.84
C ILE A 231 8.60 5.22 27.91
N TYR A 232 8.36 4.05 28.50
CA TYR A 232 8.14 2.84 27.73
C TYR A 232 7.37 1.84 28.57
N SER A 233 6.29 1.31 28.08
CA SER A 233 5.67 0.01 28.53
CA SER A 233 5.67 0.10 28.55
C SER A 233 5.19 -1.03 27.38
N SER A 234 5.54 -2.23 27.83
CA SER A 234 5.02 -3.36 27.07
C SER A 234 4.00 -4.10 27.94
N VAL A 235 2.84 -4.39 27.36
CA VAL A 235 1.68 -4.84 28.07
C VAL A 235 1.04 -6.07 27.39
N LYS A 236 0.64 -7.06 28.19
CA LYS A 236 -0.25 -8.13 27.73
C LYS A 236 -1.43 -8.21 28.67
N ALA A 237 -2.64 -8.17 28.11
CA ALA A 237 -3.86 -8.15 28.89
C ALA A 237 -4.69 -9.36 28.49
N ASP A 238 -5.09 -10.13 29.48
CA ASP A 238 -5.86 -11.34 29.26
C ASP A 238 -7.35 -11.02 29.35
N PHE A 239 -8.03 -11.12 28.22
CA PHE A 239 -9.48 -10.91 28.18
C PHE A 239 -10.21 -12.24 28.17
N ASP A 240 -9.53 -13.32 28.55
CA ASP A 240 -10.13 -14.64 28.68
C ASP A 240 -10.19 -15.34 27.32
N ASP A 241 -11.08 -14.88 26.45
CA ASP A 241 -11.21 -15.46 25.11
C ASP A 241 -10.08 -15.00 24.16
N PHE A 242 -9.46 -13.86 24.45
CA PHE A 242 -8.37 -13.35 23.63
C PHE A 242 -7.41 -12.55 24.50
N GLU A 243 -6.24 -12.29 23.94
CA GLU A 243 -5.25 -11.46 24.59
C GLU A 243 -5.02 -10.20 23.77
N LEU A 244 -4.76 -9.13 24.47
CA LEU A 244 -4.26 -7.88 23.90
C LEU A 244 -2.79 -7.72 24.22
N SER A 245 -1.95 -7.53 23.22
CA SER A 245 -0.55 -7.17 23.45
C SER A 245 -0.22 -5.87 22.75
N PHE A 246 0.52 -5.00 23.44
CA PHE A 246 0.95 -3.75 22.82
C PHE A 246 2.13 -3.14 23.55
N TYR A 247 2.74 -2.13 22.92
CA TYR A 247 3.70 -1.31 23.62
C TYR A 247 3.46 0.14 23.29
N VAL A 248 3.86 1.00 24.23
CA VAL A 248 3.82 2.45 24.07
C VAL A 248 5.13 3.04 24.52
N SER A 249 5.47 4.20 23.97
CA SER A 249 6.70 4.89 24.32
C SER A 249 6.64 6.34 23.90
N THR A 250 7.27 7.20 24.69
CA THR A 250 7.44 8.62 24.37
C THR A 250 8.85 8.89 23.84
N GLN A 251 9.64 7.84 23.63
CA GLN A 251 11.00 8.01 23.12
C GLN A 251 11.35 7.05 22.00
N MSE A 252 10.40 6.83 21.09
CA MSE A 252 10.64 5.96 19.93
C MSE A 252 10.07 6.62 18.70
O MSE A 252 9.26 7.53 18.79
CB MSE A 252 10.01 4.58 20.21
CG MSE A 252 10.76 3.81 21.31
SE MSE A 252 9.87 2.06 21.68
CE MSE A 252 10.24 1.25 19.94
N ALA A 253 10.50 6.14 17.54
CA ALA A 253 9.97 6.62 16.28
C ALA A 253 8.46 6.50 16.28
N ASN A 254 7.81 7.49 15.67
CA ASN A 254 6.37 7.53 15.60
C ASN A 254 5.82 6.28 14.95
N ARG A 255 4.86 5.68 15.59
CA ARG A 255 4.15 4.54 15.00
C ARG A 255 2.82 4.38 15.67
N GLN A 256 1.80 3.94 14.94
CA GLN A 256 0.54 3.53 15.52
C GLN A 256 -0.15 2.50 14.63
N ILE A 257 -0.68 1.47 15.25
CA ILE A 257 -1.36 0.38 14.57
C ILE A 257 -2.19 -0.42 15.59
N MSE A 258 -3.30 -1.00 15.11
CA MSE A 258 -4.07 -1.98 15.88
C MSE A 258 -4.56 -3.04 14.92
O MSE A 258 -5.05 -2.74 13.84
CB MSE A 258 -5.31 -1.40 16.54
CG MSE A 258 -5.03 -0.36 17.63
SE MSE A 258 -4.21 -1.22 19.21
CE MSE A 258 -5.81 -2.08 19.98
N VAL A 259 -4.41 -4.30 15.32
CA VAL A 259 -4.86 -5.45 14.51
C VAL A 259 -5.71 -6.35 15.40
N PHE A 260 -6.93 -6.65 14.96
CA PHE A 260 -7.85 -7.54 15.64
C PHE A 260 -7.88 -8.84 14.84
N HIS A 261 -7.34 -9.90 15.44
CA HIS A 261 -7.01 -11.13 14.73
C HIS A 261 -7.81 -12.30 15.26
N GLY A 262 -8.62 -12.90 14.38
CA GLY A 262 -9.46 -14.02 14.75
C GLY A 262 -9.19 -15.31 13.97
N THR A 263 -10.06 -16.27 14.21
CA THR A 263 -10.04 -17.53 13.52
C THR A 263 -10.31 -17.43 12.03
N ASN A 264 -11.17 -16.51 11.67
CA ASN A 264 -11.62 -16.33 10.34
C ASN A 264 -11.05 -15.21 9.51
N GLY A 265 -10.34 -14.33 10.14
CA GLY A 265 -9.81 -13.17 9.46
C GLY A 265 -9.06 -12.28 10.43
N TYR A 266 -8.59 -11.14 9.93
CA TYR A 266 -8.11 -10.09 10.78
C TYR A 266 -8.50 -8.69 10.24
N ILE A 267 -8.60 -7.76 11.16
CA ILE A 267 -8.88 -6.35 10.85
C ILE A 267 -7.66 -5.53 11.21
N GLU A 268 -7.07 -4.86 10.22
CA GLU A 268 -5.95 -3.97 10.43
C GLU A 268 -6.42 -2.52 10.31
N VAL A 269 -6.25 -1.77 11.40
CA VAL A 269 -6.61 -0.38 11.48
C VAL A 269 -5.36 0.44 11.19
N LYS A 270 -5.37 1.12 10.05
CA LYS A 270 -4.19 1.79 9.49
C LYS A 270 -3.77 3.06 10.26
N SER A 271 -4.76 3.79 10.73
CA SER A 271 -4.51 5.05 11.38
C SER A 271 -5.39 5.15 12.63
N PRO A 272 -5.13 4.29 13.63
CA PRO A 272 -6.10 4.05 14.69
C PRO A 272 -6.44 5.24 15.59
N PHE A 273 -5.45 6.06 15.91
CA PHE A 273 -5.63 7.02 16.98
C PHE A 273 -5.66 8.44 16.44
N ASN A 274 -4.61 8.87 15.74
CA ASN A 274 -4.61 10.24 15.20
C ASN A 274 -5.26 10.36 13.82
N ALA A 275 -5.75 9.24 13.29
CA ALA A 275 -6.56 9.20 12.09
C ALA A 275 -5.87 9.96 10.95
N ASN A 276 -6.53 10.96 10.36
CA ASN A 276 -5.99 11.71 9.23
C ASN A 276 -4.67 12.41 9.50
N ARG A 277 -4.49 12.77 10.74
CA ARG A 277 -3.15 13.16 11.04
CA ARG A 277 -3.17 13.21 11.09
C ARG A 277 -1.84 12.23 10.92
N TRP A 278 -2.28 10.97 10.98
CA TRP A 278 -1.29 9.90 10.80
C TRP A 278 -1.25 9.35 9.37
N GLY A 279 -2.42 9.06 8.81
CA GLY A 279 -2.48 8.36 7.52
C GLY A 279 -3.89 8.17 7.03
N PRO A 280 -4.09 7.23 6.10
CA PRO A 280 -5.44 7.01 5.60
C PRO A 280 -6.40 6.48 6.66
N GLU A 281 -7.62 6.99 6.60
CA GLU A 281 -8.68 6.59 7.52
C GLU A 281 -9.38 5.38 6.94
N GLU A 282 -8.76 4.21 7.13
CA GLU A 282 -9.27 3.02 6.50
C GLU A 282 -8.89 1.77 7.31
N ILE A 283 -9.61 0.70 7.06
CA ILE A 283 -9.30 -0.59 7.60
C ILE A 283 -9.23 -1.63 6.53
N GLU A 284 -8.43 -2.66 6.79
CA GLU A 284 -8.35 -3.81 5.94
C GLU A 284 -8.90 -5.00 6.70
N LEU A 285 -9.86 -5.70 6.07
CA LEU A 285 -10.37 -6.98 6.56
C LEU A 285 -9.81 -8.08 5.67
N ALA A 286 -8.95 -8.92 6.23
CA ALA A 286 -8.32 -9.99 5.48
C ALA A 286 -9.07 -11.27 5.81
N ASP A 287 -9.28 -12.15 4.84
CA ASP A 287 -9.95 -13.46 5.10
C ASP A 287 -8.96 -14.48 5.67
N ARG A 288 -9.51 -15.67 5.78
CA ARG A 288 -8.69 -16.63 6.45
CA ARG A 288 -8.68 -16.63 6.44
C ARG A 288 -7.23 -17.09 5.90
N SER A 289 -7.39 -17.15 4.57
CA SER A 289 -6.26 -17.51 3.73
C SER A 289 -5.39 -16.33 3.31
N HIS A 290 -5.92 -15.11 3.46
CA HIS A 290 -5.27 -13.92 2.96
C HIS A 290 -5.34 -13.77 1.44
N ASN A 291 -6.07 -14.64 0.74
CA ASN A 291 -6.19 -14.48 -0.72
C ASN A 291 -7.19 -13.41 -1.12
N GLU A 292 -7.94 -12.92 -0.16
CA GLU A 292 -8.83 -11.80 -0.42
C GLU A 292 -8.91 -10.90 0.79
N SER A 293 -8.87 -9.58 0.56
CA SER A 293 -9.13 -8.61 1.59
C SER A 293 -10.17 -7.62 1.09
N ARG A 294 -10.82 -6.96 2.03
CA ARG A 294 -11.69 -5.83 1.74
C ARG A 294 -11.11 -4.61 2.43
N ILE A 295 -11.12 -3.48 1.74
CA ILE A 295 -10.64 -2.21 2.28
C ILE A 295 -11.86 -1.36 2.43
N PHE A 296 -12.10 -0.90 3.65
CA PHE A 296 -13.17 0.04 3.90
C PHE A 296 -12.58 1.42 4.20
N ARG A 297 -12.99 2.45 3.46
CA ARG A 297 -12.40 3.78 3.57
C ARG A 297 -13.39 4.79 4.11
N PHE A 298 -12.90 5.66 4.96
CA PHE A 298 -13.73 6.65 5.63
C PHE A 298 -12.98 8.01 5.66
N GLN A 299 -12.48 8.40 4.50
CA GLN A 299 -11.68 9.63 4.37
C GLN A 299 -12.46 10.86 4.82
N ASP A 300 -11.75 11.77 5.50
CA ASP A 300 -12.29 13.04 5.95
C ASP A 300 -13.50 12.84 6.89
N SER A 301 -13.36 11.89 7.80
CA SER A 301 -14.32 11.58 8.83
C SER A 301 -14.48 12.68 9.85
N ARG A 302 -13.44 13.49 10.08
CA ARG A 302 -13.43 14.57 11.07
C ARG A 302 -13.91 14.09 12.44
N GLN A 303 -13.12 13.21 13.06
CA GLN A 303 -13.55 12.53 14.25
C GLN A 303 -13.79 13.49 15.44
N TYR A 304 -13.03 14.56 15.55
CA TYR A 304 -13.25 15.52 16.62
C TYR A 304 -14.59 16.24 16.43
N ARG A 305 -14.97 16.49 15.20
CA ARG A 305 -16.26 17.14 14.92
C ARG A 305 -17.38 16.15 15.27
N ARG A 306 -17.18 14.88 14.93
CA ARG A 306 -18.20 13.86 15.25
C ARG A 306 -18.37 13.74 16.76
N GLU A 307 -17.28 13.87 17.49
CA GLU A 307 -17.33 13.82 18.96
C GLU A 307 -18.23 14.90 19.56
N VAL A 308 -18.02 16.15 19.14
CA VAL A 308 -18.75 17.23 19.72
C VAL A 308 -20.18 17.25 19.21
N GLU A 309 -20.40 16.79 17.98
CA GLU A 309 -21.76 16.63 17.47
C GLU A 309 -22.55 15.57 18.26
N ALA A 310 -21.92 14.46 18.60
CA ALA A 310 -22.56 13.43 19.42
C ALA A 310 -22.88 13.97 20.80
N PHE A 311 -21.94 14.71 21.38
CA PHE A 311 -22.12 15.36 22.67
C PHE A 311 -23.31 16.36 22.67
N ALA A 312 -23.39 17.17 21.64
CA ALA A 312 -24.52 18.11 21.51
C ALA A 312 -25.86 17.39 21.39
N ARG A 313 -25.91 16.30 20.62
CA ARG A 313 -27.12 15.47 20.54
C ARG A 313 -27.45 14.86 21.90
N ALA A 314 -26.44 14.39 22.63
CA ALA A 314 -26.67 13.85 23.97
C ALA A 314 -27.25 14.91 24.92
N VAL A 315 -26.73 16.13 24.86
CA VAL A 315 -27.26 17.23 25.67
C VAL A 315 -28.72 17.48 25.32
N GLU A 316 -29.04 17.41 24.03
CA GLU A 316 -30.39 17.75 23.59
C GLU A 316 -31.44 16.65 23.81
N ASN A 317 -31.06 15.37 23.71
CA ASN A 317 -32.05 14.29 23.76
C ASN A 317 -31.85 13.21 24.84
N GLY A 318 -30.65 13.12 25.41
CA GLY A 318 -30.35 12.15 26.47
C GLY A 318 -30.22 10.68 26.06
N LYS A 319 -30.16 10.40 24.75
CA LYS A 319 -30.16 9.02 24.25
C LYS A 319 -28.91 8.65 23.42
N GLU A 320 -28.22 9.66 22.91
CA GLU A 320 -27.02 9.45 22.09
C GLU A 320 -25.92 8.67 22.86
N GLU A 321 -25.32 7.68 22.23
CA GLU A 321 -24.15 7.02 22.80
C GLU A 321 -23.02 8.05 22.96
N VAL A 322 -22.70 8.42 24.20
CA VAL A 322 -21.43 9.11 24.52
C VAL A 322 -20.71 8.33 25.59
N VAL A 323 -19.39 8.41 25.59
CA VAL A 323 -18.57 7.63 26.54
C VAL A 323 -19.01 7.97 27.98
N THR A 324 -19.48 6.96 28.72
CA THR A 324 -19.96 7.18 30.08
C THR A 324 -18.78 7.28 31.03
N LEU A 325 -18.98 8.01 32.12
CA LEU A 325 -17.95 8.08 33.17
C LEU A 325 -17.71 6.69 33.79
N GLU A 326 -18.74 5.87 33.82
CA GLU A 326 -18.62 4.52 34.33
C GLU A 326 -17.64 3.75 33.46
N ASN A 327 -17.76 3.95 32.16
CA ASN A 327 -16.83 3.36 31.22
C ASN A 327 -15.41 3.93 31.35
N SER A 328 -15.31 5.25 31.49
CA SER A 328 -14.03 5.87 31.82
C SER A 328 -13.37 5.23 33.05
N LYS A 329 -14.15 4.95 34.08
CA LYS A 329 -13.61 4.33 35.27
C LYS A 329 -13.11 2.91 35.03
N LEU A 330 -13.87 2.13 34.28
CA LEU A 330 -13.42 0.78 33.91
C LEU A 330 -12.10 0.84 33.13
N ASN A 331 -11.98 1.83 32.24
CA ASN A 331 -10.76 2.00 31.47
C ASN A 331 -9.58 2.31 32.38
N GLN A 332 -9.79 3.22 33.32
CA GLN A 332 -8.73 3.61 34.23
C GLN A 332 -8.33 2.46 35.15
N LYS A 333 -9.26 1.58 35.48
CA LYS A 333 -8.93 0.41 36.27
C LYS A 333 -7.87 -0.44 35.58
N VAL A 334 -7.93 -0.52 34.25
CA VAL A 334 -6.93 -1.25 33.49
C VAL A 334 -5.56 -0.57 33.60
N ILE A 335 -5.52 0.75 33.41
CA ILE A 335 -4.28 1.50 33.53
C ILE A 335 -3.66 1.34 34.93
N ASP A 336 -4.49 1.42 35.97
CA ASP A 336 -4.03 1.26 37.34
C ASP A 336 -3.43 -0.16 37.52
N ALA A 337 -4.05 -1.16 36.93
CA ALA A 337 -3.53 -2.54 36.98
C ALA A 337 -2.20 -2.66 36.23
N ILE A 338 -2.04 -1.89 35.14
CA ILE A 338 -0.77 -1.86 34.41
C ILE A 338 0.35 -1.28 35.29
N TYR A 339 0.09 -0.20 36.02
CA TYR A 339 1.08 0.29 37.00
C TYR A 339 1.45 -0.79 38.02
N ARG A 340 0.44 -1.46 38.58
CA ARG A 340 0.70 -2.47 39.60
C ARG A 340 1.48 -3.65 39.02
N ALA A 341 1.09 -4.08 37.83
CA ALA A 341 1.80 -5.18 37.16
C ALA A 341 3.27 -4.86 36.90
N SER A 342 3.55 -3.60 36.59
CA SER A 342 4.93 -3.17 36.33
C SER A 342 5.86 -3.27 37.52
N GLU A 343 5.30 -3.45 38.71
CA GLU A 343 6.08 -3.65 39.92
C GLU A 343 6.24 -5.12 40.30
N LYS A 344 5.77 -6.04 39.49
CA LYS A 344 5.87 -7.46 39.83
C LYS A 344 6.19 -8.38 38.67
N ASP A 345 6.65 -9.58 38.99
CA ASP A 345 7.12 -10.55 38.05
C ASP A 345 6.11 -11.20 37.10
N GLY A 346 4.88 -11.33 37.53
CA GLY A 346 3.86 -12.13 36.83
C GLY A 346 2.57 -11.39 36.59
N TRP A 347 1.47 -12.15 36.52
CA TRP A 347 0.14 -11.58 36.27
C TRP A 347 -0.34 -10.77 37.47
N GLU A 348 -1.07 -9.71 37.17
CA GLU A 348 -1.75 -8.89 38.17
C GLU A 348 -3.23 -8.81 37.82
N ALA A 349 -4.09 -9.14 38.78
CA ALA A 349 -5.53 -9.10 38.54
C ALA A 349 -5.97 -7.66 38.38
N VAL A 350 -6.90 -7.39 37.47
CA VAL A 350 -7.42 -6.05 37.23
C VAL A 350 -8.42 -5.66 38.33
N SER B 22 -4.14 41.30 13.16
CA SER B 22 -5.44 41.72 12.56
C SER B 22 -5.85 40.75 11.43
N MSE B 23 -7.07 40.22 11.53
CA MSE B 23 -7.55 39.19 10.60
C MSE B 23 -8.13 39.79 9.34
O MSE B 23 -8.92 40.74 9.42
CB MSE B 23 -8.68 38.36 11.23
CG MSE B 23 -8.34 37.72 12.58
SE MSE B 23 -6.90 36.38 12.38
CE MSE B 23 -5.67 37.13 13.73
N LEU B 24 -7.79 39.23 8.19
CA LEU B 24 -8.50 39.55 6.95
C LEU B 24 -9.93 39.00 7.06
N ARG B 25 -10.90 39.87 6.82
CA ARG B 25 -12.30 39.52 7.01
C ARG B 25 -12.94 39.11 5.68
N PHE B 26 -13.44 37.88 5.65
CA PHE B 26 -14.04 37.29 4.45
C PHE B 26 -15.56 37.37 4.49
N GLY B 27 -16.15 37.69 3.33
CA GLY B 27 -17.57 37.50 3.08
C GLY B 27 -17.75 36.36 2.10
N ILE B 28 -18.79 35.56 2.28
CA ILE B 28 -19.06 34.43 1.41
C ILE B 28 -20.26 34.74 0.52
N ILE B 29 -20.06 34.66 -0.79
CA ILE B 29 -21.15 34.86 -1.72
C ILE B 29 -21.86 33.53 -1.98
N SER B 30 -23.03 33.36 -1.37
CA SER B 30 -23.90 32.17 -1.46
C SER B 30 -23.51 31.09 -0.47
N THR B 31 -24.46 30.18 -0.22
CA THR B 31 -24.28 29.08 0.69
C THR B 31 -23.92 27.79 -0.07
N ALA B 32 -23.16 27.91 -1.14
CA ALA B 32 -22.86 26.78 -1.97
C ALA B 32 -22.06 25.74 -1.16
N LYS B 33 -22.19 24.49 -1.58
CA LYS B 33 -21.72 23.32 -0.84
C LYS B 33 -20.21 23.32 -0.66
N ILE B 34 -19.48 23.73 -1.69
CA ILE B 34 -18.02 23.80 -1.62
C ILE B 34 -17.57 24.74 -0.48
N GLY B 35 -18.32 25.82 -0.29
CA GLY B 35 -18.06 26.71 0.82
C GLY B 35 -18.36 26.05 2.16
N ARG B 36 -19.55 25.46 2.28
CA ARG B 36 -20.01 24.86 3.52
C ARG B 36 -19.08 23.68 3.99
N ASP B 37 -18.64 22.87 3.02
CA ASP B 37 -17.95 21.61 3.33
C ASP B 37 -16.45 21.78 3.49
N ASN B 38 -15.87 22.81 2.89
CA ASN B 38 -14.42 22.94 2.84
C ASN B 38 -13.87 24.32 3.18
N VAL B 39 -14.29 25.34 2.45
CA VAL B 39 -13.60 26.63 2.52
C VAL B 39 -13.97 27.44 3.76
N VAL B 40 -15.25 27.47 4.12
CA VAL B 40 -15.66 28.25 5.26
C VAL B 40 -15.04 27.78 6.55
N PRO B 41 -15.07 26.45 6.80
CA PRO B 41 -14.42 26.03 8.02
C PRO B 41 -12.92 26.26 7.97
N ALA B 42 -12.32 26.18 6.79
CA ALA B 42 -10.89 26.41 6.66
C ALA B 42 -10.53 27.85 6.97
N ILE B 43 -11.36 28.80 6.55
CA ILE B 43 -11.11 30.18 6.88
C ILE B 43 -11.17 30.37 8.40
N GLN B 44 -12.15 29.75 9.05
CA GLN B 44 -12.27 29.94 10.50
C GLN B 44 -11.03 29.34 11.17
N ASP B 45 -10.54 28.23 10.63
CA ASP B 45 -9.32 27.57 11.18
C ASP B 45 -8.06 28.40 10.91
N ALA B 46 -8.07 29.15 9.82
CA ALA B 46 -6.88 29.85 9.33
C ALA B 46 -6.37 30.90 10.33
N GLU B 47 -5.05 31.10 10.34
CA GLU B 47 -4.41 31.95 11.36
C GLU B 47 -4.58 33.43 11.13
N ASN B 48 -4.75 33.83 9.88
CA ASN B 48 -4.71 35.27 9.54
C ASN B 48 -5.96 35.73 8.82
N CYS B 49 -7.00 34.90 8.82
CA CYS B 49 -8.31 35.38 8.40
C CYS B 49 -9.48 34.75 9.14
N VAL B 50 -10.67 35.25 8.84
CA VAL B 50 -11.86 34.89 9.53
C VAL B 50 -13.05 35.22 8.63
N VAL B 51 -14.16 34.50 8.77
CA VAL B 51 -15.38 34.86 8.03
C VAL B 51 -16.26 35.76 8.89
N THR B 52 -16.57 36.97 8.42
CA THR B 52 -17.43 37.87 9.14
C THR B 52 -18.86 37.95 8.58
N ALA B 53 -19.07 37.51 7.33
CA ALA B 53 -20.37 37.60 6.72
C ALA B 53 -20.64 36.51 5.69
N ILE B 54 -21.91 36.14 5.60
CA ILE B 54 -22.41 35.25 4.56
C ILE B 54 -23.62 35.94 3.91
N ALA B 55 -23.70 35.84 2.59
CA ALA B 55 -24.77 36.50 1.83
C ALA B 55 -25.47 35.47 0.96
N SER B 56 -26.78 35.57 0.91
CA SER B 56 -27.58 34.72 0.04
C SER B 56 -28.85 35.46 -0.31
N ARG B 57 -29.42 35.15 -1.46
CA ARG B 57 -30.77 35.63 -1.81
C ARG B 57 -31.80 35.17 -0.79
N ASP B 58 -31.52 34.05 -0.13
CA ASP B 58 -32.36 33.51 0.94
C ASP B 58 -31.68 33.83 2.27
N LEU B 59 -32.13 34.91 2.91
CA LEU B 59 -31.54 35.37 4.16
C LEU B 59 -31.54 34.28 5.25
N THR B 60 -32.61 33.49 5.30
CA THR B 60 -32.75 32.44 6.29
C THR B 60 -31.62 31.42 6.16
N ARG B 61 -31.28 31.06 4.94
CA ARG B 61 -30.19 30.15 4.66
C ARG B 61 -28.85 30.72 5.07
N ALA B 62 -28.64 31.99 4.79
CA ALA B 62 -27.42 32.68 5.16
C ALA B 62 -27.23 32.71 6.69
N ARG B 63 -28.31 33.03 7.40
CA ARG B 63 -28.32 33.12 8.85
C ARG B 63 -28.05 31.75 9.50
N GLU B 64 -28.62 30.69 8.93
CA GLU B 64 -28.40 29.33 9.40
C GLU B 64 -26.94 28.89 9.26
N MSE B 65 -26.33 29.14 8.12
CA MSE B 65 -24.93 28.88 7.91
C MSE B 65 -24.05 29.70 8.77
O MSE B 65 -23.10 29.19 9.33
CB MSE B 65 -24.63 29.11 6.46
CG MSE B 65 -23.16 28.99 6.10
SE MSE B 65 -22.81 28.70 4.19
CE MSE B 65 -21.36 29.92 4.09
N ALA B 66 -24.35 30.98 8.91
CA ALA B 66 -23.61 31.87 9.80
C ALA B 66 -23.63 31.40 11.24
N ASP B 67 -24.81 30.99 11.72
CA ASP B 67 -24.94 30.52 13.08
C ASP B 67 -24.08 29.28 13.29
N ARG B 68 -24.07 28.37 12.33
CA ARG B 68 -23.28 27.14 12.44
C ARG B 68 -21.79 27.39 12.61
N PHE B 69 -21.27 28.32 11.84
CA PHE B 69 -19.83 28.53 11.70
C PHE B 69 -19.30 29.71 12.51
N SER B 70 -20.12 30.27 13.40
CA SER B 70 -19.73 31.37 14.28
C SER B 70 -19.47 32.68 13.53
N VAL B 71 -20.31 32.95 12.54
CA VAL B 71 -20.14 34.14 11.69
C VAL B 71 -21.12 35.22 12.13
N PRO B 72 -20.63 36.43 12.42
CA PRO B 72 -21.49 37.45 13.05
C PRO B 72 -22.55 38.04 12.15
N HIS B 73 -22.31 38.12 10.84
CA HIS B 73 -23.24 38.81 9.96
C HIS B 73 -23.79 37.91 8.86
N ALA B 74 -25.07 38.09 8.58
CA ALA B 74 -25.75 37.46 7.46
C ALA B 74 -26.45 38.55 6.64
N PHE B 75 -26.32 38.52 5.31
CA PHE B 75 -26.96 39.51 4.43
C PHE B 75 -27.93 38.83 3.46
N GLY B 76 -28.97 39.56 3.08
CA GLY B 76 -30.02 39.05 2.17
C GLY B 76 -29.77 39.29 0.70
N SER B 77 -28.62 39.88 0.37
CA SER B 77 -28.22 40.08 -1.01
C SER B 77 -26.72 40.26 -1.10
N TYR B 78 -26.16 39.94 -2.27
CA TYR B 78 -24.73 40.06 -2.45
C TYR B 78 -24.33 41.53 -2.42
N GLU B 79 -25.17 42.38 -3.03
CA GLU B 79 -24.88 43.80 -3.19
C GLU B 79 -24.73 44.45 -1.83
N GLU B 80 -25.60 44.10 -0.90
CA GLU B 80 -25.57 44.70 0.41
C GLU B 80 -24.28 44.36 1.15
N MSE B 81 -23.86 43.09 1.10
CA MSE B 81 -22.57 42.69 1.68
C MSE B 81 -21.40 43.42 1.02
O MSE B 81 -20.50 43.90 1.72
CB MSE B 81 -22.36 41.17 1.58
CG MSE B 81 -21.10 40.76 2.32
SE MSE B 81 -20.95 38.79 2.37
CE MSE B 81 -20.43 38.46 0.49
N LEU B 82 -21.38 43.51 -0.31
CA LEU B 82 -20.30 44.23 -0.98
C LEU B 82 -20.20 45.71 -0.57
N ALA B 83 -21.33 46.34 -0.30
CA ALA B 83 -21.36 47.74 0.12
C ALA B 83 -20.93 47.93 1.58
N SER B 84 -20.92 46.85 2.35
CA SER B 84 -20.63 46.93 3.77
C SER B 84 -19.13 47.10 4.02
N ASP B 85 -18.78 47.67 5.17
CA ASP B 85 -17.39 47.71 5.63
C ASP B 85 -17.01 46.58 6.63
N VAL B 86 -17.90 45.59 6.81
CA VAL B 86 -17.59 44.47 7.73
C VAL B 86 -16.74 43.36 7.07
N ILE B 87 -16.53 43.43 5.75
CA ILE B 87 -15.64 42.49 5.04
C ILE B 87 -14.53 43.23 4.29
N ASP B 88 -13.37 42.58 4.16
CA ASP B 88 -12.25 43.07 3.34
C ASP B 88 -12.11 42.29 2.03
N ALA B 89 -12.72 41.12 1.97
CA ALA B 89 -12.50 40.17 0.88
C ALA B 89 -13.71 39.26 0.73
N VAL B 90 -13.87 38.70 -0.46
CA VAL B 90 -14.95 37.77 -0.68
C VAL B 90 -14.42 36.47 -1.24
N TYR B 91 -15.15 35.41 -0.93
CA TYR B 91 -14.96 34.11 -1.53
C TYR B 91 -16.21 33.85 -2.37
N ILE B 92 -16.00 33.38 -3.60
CA ILE B 92 -17.07 33.21 -4.58
C ILE B 92 -17.13 31.76 -5.09
N PRO B 93 -18.01 30.93 -4.48
CA PRO B 93 -18.21 29.56 -4.90
C PRO B 93 -19.46 29.39 -5.75
N LEU B 94 -19.82 30.44 -6.48
CA LEU B 94 -20.96 30.39 -7.39
C LEU B 94 -20.62 29.54 -8.59
N PRO B 95 -21.65 29.15 -9.36
CA PRO B 95 -21.38 28.46 -10.65
C PRO B 95 -20.53 29.33 -11.58
N THR B 96 -19.73 28.67 -12.42
CA THR B 96 -18.81 29.32 -13.35
C THR B 96 -19.44 30.47 -14.11
N SER B 97 -20.66 30.28 -14.60
CA SER B 97 -21.36 31.31 -15.37
C SER B 97 -21.57 32.62 -14.60
N GLN B 98 -21.42 32.60 -13.28
CA GLN B 98 -21.58 33.79 -12.46
C GLN B 98 -20.28 34.37 -11.90
N HIS B 99 -19.15 33.72 -12.17
CA HIS B 99 -17.86 34.13 -11.63
C HIS B 99 -17.42 35.51 -12.08
N ILE B 100 -17.49 35.78 -13.38
CA ILE B 100 -16.98 37.04 -13.91
C ILE B 100 -17.75 38.20 -13.30
N GLU B 101 -19.08 38.12 -13.36
CA GLU B 101 -19.93 39.20 -12.89
C GLU B 101 -19.58 39.59 -11.47
N TRP B 102 -19.46 38.61 -10.60
CA TRP B 102 -19.34 38.90 -9.17
C TRP B 102 -17.90 39.16 -8.73
N SER B 103 -16.93 38.56 -9.42
CA SER B 103 -15.54 38.94 -9.22
C SER B 103 -15.33 40.44 -9.50
N ILE B 104 -15.91 40.91 -10.60
CA ILE B 104 -15.78 42.33 -11.01
C ILE B 104 -16.51 43.27 -10.07
N LYS B 105 -17.75 42.94 -9.72
CA LYS B 105 -18.50 43.75 -8.77
C LYS B 105 -17.81 43.81 -7.40
N ALA B 106 -17.24 42.70 -6.95
CA ALA B 106 -16.55 42.69 -5.68
C ALA B 106 -15.34 43.64 -5.70
N ALA B 107 -14.54 43.55 -6.76
CA ALA B 107 -13.37 44.40 -6.91
C ALA B 107 -13.77 45.87 -7.04
N ASP B 108 -14.82 46.16 -7.81
CA ASP B 108 -15.31 47.53 -7.94
C ASP B 108 -15.83 48.05 -6.60
N ALA B 109 -16.19 47.15 -5.69
CA ALA B 109 -16.59 47.55 -4.33
C ALA B 109 -15.39 47.62 -3.40
N GLY B 110 -14.19 47.44 -3.95
CA GLY B 110 -12.97 47.55 -3.16
C GLY B 110 -12.60 46.29 -2.37
N LYS B 111 -13.18 45.15 -2.70
CA LYS B 111 -12.88 43.90 -1.99
C LYS B 111 -11.91 43.06 -2.76
N HIS B 112 -11.03 42.35 -2.04
CA HIS B 112 -10.17 41.35 -2.63
C HIS B 112 -11.01 40.10 -2.90
N VAL B 113 -10.61 39.31 -3.88
CA VAL B 113 -11.44 38.26 -4.41
C VAL B 113 -10.68 36.90 -4.49
N VAL B 114 -11.29 35.90 -3.89
CA VAL B 114 -10.92 34.51 -4.16
C VAL B 114 -12.10 33.92 -4.89
N CYS B 115 -11.92 33.61 -6.17
CA CYS B 115 -12.99 33.04 -6.99
C CYS B 115 -12.71 31.57 -7.29
N GLU B 116 -13.75 30.75 -7.15
CA GLU B 116 -13.55 29.31 -7.43
C GLU B 116 -13.23 29.06 -8.89
N LYS B 117 -12.55 27.95 -9.12
CA LYS B 117 -12.25 27.45 -10.44
C LYS B 117 -13.49 26.77 -11.01
N PRO B 118 -13.57 26.64 -12.33
CA PRO B 118 -12.79 27.43 -13.26
C PRO B 118 -13.29 28.88 -13.25
N LEU B 119 -12.39 29.83 -13.42
CA LEU B 119 -12.73 31.24 -13.33
C LEU B 119 -13.71 31.61 -14.44
N ALA B 120 -13.45 31.14 -15.66
CA ALA B 120 -14.20 31.54 -16.81
C ALA B 120 -14.51 30.38 -17.76
N LEU B 121 -15.42 30.65 -18.68
CA LEU B 121 -15.81 29.70 -19.73
C LEU B 121 -14.89 29.76 -20.96
N LYS B 122 -14.29 30.93 -21.18
CA LYS B 122 -13.38 31.19 -22.29
C LYS B 122 -12.22 32.06 -21.80
N ALA B 123 -11.02 31.86 -22.34
CA ALA B 123 -9.84 32.59 -21.87
C ALA B 123 -10.01 34.10 -21.98
N GLY B 124 -10.56 34.55 -23.10
CA GLY B 124 -10.77 35.97 -23.38
C GLY B 124 -11.60 36.69 -22.33
N ASP B 125 -12.49 35.95 -21.64
CA ASP B 125 -13.34 36.53 -20.59
C ASP B 125 -12.55 37.06 -19.39
N ILE B 126 -11.32 36.56 -19.21
CA ILE B 126 -10.50 36.92 -18.06
C ILE B 126 -9.92 38.35 -18.17
N ASP B 127 -9.84 38.91 -19.38
CA ASP B 127 -9.30 40.27 -19.55
C ASP B 127 -10.07 41.31 -18.71
N ALA B 128 -11.39 41.19 -18.65
CA ALA B 128 -12.19 42.11 -17.85
C ALA B 128 -11.97 41.95 -16.34
N VAL B 129 -11.59 40.74 -15.91
CA VAL B 129 -11.28 40.54 -14.50
C VAL B 129 -9.94 41.17 -14.20
N ILE B 130 -8.99 41.02 -15.12
CA ILE B 130 -7.66 41.66 -14.97
C ILE B 130 -7.82 43.17 -14.88
N ALA B 131 -8.69 43.73 -15.71
CA ALA B 131 -8.93 45.16 -15.69
C ALA B 131 -9.49 45.57 -14.33
N ALA B 132 -10.35 44.72 -13.74
CA ALA B 132 -10.95 45.06 -12.46
C ALA B 132 -9.95 44.99 -11.32
N ARG B 133 -9.05 44.00 -11.39
CA ARG B 133 -7.99 43.86 -10.42
C ARG B 133 -7.12 45.09 -10.39
N ASP B 134 -6.63 45.47 -11.57
CA ASP B 134 -5.68 46.57 -11.70
C ASP B 134 -6.29 47.94 -11.41
N ARG B 135 -7.52 48.13 -11.84
CA ARG B 135 -8.27 49.37 -11.63
C ARG B 135 -8.53 49.62 -10.16
N ASN B 136 -8.84 48.57 -9.43
CA ASN B 136 -9.21 48.71 -8.02
C ASN B 136 -8.06 48.46 -7.06
N LYS B 137 -6.92 48.06 -7.60
CA LYS B 137 -5.74 47.67 -6.81
C LYS B 137 -6.11 46.72 -5.68
N VAL B 138 -6.82 45.65 -6.04
CA VAL B 138 -7.10 44.55 -5.10
C VAL B 138 -6.51 43.26 -5.64
N VAL B 139 -6.26 42.32 -4.72
CA VAL B 139 -5.82 40.98 -5.06
C VAL B 139 -7.02 40.22 -5.56
N VAL B 140 -6.90 39.63 -6.75
CA VAL B 140 -7.92 38.76 -7.33
C VAL B 140 -7.28 37.47 -7.81
N THR B 141 -7.77 36.33 -7.34
CA THR B 141 -7.14 35.05 -7.67
C THR B 141 -8.14 33.90 -7.83
N GLU B 142 -7.84 32.99 -8.75
CA GLU B 142 -8.62 31.76 -8.95
C GLU B 142 -8.19 30.73 -7.92
N ALA B 143 -9.16 30.07 -7.28
CA ALA B 143 -8.90 29.23 -6.11
C ALA B 143 -8.30 27.82 -6.34
N TYR B 144 -7.11 27.74 -6.91
CA TYR B 144 -6.42 26.45 -7.07
C TYR B 144 -5.68 26.08 -5.79
N MSE B 145 -6.45 25.57 -4.85
CA MSE B 145 -5.95 25.18 -3.53
C MSE B 145 -4.76 24.26 -3.62
O MSE B 145 -3.81 24.38 -2.81
CB MSE B 145 -7.08 24.58 -2.69
CG MSE B 145 -7.46 23.16 -3.05
SE MSE B 145 -8.31 22.96 -4.80
CE MSE B 145 -8.93 21.14 -4.48
N ILE B 146 -4.74 23.37 -4.59
CA ILE B 146 -3.62 22.40 -4.73
C ILE B 146 -2.23 23.05 -4.87
N THR B 147 -2.18 24.26 -5.43
CA THR B 147 -0.89 24.93 -5.63
C THR B 147 -0.30 25.44 -4.31
N TYR B 148 -1.11 25.47 -3.25
CA TYR B 148 -0.60 25.84 -1.93
C TYR B 148 -0.29 24.62 -1.03
N SER B 149 -0.46 23.42 -1.57
CA SER B 149 -0.24 22.18 -0.82
CA SER B 149 -0.22 22.19 -0.81
C SER B 149 1.25 21.82 -0.80
N PRO B 150 1.76 21.38 0.36
CA PRO B 150 3.13 20.83 0.43
C PRO B 150 3.39 19.68 -0.52
N VAL B 151 2.37 18.88 -0.77
CA VAL B 151 2.44 17.81 -1.77
C VAL B 151 2.86 18.34 -3.11
N TRP B 152 2.14 19.34 -3.64
CA TRP B 152 2.47 19.84 -4.97
C TRP B 152 3.73 20.71 -5.01
N GLN B 153 4.02 21.42 -3.94
CA GLN B 153 5.30 22.10 -3.83
C GLN B 153 6.47 21.10 -3.82
N LYS B 154 6.28 19.92 -3.25
CA LYS B 154 7.33 18.90 -3.26
C LYS B 154 7.48 18.27 -4.65
N VAL B 155 6.38 18.04 -5.37
CA VAL B 155 6.47 17.55 -6.75
C VAL B 155 7.32 18.49 -7.58
N ARG B 156 6.94 19.78 -7.52
CA ARG B 156 7.64 20.78 -8.26
C ARG B 156 9.13 20.86 -7.91
N SER B 157 9.48 20.88 -6.62
CA SER B 157 10.89 20.97 -6.24
C SER B 157 11.68 19.71 -6.63
N LEU B 158 11.08 18.55 -6.50
CA LEU B 158 11.76 17.31 -6.86
C LEU B 158 12.09 17.28 -8.34
N ILE B 159 11.13 17.69 -9.17
CA ILE B 159 11.36 17.72 -10.62
C ILE B 159 12.45 18.75 -10.92
N ASP B 160 12.40 19.89 -10.25
CA ASP B 160 13.37 20.95 -10.46
C ASP B 160 14.79 20.55 -10.01
N GLU B 161 14.87 19.71 -8.99
CA GLU B 161 16.16 19.24 -8.46
C GLU B 161 16.77 18.11 -9.26
N GLY B 162 16.05 17.60 -10.26
CA GLY B 162 16.58 16.49 -11.06
C GLY B 162 16.24 15.11 -10.53
N ALA B 163 15.32 15.00 -9.59
CA ALA B 163 15.02 13.73 -8.94
C ALA B 163 14.46 12.67 -9.88
N ILE B 164 13.81 13.07 -10.97
CA ILE B 164 13.34 12.08 -11.96
C ILE B 164 14.08 12.16 -13.29
N GLY B 165 15.22 12.84 -13.30
CA GLY B 165 15.97 13.06 -14.54
C GLY B 165 15.12 13.98 -15.43
N SER B 166 15.12 13.69 -16.74
CA SER B 166 14.32 14.46 -17.68
C SER B 166 12.90 13.95 -17.72
N LEU B 167 11.94 14.84 -17.50
CA LEU B 167 10.52 14.47 -17.52
C LEU B 167 10.16 14.11 -18.95
N ARG B 168 9.49 12.97 -19.15
CA ARG B 168 9.09 12.53 -20.49
C ARG B 168 7.60 12.31 -20.67
N HIS B 169 6.91 11.97 -19.59
CA HIS B 169 5.49 11.71 -19.68
C HIS B 169 4.81 11.96 -18.36
N VAL B 170 3.64 12.61 -18.42
CA VAL B 170 2.80 12.79 -17.25
C VAL B 170 1.49 12.09 -17.57
N GLN B 171 1.11 11.13 -16.74
CA GLN B 171 -0.12 10.38 -16.95
C GLN B 171 -1.04 10.54 -15.76
N GLY B 172 -2.32 10.71 -16.01
CA GLY B 172 -3.27 10.78 -14.91
C GLY B 172 -4.73 10.64 -15.29
N ALA B 173 -5.58 10.88 -14.30
CA ALA B 173 -7.02 10.70 -14.47
C ALA B 173 -7.76 11.41 -13.35
N PHE B 174 -8.96 11.86 -13.65
CA PHE B 174 -9.83 12.42 -12.65
C PHE B 174 -11.26 12.16 -13.07
N THR B 175 -11.93 11.27 -12.35
CA THR B 175 -13.27 10.86 -12.66
C THR B 175 -14.12 10.75 -11.41
N TYR B 176 -15.42 10.97 -11.59
CA TYR B 176 -16.41 10.63 -10.58
C TYR B 176 -17.74 10.34 -11.27
N PHE B 177 -18.71 9.87 -10.50
CA PHE B 177 -19.99 9.49 -11.05
C PHE B 177 -21.08 10.42 -10.54
N ASN B 178 -21.74 11.14 -11.45
CA ASN B 178 -22.92 11.95 -11.11
C ASN B 178 -23.89 12.02 -12.30
N ARG B 179 -25.12 11.51 -12.11
CA ARG B 179 -26.16 11.48 -13.16
C ARG B 179 -27.40 12.36 -12.89
N ASP B 180 -27.28 13.33 -11.98
CA ASP B 180 -28.36 14.18 -11.53
C ASP B 180 -27.93 15.63 -11.75
N GLY B 194 -19.93 20.93 -16.44
CA GLY B 194 -19.55 19.88 -15.46
C GLY B 194 -18.17 19.25 -15.62
N LEU B 195 -17.83 18.87 -16.86
CA LEU B 195 -16.55 18.23 -17.17
C LEU B 195 -15.32 19.18 -16.99
N PRO B 196 -15.45 20.49 -17.37
CA PRO B 196 -14.40 21.50 -17.11
C PRO B 196 -13.99 21.59 -15.63
N ASP B 197 -14.95 21.40 -14.72
CA ASP B 197 -14.68 21.49 -13.29
C ASP B 197 -13.64 20.46 -12.82
N ILE B 198 -13.45 19.37 -13.56
CA ILE B 198 -12.40 18.40 -13.26
C ILE B 198 -11.25 18.39 -14.28
N GLY B 199 -11.54 18.74 -15.53
CA GLY B 199 -10.53 18.78 -16.60
C GLY B 199 -9.42 19.79 -16.32
N VAL B 200 -9.76 20.87 -15.64
CA VAL B 200 -8.77 21.89 -15.30
C VAL B 200 -7.65 21.39 -14.40
N TYR B 201 -7.89 20.33 -13.63
CA TYR B 201 -6.94 19.89 -12.61
C TYR B 201 -5.66 19.17 -13.13
N PRO B 202 -5.82 18.18 -14.02
CA PRO B 202 -4.62 17.63 -14.66
C PRO B 202 -3.81 18.68 -15.40
N VAL B 203 -4.48 19.67 -15.99
CA VAL B 203 -3.80 20.73 -16.72
C VAL B 203 -3.04 21.68 -15.77
N MSE B 204 -3.72 22.18 -14.75
CA MSE B 204 -3.09 23.14 -13.82
C MSE B 204 -1.98 22.50 -13.05
O MSE B 204 -0.96 23.15 -12.81
CB MSE B 204 -4.15 23.74 -12.89
CG MSE B 204 -3.53 24.57 -11.77
SE MSE B 204 -2.41 26.10 -12.41
CE MSE B 204 -3.81 27.43 -12.82
N SER B 205 -2.18 21.25 -12.61
CA SER B 205 -1.14 20.59 -11.78
C SER B 205 0.13 20.31 -12.58
N THR B 206 -0.02 19.97 -13.86
CA THR B 206 1.13 19.76 -14.75
C THR B 206 1.85 21.07 -15.04
N ARG B 207 1.09 22.13 -15.35
CA ARG B 207 1.68 23.42 -15.64
C ARG B 207 2.42 23.95 -14.41
N PHE B 208 1.81 23.80 -13.24
CA PHE B 208 2.41 24.23 -11.98
C PHE B 208 3.69 23.45 -11.68
N SER B 209 3.64 22.14 -11.82
CA SER B 209 4.78 21.30 -11.47
C SER B 209 5.99 21.46 -12.39
N THR B 210 5.74 21.87 -13.64
CA THR B 210 6.79 21.94 -14.66
C THR B 210 7.19 23.35 -15.05
N GLY B 211 6.30 24.31 -14.85
CA GLY B 211 6.51 25.65 -15.36
C GLY B 211 6.43 25.76 -16.88
N LYS B 212 5.89 24.75 -17.56
CA LYS B 212 5.80 24.76 -19.02
C LYS B 212 4.34 24.88 -19.50
N GLU B 213 4.19 25.24 -20.77
CA GLU B 213 2.88 25.31 -21.41
C GLU B 213 2.81 24.31 -22.55
N PRO B 214 1.66 23.68 -22.76
CA PRO B 214 1.57 22.78 -23.90
C PRO B 214 1.46 23.57 -25.20
N LEU B 215 1.98 22.99 -26.29
CA LEU B 215 1.92 23.62 -27.60
C LEU B 215 0.74 23.15 -28.43
N ARG B 216 0.33 21.89 -28.23
CA ARG B 216 -0.75 21.33 -29.03
C ARG B 216 -1.42 20.16 -28.33
N ILE B 217 -2.63 19.84 -28.78
CA ILE B 217 -3.55 18.93 -28.09
C ILE B 217 -4.23 18.02 -29.09
N GLN B 218 -4.33 16.73 -28.73
CA GLN B 218 -5.27 15.82 -29.36
C GLN B 218 -6.29 15.42 -28.30
N ALA B 219 -7.57 15.46 -28.64
CA ALA B 219 -8.58 15.06 -27.67
C ALA B 219 -9.81 14.52 -28.33
N ASN B 220 -10.55 13.75 -27.55
CA ASN B 220 -11.79 13.11 -27.96
C ASN B 220 -12.75 13.27 -26.79
N THR B 221 -13.92 13.84 -27.06
CA THR B 221 -14.89 14.16 -26.02
C THR B 221 -16.22 13.51 -26.40
N GLU B 222 -16.90 12.96 -25.40
CA GLU B 222 -18.22 12.33 -25.60
C GLU B 222 -19.24 13.08 -24.79
N ARG B 223 -20.46 13.14 -25.33
CA ARG B 223 -21.59 13.88 -24.75
C ARG B 223 -22.68 12.93 -24.25
N ASP B 224 -23.46 13.39 -23.28
CA ASP B 224 -24.59 12.60 -22.76
C ASP B 224 -25.67 12.51 -23.84
N PRO B 225 -26.10 11.27 -24.19
CA PRO B 225 -27.12 11.08 -25.22
C PRO B 225 -28.35 11.98 -25.05
N ASP B 226 -28.80 12.16 -23.80
CA ASP B 226 -30.00 12.96 -23.52
C ASP B 226 -29.71 14.45 -23.45
N PHE B 227 -29.06 14.89 -22.37
CA PHE B 227 -28.93 16.33 -22.10
C PHE B 227 -27.74 16.97 -22.84
N GLY B 228 -26.99 16.18 -23.61
CA GLY B 228 -25.99 16.73 -24.55
C GLY B 228 -24.71 17.31 -23.99
N THR B 229 -24.56 17.34 -22.67
CA THR B 229 -23.34 17.89 -22.05
C THR B 229 -22.18 16.90 -22.16
N ASP B 230 -20.96 17.43 -22.00
CA ASP B 230 -19.75 16.65 -22.10
C ASP B 230 -19.56 15.83 -20.83
N ILE B 231 -19.43 14.52 -20.96
CA ILE B 231 -19.29 13.61 -19.79
C ILE B 231 -18.00 12.82 -19.77
N TYR B 232 -17.22 12.94 -20.84
CA TYR B 232 -15.96 12.18 -20.95
C TYR B 232 -15.02 12.88 -21.95
N SER B 233 -13.75 12.93 -21.59
CA SER B 233 -12.72 13.45 -22.45
CA SER B 233 -12.70 13.46 -22.47
C SER B 233 -11.38 12.74 -22.22
N SER B 234 -10.76 12.27 -23.31
CA SER B 234 -9.41 11.78 -23.28
C SER B 234 -8.52 12.78 -24.03
N VAL B 235 -7.42 13.16 -23.37
CA VAL B 235 -6.57 14.25 -23.82
C VAL B 235 -5.10 13.82 -23.87
N LYS B 236 -4.41 14.24 -24.93
CA LYS B 236 -2.96 14.20 -24.94
C LYS B 236 -2.44 15.60 -25.30
N ALA B 237 -1.54 16.13 -24.48
CA ALA B 237 -1.01 17.49 -24.66
C ALA B 237 0.50 17.38 -24.86
N ASP B 238 0.98 17.99 -25.92
CA ASP B 238 2.38 17.97 -26.25
C ASP B 238 3.07 19.18 -25.62
N PHE B 239 3.93 18.92 -24.64
CA PHE B 239 4.71 19.99 -24.02
C PHE B 239 6.14 20.03 -24.60
N ASP B 240 6.33 19.40 -25.76
CA ASP B 240 7.61 19.43 -26.49
C ASP B 240 8.57 18.42 -25.90
N ASP B 241 9.09 18.70 -24.70
CA ASP B 241 10.02 17.78 -24.05
C ASP B 241 9.31 16.57 -23.43
N PHE B 242 8.00 16.70 -23.16
CA PHE B 242 7.21 15.60 -22.62
C PHE B 242 5.78 15.71 -23.09
N GLU B 243 5.02 14.64 -22.89
CA GLU B 243 3.59 14.63 -23.15
C GLU B 243 2.81 14.39 -21.87
N LEU B 244 1.65 15.03 -21.78
CA LEU B 244 0.66 14.79 -20.73
C LEU B 244 -0.51 14.03 -21.34
N SER B 245 -0.87 12.90 -20.75
CA SER B 245 -2.07 12.19 -21.16
C SER B 245 -2.97 11.97 -19.98
N PHE B 246 -4.26 12.20 -20.16
CA PHE B 246 -5.22 11.95 -19.09
C PHE B 246 -6.61 11.76 -19.63
N TYR B 247 -7.51 11.29 -18.78
CA TYR B 247 -8.92 11.33 -19.09
C TYR B 247 -9.70 11.79 -17.89
N VAL B 248 -10.85 12.40 -18.16
CA VAL B 248 -11.79 12.86 -17.17
C VAL B 248 -13.20 12.44 -17.56
N SER B 249 -14.05 12.27 -16.54
CA SER B 249 -15.41 11.85 -16.76
C SER B 249 -16.27 12.14 -15.54
N THR B 250 -17.53 12.48 -15.80
CA THR B 250 -18.53 12.68 -14.77
C THR B 250 -19.46 11.47 -14.68
N GLN B 251 -19.15 10.40 -15.40
CA GLN B 251 -19.97 9.18 -15.37
C GLN B 251 -19.14 7.92 -15.25
N MSE B 252 -18.11 7.95 -14.41
CA MSE B 252 -17.26 6.77 -14.19
C MSE B 252 -16.95 6.64 -12.71
O MSE B 252 -17.12 7.61 -11.94
CB MSE B 252 -15.98 6.89 -15.03
CG MSE B 252 -16.26 6.78 -16.53
SE MSE B 252 -14.62 7.01 -17.61
CE MSE B 252 -13.68 5.39 -16.97
N ALA B 253 -16.49 5.47 -12.29
CA ALA B 253 -16.13 5.26 -10.89
C ALA B 253 -15.10 6.30 -10.49
N ASN B 254 -15.19 6.74 -9.24
CA ASN B 254 -14.28 7.74 -8.68
C ASN B 254 -12.83 7.27 -8.78
N ARG B 255 -11.96 8.10 -9.32
CA ARG B 255 -10.55 7.83 -9.40
C ARG B 255 -9.80 9.14 -9.55
N GLN B 256 -8.64 9.23 -8.96
CA GLN B 256 -7.73 10.33 -9.26
C GLN B 256 -6.30 9.91 -9.03
N ILE B 257 -5.43 10.32 -9.97
CA ILE B 257 -4.02 10.01 -9.90
C ILE B 257 -3.27 10.93 -10.84
N MSE B 258 -2.00 11.22 -10.50
CA MSE B 258 -1.07 11.88 -11.42
C MSE B 258 0.32 11.25 -11.21
O MSE B 258 0.75 11.06 -10.08
CB MSE B 258 -0.90 13.38 -11.14
CG MSE B 258 -2.16 14.23 -11.39
SE MSE B 258 -2.57 14.25 -13.31
CE MSE B 258 -1.20 15.57 -13.87
N VAL B 259 1.00 10.94 -12.32
CA VAL B 259 2.33 10.37 -12.30
C VAL B 259 3.23 11.15 -13.23
N PHE B 260 4.35 11.64 -12.68
CA PHE B 260 5.35 12.40 -13.44
C PHE B 260 6.53 11.46 -13.63
N HIS B 261 6.78 11.09 -14.88
CA HIS B 261 7.65 9.97 -15.22
C HIS B 261 8.80 10.44 -16.07
N GLY B 262 10.01 10.26 -15.54
CA GLY B 262 11.22 10.69 -16.24
C GLY B 262 12.22 9.58 -16.52
N THR B 263 13.38 10.01 -17.01
CA THR B 263 14.45 9.09 -17.38
C THR B 263 15.06 8.39 -16.18
N ASN B 264 14.96 9.03 -15.00
CA ASN B 264 15.67 8.55 -13.83
C ASN B 264 14.78 8.20 -12.66
N GLY B 265 13.48 8.36 -12.81
CA GLY B 265 12.54 8.05 -11.74
C GLY B 265 11.13 8.42 -12.13
N TYR B 266 10.19 8.19 -11.23
CA TYR B 266 8.85 8.73 -11.36
C TYR B 266 8.29 9.17 -10.01
N ILE B 267 7.39 10.17 -10.08
CA ILE B 267 6.68 10.67 -8.91
C ILE B 267 5.22 10.32 -9.06
N GLU B 268 4.70 9.52 -8.13
CA GLU B 268 3.29 9.18 -8.10
C GLU B 268 2.63 9.97 -6.99
N VAL B 269 1.63 10.75 -7.36
CA VAL B 269 0.86 11.54 -6.44
C VAL B 269 -0.42 10.77 -6.13
N LYS B 270 -0.51 10.33 -4.91
CA LYS B 270 -1.56 9.45 -4.47
C LYS B 270 -2.97 10.05 -4.39
N SER B 271 -3.04 11.27 -3.93
CA SER B 271 -4.31 11.96 -3.70
C SER B 271 -4.22 13.37 -4.27
N PRO B 272 -4.06 13.49 -5.59
CA PRO B 272 -3.64 14.76 -6.20
C PRO B 272 -4.57 15.95 -6.01
N PHE B 273 -5.88 15.74 -6.05
CA PHE B 273 -6.79 16.87 -6.20
C PHE B 273 -7.62 17.07 -4.96
N ASN B 274 -8.33 16.06 -4.50
CA ASN B 274 -9.11 16.19 -3.29
C ASN B 274 -8.35 15.86 -2.02
N ALA B 275 -7.07 15.50 -2.18
CA ALA B 275 -6.17 15.33 -1.04
C ALA B 275 -6.77 14.38 0.05
N ASN B 276 -6.87 14.85 1.30
CA ASN B 276 -7.41 14.09 2.41
C ASN B 276 -8.83 13.55 2.21
N ARG B 277 -9.64 14.21 1.38
CA ARG B 277 -10.96 13.69 1.07
C ARG B 277 -10.92 12.48 0.14
N TRP B 278 -9.77 12.24 -0.52
CA TRP B 278 -9.58 11.06 -1.36
C TRP B 278 -8.74 9.96 -0.70
N GLY B 279 -7.61 10.34 -0.08
CA GLY B 279 -6.67 9.33 0.47
C GLY B 279 -5.49 9.97 1.17
N PRO B 280 -4.40 9.21 1.32
CA PRO B 280 -3.22 9.78 1.97
C PRO B 280 -2.58 10.91 1.19
N GLU B 281 -2.17 11.94 1.92
CA GLU B 281 -1.54 13.11 1.35
C GLU B 281 -0.04 12.84 1.22
N GLU B 282 0.34 12.09 0.19
CA GLU B 282 1.69 11.64 0.06
C GLU B 282 2.07 11.42 -1.39
N ILE B 283 3.38 11.39 -1.62
CA ILE B 283 3.91 11.04 -2.91
C ILE B 283 4.94 9.92 -2.78
N GLU B 284 5.09 9.16 -3.85
CA GLU B 284 6.14 8.17 -3.96
C GLU B 284 7.08 8.59 -5.05
N LEU B 285 8.37 8.62 -4.73
CA LEU B 285 9.45 8.85 -5.69
C LEU B 285 10.18 7.53 -5.90
N ALA B 286 10.03 6.95 -7.09
CA ALA B 286 10.63 5.67 -7.40
C ALA B 286 11.90 5.94 -8.20
N ASP B 287 12.95 5.15 -7.96
CA ASP B 287 14.20 5.35 -8.70
C ASP B 287 14.13 4.65 -10.05
N ARG B 288 15.21 4.71 -10.84
CA ARG B 288 15.14 4.23 -12.20
C ARG B 288 14.81 2.75 -12.34
N SER B 289 15.38 1.94 -11.44
CA SER B 289 15.20 0.51 -11.45
C SER B 289 13.93 0.04 -10.72
N HIS B 290 13.34 0.91 -9.90
CA HIS B 290 12.26 0.55 -8.98
C HIS B 290 12.67 -0.27 -7.75
N ASN B 291 13.97 -0.52 -7.54
CA ASN B 291 14.39 -1.26 -6.37
C ASN B 291 14.38 -0.43 -5.10
N GLU B 292 14.20 0.87 -5.24
CA GLU B 292 14.07 1.73 -4.07
C GLU B 292 13.12 2.89 -4.38
N SER B 293 12.22 3.19 -3.45
CA SER B 293 11.37 4.36 -3.49
C SER B 293 11.49 5.14 -2.20
N ARG B 294 11.15 6.41 -2.26
CA ARG B 294 10.99 7.25 -1.09
C ARG B 294 9.55 7.66 -1.02
N ILE B 295 8.99 7.64 0.18
CA ILE B 295 7.63 8.13 0.40
C ILE B 295 7.75 9.41 1.21
N PHE B 296 7.13 10.48 0.72
CA PHE B 296 7.09 11.74 1.43
C PHE B 296 5.63 12.00 1.85
N ARG B 297 5.42 12.18 3.15
CA ARG B 297 4.07 12.33 3.69
C ARG B 297 3.81 13.73 4.20
N PHE B 298 2.60 14.20 3.97
CA PHE B 298 2.18 15.55 4.35
C PHE B 298 0.75 15.50 4.89
N GLN B 299 0.53 14.57 5.82
CA GLN B 299 -0.79 14.41 6.45
C GLN B 299 -1.31 15.65 7.11
N ASP B 300 -2.60 15.88 6.95
CA ASP B 300 -3.31 17.00 7.57
C ASP B 300 -2.73 18.36 7.16
N SER B 301 -2.45 18.47 5.87
CA SER B 301 -1.94 19.68 5.24
C SER B 301 -2.94 20.83 5.20
N ARG B 302 -4.23 20.50 5.18
CA ARG B 302 -5.32 21.50 5.12
C ARG B 302 -5.13 22.51 3.99
N GLN B 303 -5.21 22.02 2.75
CA GLN B 303 -4.82 22.78 1.60
C GLN B 303 -5.73 24.01 1.38
N TYR B 304 -7.01 23.94 1.76
CA TYR B 304 -7.89 25.10 1.64
C TYR B 304 -7.50 26.18 2.65
N ARG B 305 -7.04 25.78 3.82
CA ARG B 305 -6.57 26.74 4.80
C ARG B 305 -5.27 27.40 4.31
N ARG B 306 -4.39 26.61 3.76
CA ARG B 306 -3.15 27.12 3.22
C ARG B 306 -3.42 28.12 2.08
N GLU B 307 -4.40 27.85 1.26
CA GLU B 307 -4.83 28.79 0.19
C GLU B 307 -5.24 30.15 0.71
N VAL B 308 -6.13 30.19 1.69
CA VAL B 308 -6.62 31.47 2.19
C VAL B 308 -5.56 32.19 3.02
N GLU B 309 -4.71 31.44 3.72
CA GLU B 309 -3.57 32.04 4.43
C GLU B 309 -2.58 32.71 3.45
N ALA B 310 -2.31 32.07 2.31
CA ALA B 310 -1.43 32.65 1.29
C ALA B 310 -2.05 33.89 0.71
N PHE B 311 -3.36 33.83 0.44
CA PHE B 311 -4.12 34.99 -0.04
C PHE B 311 -4.04 36.17 0.94
N ALA B 312 -4.23 35.90 2.23
CA ALA B 312 -4.18 36.97 3.23
C ALA B 312 -2.78 37.59 3.29
N ARG B 313 -1.74 36.78 3.19
CA ARG B 313 -0.36 37.29 3.14
C ARG B 313 -0.17 38.14 1.89
N ALA B 314 -0.70 37.68 0.77
CA ALA B 314 -0.59 38.46 -0.47
C ALA B 314 -1.28 39.82 -0.33
N VAL B 315 -2.44 39.85 0.29
CA VAL B 315 -3.13 41.12 0.53
C VAL B 315 -2.28 42.04 1.40
N GLU B 316 -1.61 41.46 2.39
CA GLU B 316 -0.88 42.28 3.35
C GLU B 316 0.48 42.77 2.84
N ASN B 317 1.18 42.00 2.02
CA ASN B 317 2.56 42.34 1.65
C ASN B 317 2.86 42.47 0.16
N GLY B 318 1.99 41.93 -0.70
CA GLY B 318 2.16 42.01 -2.15
C GLY B 318 3.24 41.15 -2.77
N LYS B 319 3.83 40.21 -2.00
CA LYS B 319 4.95 39.39 -2.48
C LYS B 319 4.69 37.88 -2.50
N GLU B 320 3.69 37.43 -1.75
CA GLU B 320 3.34 36.01 -1.69
C GLU B 320 2.94 35.43 -3.06
N GLU B 321 3.47 34.26 -3.40
CA GLU B 321 3.01 33.54 -4.59
C GLU B 321 1.51 33.20 -4.44
N VAL B 322 0.69 33.79 -5.26
CA VAL B 322 -0.72 33.46 -5.39
C VAL B 322 -0.97 33.23 -6.88
N VAL B 323 -1.85 32.35 -7.26
CA VAL B 323 -2.14 32.10 -8.68
C VAL B 323 -2.57 33.42 -9.38
N THR B 324 -1.82 33.85 -10.39
CA THR B 324 -2.11 35.12 -11.07
C THR B 324 -3.21 34.90 -12.09
N LEU B 325 -3.96 35.97 -12.39
CA LEU B 325 -4.98 35.91 -13.42
C LEU B 325 -4.35 35.60 -14.78
N GLU B 326 -3.12 36.05 -14.97
CA GLU B 326 -2.39 35.79 -16.22
C GLU B 326 -2.19 34.28 -16.34
N ASN B 327 -1.85 33.65 -15.22
CA ASN B 327 -1.71 32.21 -15.21
C ASN B 327 -3.06 31.51 -15.42
N SER B 328 -4.10 32.02 -14.78
CA SER B 328 -5.45 31.50 -15.00
C SER B 328 -5.81 31.54 -16.48
N LYS B 329 -5.45 32.62 -17.16
CA LYS B 329 -5.73 32.73 -18.57
C LYS B 329 -4.97 31.70 -19.38
N LEU B 330 -3.69 31.49 -19.07
CA LEU B 330 -2.90 30.48 -19.78
C LEU B 330 -3.53 29.12 -19.61
N ASN B 331 -4.03 28.86 -18.41
CA ASN B 331 -4.67 27.57 -18.13
C ASN B 331 -5.93 27.39 -18.98
N GLN B 332 -6.73 28.46 -19.06
CA GLN B 332 -7.97 28.40 -19.80
C GLN B 332 -7.73 28.29 -21.29
N LYS B 333 -6.60 28.81 -21.77
CA LYS B 333 -6.22 28.60 -23.16
C LYS B 333 -6.07 27.12 -23.49
N VAL B 334 -5.52 26.34 -22.57
CA VAL B 334 -5.41 24.90 -22.79
C VAL B 334 -6.80 24.26 -22.88
N ILE B 335 -7.70 24.60 -21.96
CA ILE B 335 -9.04 24.03 -21.95
C ILE B 335 -9.78 24.40 -23.25
N ASP B 336 -9.64 25.65 -23.69
CA ASP B 336 -10.25 26.07 -24.95
C ASP B 336 -9.71 25.26 -26.12
N ALA B 337 -8.41 25.04 -26.14
CA ALA B 337 -7.79 24.21 -27.16
C ALA B 337 -8.32 22.76 -27.13
N ILE B 338 -8.61 22.25 -25.94
CA ILE B 338 -9.18 20.90 -25.79
C ILE B 338 -10.57 20.83 -26.44
N TYR B 339 -11.40 21.85 -26.23
CA TYR B 339 -12.68 21.92 -26.93
C TYR B 339 -12.46 21.90 -28.44
N ARG B 340 -11.54 22.72 -28.93
CA ARG B 340 -11.33 22.82 -30.37
C ARG B 340 -10.80 21.49 -30.92
N ALA B 341 -9.86 20.87 -30.20
CA ALA B 341 -9.30 19.60 -30.62
C ALA B 341 -10.36 18.50 -30.72
N SER B 342 -11.33 18.56 -29.82
CA SER B 342 -12.42 17.57 -29.81
C SER B 342 -13.30 17.58 -31.04
N GLU B 343 -13.21 18.66 -31.84
CA GLU B 343 -13.97 18.75 -33.08
C GLU B 343 -13.15 18.33 -34.31
N LYS B 344 -11.92 17.89 -34.13
CA LYS B 344 -11.04 17.58 -35.26
C LYS B 344 -10.43 16.21 -35.11
N ASP B 345 -9.91 15.70 -36.20
CA ASP B 345 -9.15 14.49 -36.26
C ASP B 345 -7.77 14.41 -35.60
N GLY B 346 -7.06 15.49 -35.64
CA GLY B 346 -5.63 15.50 -35.31
C GLY B 346 -5.24 16.53 -34.26
N TRP B 347 -3.99 16.98 -34.32
CA TRP B 347 -3.46 17.95 -33.37
C TRP B 347 -4.11 19.33 -33.56
N GLU B 348 -4.33 20.05 -32.46
CA GLU B 348 -4.78 21.42 -32.45
C GLU B 348 -3.79 22.27 -31.68
N ALA B 349 -3.32 23.36 -32.28
CA ALA B 349 -2.37 24.24 -31.62
C ALA B 349 -3.07 24.95 -30.48
N VAL B 350 -2.37 25.16 -29.37
CA VAL B 350 -2.93 25.86 -28.21
C VAL B 350 -3.03 27.37 -28.43
N SER C 22 31.53 -27.61 -11.69
CA SER C 22 31.04 -28.92 -11.19
C SER C 22 29.92 -28.74 -10.14
N MSE C 23 28.79 -29.40 -10.37
CA MSE C 23 27.60 -29.22 -9.55
C MSE C 23 27.63 -30.11 -8.32
O MSE C 23 27.94 -31.29 -8.42
CB MSE C 23 26.33 -29.61 -10.30
CG MSE C 23 26.14 -28.92 -11.65
SE MSE C 23 25.89 -26.97 -11.42
CE MSE C 23 27.33 -26.38 -12.64
N LEU C 24 27.30 -29.54 -7.17
CA LEU C 24 27.06 -30.35 -5.98
C LEU C 24 25.76 -31.14 -6.20
N ARG C 25 25.84 -32.44 -5.97
CA ARG C 25 24.78 -33.35 -6.30
C ARG C 25 23.97 -33.67 -5.04
N PHE C 26 22.69 -33.33 -5.09
CA PHE C 26 21.77 -33.50 -3.97
C PHE C 26 20.92 -34.76 -4.11
N GLY C 27 20.73 -35.45 -2.99
CA GLY C 27 19.72 -36.49 -2.85
C GLY C 27 18.63 -35.96 -1.92
N ILE C 28 17.39 -36.31 -2.22
CA ILE C 28 16.27 -35.87 -1.42
C ILE C 28 15.70 -37.02 -0.60
N ILE C 29 15.67 -36.86 0.71
CA ILE C 29 15.13 -37.91 1.58
C ILE C 29 13.62 -37.71 1.75
N SER C 30 12.84 -38.51 1.03
CA SER C 30 11.36 -38.49 1.03
C SER C 30 10.81 -37.50 0.01
N THR C 31 9.53 -37.69 -0.34
CA THR C 31 8.81 -36.83 -1.28
C THR C 31 7.96 -35.80 -0.55
N ALA C 32 8.45 -35.30 0.58
CA ALA C 32 7.66 -34.41 1.40
C ALA C 32 7.36 -33.13 0.59
N LYS C 33 6.24 -32.51 0.95
CA LYS C 33 5.66 -31.39 0.20
C LYS C 33 6.56 -30.19 0.12
N ILE C 34 7.24 -29.86 1.22
CA ILE C 34 8.18 -28.75 1.25
C ILE C 34 9.27 -28.92 0.18
N GLY C 35 9.72 -30.16 -0.01
CA GLY C 35 10.67 -30.47 -1.06
C GLY C 35 10.07 -30.28 -2.44
N ARG C 36 8.89 -30.87 -2.67
CA ARG C 36 8.21 -30.83 -3.96
C ARG C 36 7.88 -29.38 -4.40
N ASP C 37 7.43 -28.57 -3.45
CA ASP C 37 6.85 -27.27 -3.76
C ASP C 37 7.90 -26.15 -3.81
N ASN C 38 9.01 -26.32 -3.11
CA ASN C 38 9.98 -25.23 -2.93
C ASN C 38 11.43 -25.61 -3.19
N VAL C 39 11.94 -26.61 -2.48
CA VAL C 39 13.38 -26.81 -2.44
C VAL C 39 13.89 -27.54 -3.67
N VAL C 40 13.20 -28.59 -4.09
CA VAL C 40 13.66 -29.36 -5.25
C VAL C 40 13.73 -28.51 -6.51
N PRO C 41 12.67 -27.74 -6.81
CA PRO C 41 12.82 -26.89 -7.99
C PRO C 41 13.90 -25.84 -7.82
N ALA C 42 14.10 -25.35 -6.60
CA ALA C 42 15.13 -24.34 -6.37
C ALA C 42 16.54 -24.92 -6.59
N ILE C 43 16.75 -26.18 -6.21
CA ILE C 43 18.04 -26.81 -6.45
C ILE C 43 18.27 -26.96 -7.96
N GLN C 44 17.25 -27.34 -8.70
CA GLN C 44 17.40 -27.45 -10.15
C GLN C 44 17.70 -26.06 -10.75
N ASP C 45 17.07 -25.01 -10.23
CA ASP C 45 17.32 -23.64 -10.72
C ASP C 45 18.72 -23.14 -10.33
N ALA C 46 19.23 -23.63 -9.20
CA ALA C 46 20.47 -23.14 -8.61
C ALA C 46 21.67 -23.30 -9.54
N GLU C 47 22.61 -22.35 -9.47
CA GLU C 47 23.74 -22.33 -10.39
C GLU C 47 24.81 -23.37 -10.13
N ASN C 48 24.95 -23.78 -8.87
CA ASN C 48 26.09 -24.62 -8.46
C ASN C 48 25.66 -25.93 -7.80
N CYS C 49 24.38 -26.28 -7.92
CA CYS C 49 23.94 -27.63 -7.57
C CYS C 49 22.82 -28.18 -8.42
N VAL C 50 22.50 -29.44 -8.19
CA VAL C 50 21.54 -30.16 -8.97
C VAL C 50 21.04 -31.36 -8.14
N VAL C 51 19.81 -31.82 -8.38
CA VAL C 51 19.28 -32.99 -7.71
C VAL C 51 19.52 -34.19 -8.60
N THR C 52 20.29 -35.17 -8.11
CA THR C 52 20.55 -36.39 -8.85
C THR C 52 19.73 -37.59 -8.40
N ALA C 53 19.14 -37.53 -7.20
CA ALA C 53 18.39 -38.67 -6.68
C ALA C 53 17.28 -38.27 -5.70
N ILE C 54 16.22 -39.06 -5.72
CA ILE C 54 15.14 -38.96 -4.75
C ILE C 54 14.91 -40.34 -4.16
N ALA C 55 14.69 -40.39 -2.85
CA ALA C 55 14.53 -41.67 -2.13
C ALA C 55 13.22 -41.64 -1.35
N SER C 56 12.50 -42.75 -1.39
CA SER C 56 11.27 -42.90 -0.64
C SER C 56 11.05 -44.36 -0.37
N ARG C 57 10.37 -44.67 0.74
CA ARG C 57 9.94 -46.05 1.01
C ARG C 57 9.03 -46.57 -0.10
N ASP C 58 8.36 -45.66 -0.79
CA ASP C 58 7.53 -45.97 -1.94
C ASP C 58 8.30 -45.55 -3.20
N LEU C 59 8.93 -46.53 -3.84
CA LEU C 59 9.74 -46.31 -5.03
C LEU C 59 8.95 -45.62 -6.15
N THR C 60 7.69 -46.01 -6.32
CA THR C 60 6.83 -45.46 -7.36
C THR C 60 6.69 -43.94 -7.19
N ARG C 61 6.45 -43.52 -5.95
CA ARG C 61 6.39 -42.10 -5.60
C ARG C 61 7.68 -41.35 -5.95
N ALA C 62 8.81 -41.92 -5.56
CA ALA C 62 10.13 -41.35 -5.83
C ALA C 62 10.36 -41.15 -7.32
N ARG C 63 10.02 -42.17 -8.10
CA ARG C 63 10.21 -42.21 -9.55
C ARG C 63 9.34 -41.14 -10.22
N GLU C 64 8.11 -40.99 -9.74
CA GLU C 64 7.18 -39.98 -10.26
C GLU C 64 7.69 -38.56 -10.03
N MSE C 65 8.21 -38.30 -8.84
CA MSE C 65 8.79 -37.01 -8.53
C MSE C 65 10.05 -36.78 -9.35
O MSE C 65 10.23 -35.70 -9.92
CB MSE C 65 9.13 -36.94 -7.05
CG MSE C 65 9.58 -35.55 -6.65
SE MSE C 65 9.56 -35.35 -4.69
CE MSE C 65 11.41 -34.81 -4.36
N ALA C 66 10.91 -37.79 -9.41
CA ALA C 66 12.13 -37.70 -10.19
C ALA C 66 11.87 -37.40 -11.66
N ASP C 67 10.89 -38.09 -12.25
CA ASP C 67 10.52 -37.85 -13.63
C ASP C 67 10.08 -36.40 -13.82
N ARG C 68 9.27 -35.87 -12.90
CA ARG C 68 8.75 -34.51 -13.00
C ARG C 68 9.86 -33.46 -13.06
N PHE C 69 10.87 -33.64 -12.20
CA PHE C 69 11.88 -32.62 -11.94
C PHE C 69 13.20 -32.84 -12.69
N SER C 70 13.22 -33.83 -13.60
CA SER C 70 14.38 -34.13 -14.43
C SER C 70 15.53 -34.75 -13.61
N VAL C 71 15.17 -35.62 -12.67
CA VAL C 71 16.13 -36.22 -11.75
C VAL C 71 16.44 -37.62 -12.22
N PRO C 72 17.73 -37.95 -12.41
CA PRO C 72 18.05 -39.22 -13.05
C PRO C 72 17.83 -40.48 -12.20
N HIS C 73 17.95 -40.37 -10.89
CA HIS C 73 17.89 -41.57 -10.04
C HIS C 73 16.77 -41.51 -9.01
N ALA C 74 16.15 -42.66 -8.80
CA ALA C 74 15.14 -42.86 -7.78
C ALA C 74 15.51 -44.11 -6.97
N PHE C 75 15.46 -44.02 -5.63
CA PHE C 75 15.79 -45.13 -4.76
C PHE C 75 14.60 -45.54 -3.90
N GLY C 76 14.53 -46.82 -3.56
CA GLY C 76 13.43 -47.37 -2.76
C GLY C 76 13.67 -47.39 -1.26
N SER C 77 14.81 -46.85 -0.83
CA SER C 77 15.10 -46.71 0.58
C SER C 77 16.14 -45.62 0.81
N TYR C 78 16.12 -45.00 1.98
CA TYR C 78 17.07 -43.93 2.27
C TYR C 78 18.47 -44.49 2.32
N GLU C 79 18.60 -45.69 2.91
CA GLU C 79 19.89 -46.31 3.14
C GLU C 79 20.61 -46.53 1.83
N GLU C 80 19.87 -46.99 0.82
CA GLU C 80 20.46 -47.27 -0.47
C GLU C 80 21.01 -46.02 -1.14
N MSE C 81 20.26 -44.90 -1.06
CA MSE C 81 20.75 -43.62 -1.58
C MSE C 81 21.97 -43.13 -0.82
O MSE C 81 22.95 -42.70 -1.44
CB MSE C 81 19.65 -42.54 -1.52
CG MSE C 81 20.13 -41.27 -2.19
SE MSE C 81 18.67 -39.98 -2.31
CE MSE C 81 18.58 -39.42 -0.42
N LEU C 82 21.97 -43.23 0.47
CA LEU C 82 23.11 -42.83 1.22
C LEU C 82 24.38 -43.61 0.83
N ALA C 83 24.23 -44.89 0.58
CA ALA C 83 25.38 -45.74 0.22
C ALA C 83 25.89 -45.46 -1.19
N SER C 84 25.09 -44.75 -1.99
CA SER C 84 25.43 -44.52 -3.38
C SER C 84 26.48 -43.43 -3.52
N ASP C 85 27.24 -43.46 -4.61
CA ASP C 85 28.15 -42.37 -4.96
C ASP C 85 27.54 -41.33 -5.95
N VAL C 86 26.25 -41.44 -6.25
CA VAL C 86 25.59 -40.54 -7.21
C VAL C 86 25.16 -39.21 -6.55
N ILE C 87 25.26 -39.12 -5.22
CA ILE C 87 25.02 -37.88 -4.46
C ILE C 87 26.20 -37.47 -3.59
N ASP C 88 26.39 -36.19 -3.41
CA ASP C 88 27.38 -35.61 -2.49
C ASP C 88 26.74 -35.08 -1.20
N ALA C 89 25.44 -34.81 -1.26
CA ALA C 89 24.75 -34.13 -0.19
C ALA C 89 23.31 -34.58 -0.15
N VAL C 90 22.67 -34.44 1.01
CA VAL C 90 21.26 -34.71 1.11
C VAL C 90 20.48 -33.52 1.66
N TYR C 91 19.23 -33.43 1.23
CA TYR C 91 18.25 -32.52 1.79
C TYR C 91 17.21 -33.38 2.53
N ILE C 92 16.90 -32.99 3.76
CA ILE C 92 16.06 -33.78 4.66
C ILE C 92 14.84 -32.97 5.11
N PRO C 93 13.70 -33.12 4.40
CA PRO C 93 12.45 -32.49 4.76
C PRO C 93 11.49 -33.43 5.50
N LEU C 94 12.04 -34.36 6.24
CA LEU C 94 11.26 -35.25 7.08
C LEU C 94 10.69 -34.49 8.29
N PRO C 95 9.68 -35.08 8.96
CA PRO C 95 9.24 -34.53 10.26
C PRO C 95 10.37 -34.44 11.29
N THR C 96 10.26 -33.46 12.18
CA THR C 96 11.28 -33.15 13.17
C THR C 96 11.78 -34.36 13.94
N SER C 97 10.85 -35.22 14.33
CA SER C 97 11.18 -36.44 15.07
C SER C 97 12.17 -37.36 14.34
N GLN C 98 12.35 -37.16 13.03
CA GLN C 98 13.24 -37.98 12.23
C GLN C 98 14.53 -37.28 11.80
N HIS C 99 14.65 -35.98 12.11
CA HIS C 99 15.80 -35.19 11.68
C HIS C 99 17.14 -35.69 12.22
N ILE C 100 17.21 -35.92 13.52
CA ILE C 100 18.47 -36.30 14.13
C ILE C 100 19.00 -37.61 13.53
N GLU C 101 18.14 -38.62 13.50
CA GLU C 101 18.52 -39.95 13.00
C GLU C 101 19.13 -39.86 11.61
N TRP C 102 18.48 -39.14 10.71
CA TRP C 102 18.90 -39.15 9.31
C TRP C 102 20.02 -38.17 9.00
N SER C 103 20.09 -37.08 9.74
CA SER C 103 21.21 -36.17 9.63
C SER C 103 22.51 -36.92 9.99
N ILE C 104 22.45 -37.67 11.07
CA ILE C 104 23.63 -38.43 11.53
C ILE C 104 24.00 -39.56 10.56
N LYS C 105 23.01 -40.31 10.11
CA LYS C 105 23.30 -41.40 9.16
C LYS C 105 23.86 -40.86 7.83
N ALA C 106 23.35 -39.72 7.39
CA ALA C 106 23.85 -39.10 6.16
C ALA C 106 25.33 -38.72 6.32
N ALA C 107 25.65 -38.06 7.42
CA ALA C 107 27.03 -37.63 7.70
C ALA C 107 27.94 -38.82 7.85
N ASP C 108 27.49 -39.84 8.55
CA ASP C 108 28.28 -41.07 8.71
C ASP C 108 28.50 -41.79 7.35
N ALA C 109 27.62 -41.54 6.39
CA ALA C 109 27.81 -42.04 5.01
C ALA C 109 28.66 -41.08 4.18
N GLY C 110 29.20 -40.04 4.81
CA GLY C 110 30.06 -39.08 4.12
C GLY C 110 29.34 -38.01 3.31
N LYS C 111 28.05 -37.81 3.55
CA LYS C 111 27.28 -36.78 2.80
C LYS C 111 27.11 -35.52 3.62
N HIS C 112 27.13 -34.37 2.93
CA HIS C 112 26.81 -33.10 3.54
C HIS C 112 25.31 -33.04 3.71
N VAL C 113 24.85 -32.25 4.68
CA VAL C 113 23.45 -32.31 5.11
C VAL C 113 22.82 -30.91 5.17
N VAL C 114 21.71 -30.74 4.47
CA VAL C 114 20.80 -29.62 4.72
C VAL C 114 19.57 -30.24 5.35
N CYS C 115 19.32 -29.93 6.62
CA CYS C 115 18.18 -30.49 7.36
C CYS C 115 17.14 -29.39 7.60
N GLU C 116 15.88 -29.71 7.35
CA GLU C 116 14.83 -28.72 7.60
C GLU C 116 14.73 -28.36 9.08
N LYS C 117 14.24 -27.16 9.31
CA LYS C 117 13.92 -26.67 10.63
C LYS C 117 12.59 -27.27 11.08
N PRO C 118 12.36 -27.38 12.39
CA PRO C 118 13.37 -27.17 13.41
C PRO C 118 14.22 -28.43 13.41
N LEU C 119 15.51 -28.27 13.66
CA LEU C 119 16.44 -29.39 13.63
C LEU C 119 16.10 -30.44 14.68
N ALA C 120 15.79 -29.98 15.89
CA ALA C 120 15.55 -30.86 17.01
C ALA C 120 14.37 -30.45 17.89
N LEU C 121 13.97 -31.37 18.76
CA LEU C 121 12.89 -31.17 19.75
C LEU C 121 13.40 -30.52 21.04
N LYS C 122 14.68 -30.75 21.35
CA LYS C 122 15.33 -30.21 22.54
C LYS C 122 16.78 -29.80 22.17
N ALA C 123 17.27 -28.71 22.76
CA ALA C 123 18.59 -28.17 22.37
C ALA C 123 19.68 -29.22 22.52
N GLY C 124 19.63 -29.96 23.63
CA GLY C 124 20.62 -30.99 23.94
C GLY C 124 20.79 -32.05 22.86
N ASP C 125 19.73 -32.29 22.09
CA ASP C 125 19.77 -33.29 21.01
C ASP C 125 20.74 -32.96 19.89
N ILE C 126 21.08 -31.67 19.77
CA ILE C 126 21.94 -31.20 18.69
C ILE C 126 23.42 -31.61 18.91
N ASP C 127 23.82 -31.91 20.15
CA ASP C 127 25.21 -32.31 20.42
C ASP C 127 25.67 -33.53 19.57
N ALA C 128 24.79 -34.50 19.41
CA ALA C 128 25.11 -35.68 18.59
C ALA C 128 25.23 -35.33 17.11
N VAL C 129 24.51 -34.32 16.65
CA VAL C 129 24.63 -33.88 15.25
C VAL C 129 25.95 -33.15 15.06
N ILE C 130 26.33 -32.32 16.03
CA ILE C 130 27.65 -31.67 16.02
C ILE C 130 28.77 -32.71 15.99
N ALA C 131 28.63 -33.75 16.78
CA ALA C 131 29.64 -34.81 16.81
C ALA C 131 29.73 -35.46 15.43
N ALA C 132 28.59 -35.65 14.76
CA ALA C 132 28.58 -36.28 13.44
C ALA C 132 29.22 -35.38 12.38
N ARG C 133 28.95 -34.07 12.47
CA ARG C 133 29.54 -33.10 11.55
C ARG C 133 31.07 -33.16 11.64
N ASP C 134 31.58 -33.06 12.87
CA ASP C 134 33.02 -32.95 13.11
C ASP C 134 33.77 -34.24 12.84
N ARG C 135 33.16 -35.36 13.20
CA ARG C 135 33.73 -36.67 12.96
C ARG C 135 33.85 -37.01 11.50
N ASN C 136 32.87 -36.62 10.71
CA ASN C 136 32.86 -36.95 9.28
C ASN C 136 33.43 -35.84 8.38
N LYS C 137 33.75 -34.69 8.99
CA LYS C 137 34.20 -33.51 8.25
C LYS C 137 33.30 -33.18 7.07
N VAL C 138 32.00 -33.10 7.33
CA VAL C 138 31.03 -32.65 6.33
C VAL C 138 30.31 -31.41 6.86
N VAL C 139 29.79 -30.63 5.93
CA VAL C 139 28.95 -29.48 6.24
C VAL C 139 27.56 -29.99 6.63
N VAL C 140 27.09 -29.57 7.80
CA VAL C 140 25.74 -29.89 8.28
C VAL C 140 25.06 -28.59 8.73
N THR C 141 23.89 -28.29 8.18
CA THR C 141 23.22 -27.05 8.51
C THR C 141 21.69 -27.18 8.56
N GLU C 142 21.07 -26.42 9.47
CA GLU C 142 19.63 -26.31 9.58
C GLU C 142 19.10 -25.28 8.54
N ALA C 143 18.05 -25.64 7.82
CA ALA C 143 17.63 -24.90 6.61
C ALA C 143 16.84 -23.59 6.82
N TYR C 144 17.44 -22.60 7.49
CA TYR C 144 16.81 -21.28 7.62
C TYR C 144 17.05 -20.39 6.40
N MSE C 145 16.22 -20.65 5.38
CA MSE C 145 16.34 -19.99 4.09
C MSE C 145 16.32 -18.49 4.21
O MSE C 145 17.04 -17.80 3.48
CB MSE C 145 15.25 -20.53 3.14
CG MSE C 145 13.83 -19.98 3.41
SE MSE C 145 13.05 -20.61 5.08
CE MSE C 145 11.26 -20.00 4.65
N ILE C 146 15.55 -17.97 5.15
CA ILE C 146 15.46 -16.51 5.33
C ILE C 146 16.79 -15.81 5.57
N THR C 147 17.74 -16.49 6.19
CA THR C 147 19.02 -15.88 6.51
C THR C 147 19.86 -15.66 5.26
N TYR C 148 19.48 -16.28 4.13
CA TYR C 148 20.19 -16.08 2.87
C TYR C 148 19.44 -15.08 1.95
N SER C 149 18.34 -14.53 2.44
CA SER C 149 17.55 -13.57 1.66
CA SER C 149 17.57 -13.56 1.64
C SER C 149 18.13 -12.15 1.72
N PRO C 150 18.17 -11.44 0.59
CA PRO C 150 18.57 -10.02 0.58
C PRO C 150 17.72 -9.15 1.50
N VAL C 151 16.47 -9.52 1.67
CA VAL C 151 15.59 -8.83 2.60
C VAL C 151 16.18 -8.86 4.01
N TRP C 152 16.49 -10.05 4.53
CA TRP C 152 16.99 -10.15 5.90
C TRP C 152 18.42 -9.66 6.06
N GLN C 153 19.23 -9.81 5.03
CA GLN C 153 20.56 -9.19 5.02
C GLN C 153 20.46 -7.65 5.07
N LYS C 154 19.44 -7.09 4.45
CA LYS C 154 19.26 -5.63 4.47
C LYS C 154 18.76 -5.16 5.85
N VAL C 155 17.85 -5.92 6.46
CA VAL C 155 17.41 -5.59 7.81
C VAL C 155 18.61 -5.54 8.74
N ARG C 156 19.41 -6.62 8.71
CA ARG C 156 20.59 -6.70 9.54
C ARG C 156 21.58 -5.57 9.29
N SER C 157 21.90 -5.26 8.03
CA SER C 157 22.84 -4.16 7.75
C SER C 157 22.29 -2.80 8.16
N LEU C 158 20.98 -2.56 7.93
CA LEU C 158 20.39 -1.27 8.28
C LEU C 158 20.45 -1.02 9.79
N ILE C 159 20.13 -2.05 10.57
CA ILE C 159 20.21 -1.94 12.02
C ILE C 159 21.67 -1.69 12.43
N ASP C 160 22.58 -2.41 11.82
CA ASP C 160 24.02 -2.30 12.14
C ASP C 160 24.61 -0.94 11.73
N GLU C 161 24.03 -0.31 10.71
CA GLU C 161 24.45 1.02 10.23
C GLU C 161 23.80 2.20 10.99
N GLY C 162 22.92 1.90 11.93
CA GLY C 162 22.32 2.96 12.74
C GLY C 162 21.07 3.55 12.14
N ALA C 163 20.51 2.89 11.11
CA ALA C 163 19.34 3.45 10.43
C ALA C 163 18.08 3.60 11.31
N ILE C 164 17.92 2.81 12.37
CA ILE C 164 16.79 3.02 13.28
C ILE C 164 17.21 3.54 14.65
N GLY C 165 18.43 4.03 14.77
CA GLY C 165 18.96 4.45 16.07
C GLY C 165 19.15 3.19 16.92
N SER C 166 18.84 3.29 18.21
CA SER C 166 18.90 2.16 19.12
C SER C 166 17.62 1.33 19.03
N LEU C 167 17.78 0.03 18.80
CA LEU C 167 16.63 -0.89 18.74
C LEU C 167 16.02 -1.01 20.11
N ARG C 168 14.70 -0.85 20.23
CA ARG C 168 14.02 -0.94 21.52
C ARG C 168 12.91 -1.99 21.58
N HIS C 169 12.31 -2.31 20.45
CA HIS C 169 11.24 -3.29 20.44
C HIS C 169 11.14 -3.95 19.08
N VAL C 170 10.94 -5.27 19.07
CA VAL C 170 10.69 -6.02 17.87
C VAL C 170 9.32 -6.68 18.05
N GLN C 171 8.39 -6.36 17.15
CA GLN C 171 7.04 -6.88 17.27
C GLN C 171 6.69 -7.67 16.02
N GLY C 172 6.10 -8.84 16.19
CA GLY C 172 5.66 -9.61 15.03
C GLY C 172 4.62 -10.67 15.30
N ALA C 173 4.35 -11.45 14.26
CA ALA C 173 3.37 -12.49 14.30
C ALA C 173 3.61 -13.48 13.18
N PHE C 174 3.21 -14.72 13.42
CA PHE C 174 3.21 -15.74 12.38
C PHE C 174 2.12 -16.75 12.68
N THR C 175 1.05 -16.70 11.89
CA THR C 175 -0.10 -17.55 12.09
C THR C 175 -0.60 -18.11 10.77
N TYR C 176 -1.22 -19.27 10.86
CA TYR C 176 -2.01 -19.83 9.77
C TYR C 176 -3.09 -20.72 10.35
N PHE C 177 -3.99 -21.19 9.51
CA PHE C 177 -5.08 -22.00 9.97
C PHE C 177 -4.96 -23.39 9.39
N ASN C 178 -4.86 -24.38 10.28
CA ASN C 178 -4.93 -25.79 9.88
C ASN C 178 -5.53 -26.66 10.99
N ARG C 179 -6.63 -27.36 10.70
CA ARG C 179 -7.22 -28.31 11.67
C ARG C 179 -7.28 -29.77 11.19
N ASP C 180 -6.36 -30.13 10.30
CA ASP C 180 -6.32 -31.49 9.79
C ASP C 180 -5.46 -32.24 10.79
N ALA C 181 -6.09 -33.10 11.58
CA ALA C 181 -5.42 -33.86 12.64
C ALA C 181 -6.09 -35.22 12.83
N GLY C 194 2.92 -28.37 13.30
CA GLY C 194 3.08 -28.06 14.72
C GLY C 194 3.43 -26.60 14.97
N LEU C 195 3.25 -26.17 16.21
CA LEU C 195 3.49 -24.77 16.59
C LEU C 195 4.98 -24.36 16.53
N PRO C 196 5.91 -25.27 16.93
CA PRO C 196 7.36 -25.03 16.81
C PRO C 196 7.80 -24.70 15.40
N ASP C 197 7.16 -25.31 14.41
CA ASP C 197 7.51 -25.10 13.00
C ASP C 197 7.33 -23.62 12.56
N ILE C 198 6.51 -22.85 13.28
CA ILE C 198 6.42 -21.40 13.01
C ILE C 198 7.02 -20.54 14.13
N GLY C 199 7.05 -21.04 15.37
CA GLY C 199 7.58 -20.30 16.53
C GLY C 199 9.05 -20.00 16.39
N VAL C 200 9.76 -20.90 15.72
CA VAL C 200 11.18 -20.69 15.49
C VAL C 200 11.53 -19.46 14.65
N TYR C 201 10.60 -18.99 13.82
CA TYR C 201 10.91 -17.93 12.86
C TYR C 201 11.05 -16.51 13.45
N PRO C 202 10.09 -16.07 14.28
CA PRO C 202 10.31 -14.81 14.97
C PRO C 202 11.58 -14.80 15.83
N VAL C 203 11.93 -15.94 16.40
CA VAL C 203 13.14 -16.07 17.22
C VAL C 203 14.43 -16.02 16.38
N MSE C 204 14.49 -16.83 15.33
CA MSE C 204 15.69 -16.86 14.48
C MSE C 204 15.90 -15.55 13.74
O MSE C 204 17.03 -15.10 13.59
CB MSE C 204 15.61 -18.02 13.49
CG MSE C 204 16.71 -17.99 12.43
SE MSE C 204 18.55 -18.01 13.20
CE MSE C 204 18.74 -19.94 13.56
N SER C 205 14.81 -14.95 13.24
CA SER C 205 14.95 -13.70 12.46
C SER C 205 15.42 -12.54 13.33
N THR C 206 14.96 -12.50 14.57
CA THR C 206 15.42 -11.48 15.53
C THR C 206 16.87 -11.68 15.94
N ARG C 207 17.25 -12.92 16.24
CA ARG C 207 18.60 -13.23 16.59
C ARG C 207 19.55 -12.91 15.44
N PHE C 208 19.16 -13.29 14.23
CA PHE C 208 19.95 -13.03 13.04
C PHE C 208 20.12 -11.54 12.77
N SER C 209 19.01 -10.80 12.85
CA SER C 209 19.06 -9.35 12.55
C SER C 209 19.83 -8.51 13.55
N THR C 210 19.92 -8.98 14.80
CA THR C 210 20.53 -8.21 15.89
C THR C 210 21.86 -8.76 16.38
N GLY C 211 22.10 -10.05 16.16
CA GLY C 211 23.28 -10.68 16.70
C GLY C 211 23.23 -10.88 18.21
N LYS C 212 22.05 -10.73 18.82
CA LYS C 212 21.91 -10.88 20.27
C LYS C 212 21.10 -12.13 20.65
N GLU C 213 21.17 -12.49 21.93
CA GLU C 213 20.40 -13.61 22.49
C GLU C 213 19.47 -13.09 23.59
N PRO C 214 18.29 -13.68 23.73
CA PRO C 214 17.44 -13.24 24.81
C PRO C 214 17.89 -13.82 26.13
N LEU C 215 17.65 -13.10 27.22
CA LEU C 215 18.03 -13.55 28.55
C LEU C 215 16.90 -14.23 29.28
N ARG C 216 15.67 -13.81 29.00
CA ARG C 216 14.52 -14.35 29.70
C ARG C 216 13.24 -14.16 28.90
N ILE C 217 12.23 -14.96 29.26
CA ILE C 217 11.01 -15.14 28.48
C ILE C 217 9.79 -15.14 29.39
N GLN C 218 8.74 -14.45 28.97
CA GLN C 218 7.39 -14.67 29.47
C GLN C 218 6.55 -15.23 28.32
N ALA C 219 5.79 -16.29 28.56
CA ALA C 219 4.95 -16.83 27.52
C ALA C 219 3.73 -17.49 28.05
N ASN C 220 2.74 -17.59 27.19
CA ASN C 220 1.46 -18.21 27.49
C ASN C 220 1.11 -19.03 26.26
N THR C 221 0.85 -20.32 26.46
CA THR C 221 0.58 -21.26 25.40
C THR C 221 -0.78 -21.96 25.65
N GLU C 222 -1.56 -22.14 24.59
CA GLU C 222 -2.86 -22.78 24.66
C GLU C 222 -2.83 -24.02 23.80
N ARG C 223 -3.59 -25.01 24.23
CA ARG C 223 -3.64 -26.30 23.59
C ARG C 223 -5.01 -26.54 22.96
N ASP C 224 -5.06 -27.43 21.97
CA ASP C 224 -6.33 -27.83 21.38
C ASP C 224 -7.16 -28.63 22.38
N PRO C 225 -8.43 -28.22 22.61
CA PRO C 225 -9.31 -28.92 23.56
C PRO C 225 -9.38 -30.42 23.32
N ASP C 226 -9.41 -30.84 22.05
CA ASP C 226 -9.52 -32.25 21.69
C ASP C 226 -8.17 -32.96 21.71
N PHE C 227 -7.31 -32.66 20.75
CA PHE C 227 -6.07 -33.42 20.58
C PHE C 227 -4.90 -32.99 21.46
N GLY C 228 -5.11 -31.95 22.25
CA GLY C 228 -4.14 -31.55 23.27
C GLY C 228 -2.83 -30.90 22.82
N THR C 229 -2.59 -30.77 21.51
CA THR C 229 -1.37 -30.14 21.00
C THR C 229 -1.41 -28.61 21.12
N ASP C 230 -0.24 -27.98 21.07
CA ASP C 230 -0.10 -26.53 21.22
C ASP C 230 -0.52 -25.85 19.94
N ILE C 231 -1.47 -24.92 20.02
CA ILE C 231 -2.03 -24.23 18.84
C ILE C 231 -1.87 -22.71 18.89
N TYR C 232 -1.38 -22.19 20.01
CA TYR C 232 -1.24 -20.76 20.19
C TYR C 232 -0.22 -20.48 21.26
N SER C 233 0.60 -19.47 21.01
CA SER C 233 1.58 -18.98 21.96
C SER C 233 1.82 -17.48 21.79
N SER C 234 1.73 -16.73 22.89
CA SER C 234 2.16 -15.37 22.96
C SER C 234 3.42 -15.26 23.81
N VAL C 235 4.43 -14.59 23.26
CA VAL C 235 5.77 -14.60 23.78
C VAL C 235 6.32 -13.18 23.92
N LYS C 236 6.99 -12.92 25.04
CA LYS C 236 7.82 -11.73 25.17
C LYS C 236 9.22 -12.19 25.62
N ALA C 237 10.25 -11.74 24.89
CA ALA C 237 11.63 -12.11 25.15
C ALA C 237 12.43 -10.84 25.43
N ASP C 238 13.13 -10.85 26.54
CA ASP C 238 13.92 -9.73 26.98
C ASP C 238 15.33 -9.90 26.46
N PHE C 239 15.73 -9.03 25.54
CA PHE C 239 17.10 -9.05 25.02
C PHE C 239 17.93 -7.97 25.71
N ASP C 240 17.47 -7.47 26.85
CA ASP C 240 18.21 -6.48 27.67
C ASP C 240 18.02 -5.07 27.10
N ASP C 241 18.63 -4.79 25.95
CA ASP C 241 18.49 -3.48 25.31
C ASP C 241 17.16 -3.30 24.61
N PHE C 242 16.49 -4.41 24.27
CA PHE C 242 15.19 -4.36 23.63
C PHE C 242 14.38 -5.58 23.98
N GLU C 243 13.09 -5.52 23.70
CA GLU C 243 12.22 -6.68 23.85
C GLU C 243 11.68 -7.12 22.50
N LEU C 244 11.51 -8.42 22.36
CA LEU C 244 10.78 -9.03 21.26
C LEU C 244 9.41 -9.53 21.76
N SER C 245 8.33 -9.14 21.12
CA SER C 245 7.01 -9.68 21.42
C SER C 245 6.38 -10.22 20.15
N PHE C 246 5.76 -11.38 20.24
CA PHE C 246 5.09 -11.97 19.08
C PHE C 246 4.09 -13.00 19.54
N TYR C 247 3.25 -13.40 18.61
CA TYR C 247 2.41 -14.57 18.82
C TYR C 247 2.43 -15.42 17.57
N VAL C 248 2.20 -16.72 17.79
CA VAL C 248 2.06 -17.69 16.74
C VAL C 248 0.86 -18.57 17.01
N SER C 249 0.28 -19.10 15.94
CA SER C 249 -0.87 -19.97 16.05
C SER C 249 -1.05 -20.81 14.78
N THR C 250 -1.54 -22.03 14.96
CA THR C 250 -1.93 -22.89 13.85
C THR C 250 -3.44 -22.89 13.65
N GLN C 251 -4.16 -22.06 14.40
CA GLN C 251 -5.61 -21.98 14.25
C GLN C 251 -6.10 -20.52 14.17
N MSE C 252 -5.39 -19.70 13.44
CA MSE C 252 -5.83 -18.30 13.19
C MSE C 252 -5.66 -17.95 11.73
O MSE C 252 -4.95 -18.61 10.97
CB MSE C 252 -5.03 -17.36 14.12
CG MSE C 252 -5.39 -17.56 15.60
SE MSE C 252 -4.29 -16.43 16.78
CE MSE C 252 -5.01 -14.69 16.16
N ALA C 253 -6.29 -16.85 11.30
CA ALA C 253 -6.14 -16.39 9.93
C ALA C 253 -4.67 -16.18 9.62
N ASN C 254 -4.30 -16.45 8.39
CA ASN C 254 -2.92 -16.31 7.95
C ASN C 254 -2.43 -14.89 8.13
N ARG C 255 -1.29 -14.71 8.76
CA ARG C 255 -0.68 -13.41 8.91
C ARG C 255 0.79 -13.62 9.16
N GLN C 256 1.64 -12.74 8.67
CA GLN C 256 3.03 -12.69 9.06
C GLN C 256 3.55 -11.27 8.92
N ILE C 257 4.31 -10.84 9.92
CA ILE C 257 4.92 -9.52 9.95
C ILE C 257 6.04 -9.48 10.97
N MSE C 258 7.04 -8.65 10.72
CA MSE C 258 8.06 -8.35 11.74
C MSE C 258 8.39 -6.86 11.62
O MSE C 258 8.59 -6.36 10.52
CB MSE C 258 9.38 -9.12 11.55
CG MSE C 258 9.28 -10.63 11.73
SE MSE C 258 8.94 -11.09 13.62
CE MSE C 258 10.77 -10.77 14.32
N VAL C 259 8.48 -6.18 12.76
CA VAL C 259 8.83 -4.77 12.80
C VAL C 259 9.93 -4.57 13.83
N PHE C 260 11.03 -3.95 13.40
CA PHE C 260 12.18 -3.63 14.23
C PHE C 260 12.11 -2.13 14.46
N HIS C 261 11.85 -1.75 15.71
CA HIS C 261 11.49 -0.42 16.07
C HIS C 261 12.53 0.19 17.00
N GLY C 262 13.13 1.29 16.57
CA GLY C 262 14.13 1.99 17.35
C GLY C 262 13.82 3.44 17.68
N THR C 263 14.82 4.10 18.25
CA THR C 263 14.71 5.48 18.68
C THR C 263 14.65 6.45 17.49
N ASN C 264 15.16 6.05 16.33
CA ASN C 264 15.24 6.94 15.19
C ASN C 264 14.52 6.46 13.94
N GLY C 265 13.85 5.32 14.04
CA GLY C 265 13.11 4.81 12.90
C GLY C 265 12.52 3.46 13.20
N TYR C 266 11.83 2.88 12.21
CA TYR C 266 11.48 1.48 12.26
C TYR C 266 11.59 0.81 10.88
N ILE C 267 11.81 -0.50 10.91
CA ILE C 267 11.88 -1.31 9.72
C ILE C 267 10.72 -2.28 9.78
N GLU C 268 9.84 -2.21 8.78
CA GLU C 268 8.74 -3.13 8.63
C GLU C 268 9.04 -4.10 7.51
N VAL C 269 9.10 -5.39 7.85
CA VAL C 269 9.31 -6.45 6.90
C VAL C 269 7.94 -7.00 6.47
N LYS C 270 7.66 -6.77 5.22
CA LYS C 270 6.38 -7.18 4.70
CA LYS C 270 6.40 -7.14 4.67
C LYS C 270 5.87 -8.70 4.57
N SER C 271 6.97 -9.36 4.15
CA SER C 271 6.77 -10.76 3.85
C SER C 271 7.89 -11.56 4.46
N PRO C 272 7.97 -11.57 5.79
CA PRO C 272 9.20 -11.98 6.49
C PRO C 272 9.64 -13.43 6.29
N PHE C 273 8.68 -14.36 6.25
CA PHE C 273 9.03 -15.76 6.37
C PHE C 273 8.78 -16.51 5.06
N ASN C 274 7.56 -16.47 4.54
CA ASN C 274 7.30 -17.14 3.27
C ASN C 274 7.56 -16.27 2.04
N ALA C 275 8.00 -15.04 2.27
CA ALA C 275 8.49 -14.17 1.20
C ALA C 275 7.49 -14.07 0.03
N ASN C 276 7.88 -14.40 -1.20
CA ASN C 276 7.02 -14.30 -2.38
C ASN C 276 5.75 -15.14 -2.29
N ARG C 277 5.73 -16.18 -1.48
CA ARG C 277 4.49 -16.95 -1.29
C ARG C 277 3.50 -16.21 -0.43
N TRP C 278 3.96 -15.17 0.28
CA TRP C 278 3.07 -14.34 1.09
C TRP C 278 2.74 -12.99 0.44
N GLY C 279 3.74 -12.30 -0.08
CA GLY C 279 3.53 -10.93 -0.58
C GLY C 279 4.79 -10.33 -1.17
N PRO C 280 4.85 -8.99 -1.26
CA PRO C 280 6.04 -8.36 -1.81
C PRO C 280 7.29 -8.56 -0.95
N GLU C 281 8.40 -8.81 -1.62
CA GLU C 281 9.67 -9.06 -0.96
C GLU C 281 10.32 -7.68 -0.77
N GLU C 282 9.89 -6.97 0.26
CA GLU C 282 10.33 -5.62 0.47
C GLU C 282 10.29 -5.23 1.94
N ILE C 283 11.03 -4.18 2.27
CA ILE C 283 10.97 -3.59 3.58
C ILE C 283 10.72 -2.08 3.47
N GLU C 284 10.11 -1.53 4.52
CA GLU C 284 9.96 -0.14 4.68
C GLU C 284 10.79 0.32 5.84
N LEU C 285 11.64 1.31 5.61
CA LEU C 285 12.36 2.03 6.67
C LEU C 285 11.67 3.42 6.86
N ALA C 286 11.02 3.61 8.01
CA ALA C 286 10.35 4.84 8.32
C ALA C 286 11.29 5.65 9.20
N ASP C 287 11.30 6.98 9.01
CA ASP C 287 12.14 7.83 9.85
C ASP C 287 11.45 8.13 11.17
N ARG C 288 12.05 8.94 12.03
CA ARG C 288 11.54 9.15 13.37
C ARG C 288 10.14 9.74 13.39
N SER C 289 9.90 10.71 12.52
CA SER C 289 8.63 11.42 12.47
C SER C 289 7.55 10.70 11.65
N HIS C 290 7.98 9.76 10.80
CA HIS C 290 7.11 9.14 9.80
C HIS C 290 6.78 10.03 8.58
N ASN C 291 7.37 11.21 8.49
CA ASN C 291 7.16 12.02 7.31
C ASN C 291 7.93 11.56 6.07
N GLU C 292 8.86 10.65 6.24
CA GLU C 292 9.54 10.07 5.12
C GLU C 292 9.84 8.59 5.40
N SER C 293 9.62 7.73 4.41
CA SER C 293 10.04 6.36 4.45
C SER C 293 10.83 6.04 3.19
N ARG C 294 11.64 4.99 3.26
CA ARG C 294 12.30 4.41 2.11
C ARG C 294 11.78 2.99 1.96
N ILE C 295 11.51 2.58 0.73
CA ILE C 295 11.10 1.23 0.43
C ILE C 295 12.24 0.58 -0.32
N PHE C 296 12.72 -0.56 0.18
CA PHE C 296 13.72 -1.35 -0.48
C PHE C 296 13.08 -2.62 -1.00
N ARG C 297 13.19 -2.86 -2.29
CA ARG C 297 12.56 -4.03 -2.92
C ARG C 297 13.56 -5.08 -3.38
N PHE C 298 13.20 -6.35 -3.22
CA PHE C 298 14.05 -7.46 -3.59
C PHE C 298 13.22 -8.56 -4.25
N GLN C 299 12.41 -8.16 -5.22
CA GLN C 299 11.49 -9.07 -5.93
C GLN C 299 12.25 -10.23 -6.58
N ASP C 300 11.66 -11.42 -6.50
CA ASP C 300 12.17 -12.64 -7.11
C ASP C 300 13.58 -12.97 -6.61
N SER C 301 13.75 -12.86 -5.30
CA SER C 301 14.99 -13.20 -4.60
C SER C 301 15.31 -14.69 -4.60
N ARG C 302 14.28 -15.52 -4.69
CA ARG C 302 14.40 -16.98 -4.65
C ARG C 302 15.24 -17.47 -3.46
N GLN C 303 14.72 -17.29 -2.27
CA GLN C 303 15.48 -17.50 -1.06
C GLN C 303 15.91 -18.98 -0.85
N TYR C 304 15.11 -19.93 -1.32
CA TYR C 304 15.50 -21.34 -1.21
C TYR C 304 16.68 -21.67 -2.14
N ARG C 305 16.73 -21.00 -3.30
CA ARG C 305 17.85 -21.19 -4.20
C ARG C 305 19.11 -20.56 -3.60
N ARG C 306 18.96 -19.40 -2.97
CA ARG C 306 20.12 -18.75 -2.35
C ARG C 306 20.67 -19.64 -1.24
N GLU C 307 19.79 -20.31 -0.51
CA GLU C 307 20.18 -21.19 0.58
C GLU C 307 21.06 -22.34 0.13
N VAL C 308 20.63 -23.04 -0.92
CA VAL C 308 21.39 -24.17 -1.41
C VAL C 308 22.66 -23.72 -2.14
N GLU C 309 22.62 -22.55 -2.78
CA GLU C 309 23.83 -21.99 -3.39
C GLU C 309 24.88 -21.64 -2.32
N ALA C 310 24.45 -21.06 -1.20
CA ALA C 310 25.36 -20.75 -0.10
C ALA C 310 25.96 -22.03 0.48
N PHE C 311 25.12 -23.04 0.65
CA PHE C 311 25.56 -24.36 1.13
C PHE C 311 26.61 -25.00 0.20
N ALA C 312 26.35 -24.94 -1.11
CA ALA C 312 27.31 -25.47 -2.08
C ALA C 312 28.65 -24.72 -2.01
N ARG C 313 28.61 -23.40 -1.87
CA ARG C 313 29.84 -22.62 -1.70
C ARG C 313 30.56 -23.05 -0.41
N ALA C 314 29.80 -23.27 0.67
CA ALA C 314 30.40 -23.65 1.93
C ALA C 314 31.09 -25.02 1.81
N VAL C 315 30.46 -25.96 1.12
CA VAL C 315 31.07 -27.25 0.85
C VAL C 315 32.38 -27.08 0.07
N GLU C 316 32.39 -26.16 -0.89
CA GLU C 316 33.53 -26.02 -1.77
C GLU C 316 34.70 -25.23 -1.17
N ASN C 317 34.44 -24.24 -0.31
CA ASN C 317 35.51 -23.36 0.19
C ASN C 317 35.66 -23.25 1.71
N GLY C 318 34.66 -23.66 2.47
CA GLY C 318 34.71 -23.64 3.94
C GLY C 318 34.60 -22.27 4.62
N LYS C 319 34.26 -21.23 3.87
CA LYS C 319 34.26 -19.85 4.40
C LYS C 319 32.90 -19.16 4.35
N GLU C 320 32.01 -19.65 3.50
CA GLU C 320 30.67 -19.08 3.34
C GLU C 320 29.88 -19.09 4.65
N GLU C 321 29.23 -17.97 4.98
CA GLU C 321 28.31 -17.93 6.10
C GLU C 321 27.14 -18.90 5.83
N VAL C 322 27.07 -19.96 6.62
CA VAL C 322 25.93 -20.85 6.66
C VAL C 322 25.51 -20.98 8.10
N VAL C 323 24.23 -21.15 8.37
CA VAL C 323 23.76 -21.29 9.74
C VAL C 323 24.50 -22.46 10.45
N THR C 324 25.23 -22.15 11.52
CA THR C 324 26.01 -23.16 12.23
C THR C 324 25.12 -23.96 13.16
N LEU C 325 25.52 -25.20 13.45
CA LEU C 325 24.78 -26.00 14.41
C LEU C 325 24.81 -25.36 15.80
N GLU C 326 25.89 -24.66 16.10
CA GLU C 326 26.02 -23.98 17.38
C GLU C 326 24.93 -22.92 17.47
N ASN C 327 24.70 -22.23 16.36
CA ASN C 327 23.65 -21.25 16.28
C ASN C 327 22.26 -21.89 16.37
N SER C 328 22.07 -23.00 15.66
CA SER C 328 20.85 -23.79 15.77
C SER C 328 20.55 -24.16 17.24
N LYS C 329 21.58 -24.54 17.98
CA LYS C 329 21.41 -24.88 19.38
C LYS C 329 20.99 -23.68 20.22
N LEU C 330 21.61 -22.52 19.98
CA LEU C 330 21.22 -21.30 20.71
C LEU C 330 19.75 -20.97 20.44
N ASN C 331 19.33 -21.16 19.19
CA ASN C 331 17.95 -20.90 18.81
C ASN C 331 16.99 -21.82 19.55
N GLN C 332 17.36 -23.12 19.62
CA GLN C 332 16.52 -24.09 20.26
C GLN C 332 16.47 -23.86 21.77
N LYS C 333 17.55 -23.32 22.35
CA LYS C 333 17.51 -22.95 23.77
C LYS C 333 16.38 -21.96 24.06
N VAL C 334 16.14 -21.04 23.14
CA VAL C 334 15.06 -20.06 23.33
C VAL C 334 13.71 -20.78 23.30
N ILE C 335 13.51 -21.68 22.33
CA ILE C 335 12.26 -22.42 22.21
C ILE C 335 11.99 -23.26 23.45
N ASP C 336 13.06 -23.91 23.96
CA ASP C 336 12.95 -24.68 25.18
C ASP C 336 12.55 -23.79 26.36
N ALA C 337 13.14 -22.60 26.45
CA ALA C 337 12.77 -21.66 27.49
C ALA C 337 11.29 -21.22 27.36
N ILE C 338 10.80 -21.12 26.12
CA ILE C 338 9.40 -20.75 25.89
C ILE C 338 8.47 -21.85 26.43
N TYR C 339 8.79 -23.11 26.18
CA TYR C 339 8.03 -24.20 26.80
C TYR C 339 8.03 -24.05 28.32
N ARG C 340 9.20 -23.84 28.91
CA ARG C 340 9.28 -23.75 30.37
C ARG C 340 8.49 -22.53 30.88
N ALA C 341 8.64 -21.40 30.22
CA ALA C 341 7.89 -20.20 30.61
C ALA C 341 6.38 -20.39 30.58
N SER C 342 5.90 -21.19 29.62
CA SER C 342 4.47 -21.47 29.47
C SER C 342 3.85 -22.21 30.63
N GLU C 343 4.68 -22.81 31.48
CA GLU C 343 4.22 -23.50 32.67
C GLU C 343 4.31 -22.63 33.93
N LYS C 344 4.67 -21.35 33.80
CA LYS C 344 4.87 -20.48 34.96
C LYS C 344 4.17 -19.17 34.78
N ASP C 345 4.03 -18.42 35.86
CA ASP C 345 3.33 -17.15 35.82
C ASP C 345 4.22 -15.94 35.47
N GLY C 346 5.55 -16.08 35.60
CA GLY C 346 6.45 -14.93 35.36
C GLY C 346 7.57 -15.19 34.38
N TRP C 347 8.68 -14.48 34.54
CA TRP C 347 9.85 -14.64 33.68
C TRP C 347 10.53 -15.98 33.89
N GLU C 348 11.08 -16.53 32.80
CA GLU C 348 11.90 -17.75 32.84
C GLU C 348 13.24 -17.43 32.18
N ALA C 349 14.33 -17.68 32.88
CA ALA C 349 15.67 -17.45 32.32
C ALA C 349 15.90 -18.41 31.17
N VAL C 350 16.58 -17.95 30.12
CA VAL C 350 16.90 -18.79 28.96
C VAL C 350 18.09 -19.70 29.28
N SER D 22 3.43 -39.36 -18.31
CA SER D 22 4.51 -39.16 -19.32
C SER D 22 4.74 -37.66 -19.61
N MSE D 23 5.99 -37.23 -19.48
CA MSE D 23 6.35 -35.79 -19.58
C MSE D 23 6.57 -35.38 -21.02
O MSE D 23 7.24 -36.07 -21.77
CB MSE D 23 7.66 -35.49 -18.85
CG MSE D 23 7.72 -35.94 -17.39
SE MSE D 23 6.42 -34.94 -16.30
CE MSE D 23 5.46 -36.50 -15.53
N LEU D 24 6.02 -34.23 -21.40
CA LEU D 24 6.37 -33.61 -22.67
C LEU D 24 7.81 -33.13 -22.57
N ARG D 25 8.61 -33.50 -23.56
CA ARG D 25 10.04 -33.27 -23.52
C ARG D 25 10.40 -32.05 -24.36
N PHE D 26 10.97 -31.05 -23.70
CA PHE D 26 11.31 -29.76 -24.30
C PHE D 26 12.77 -29.71 -24.70
N GLY D 27 13.02 -29.11 -25.87
CA GLY D 27 14.34 -28.69 -26.29
C GLY D 27 14.38 -27.17 -26.30
N ILE D 28 15.51 -26.60 -25.88
CA ILE D 28 15.64 -25.14 -25.81
C ILE D 28 16.54 -24.67 -26.93
N ILE D 29 16.05 -23.77 -27.77
CA ILE D 29 16.86 -23.20 -28.83
C ILE D 29 17.61 -21.97 -28.33
N SER D 30 18.90 -22.15 -28.07
CA SER D 30 19.82 -21.12 -27.57
C SER D 30 19.79 -21.01 -26.04
N THR D 31 20.85 -20.42 -25.51
CA THR D 31 20.99 -20.16 -24.08
C THR D 31 20.57 -18.73 -23.72
N ALA D 32 19.55 -18.20 -24.40
CA ALA D 32 19.14 -16.83 -24.17
C ALA D 32 18.69 -16.66 -22.71
N LYS D 33 18.83 -15.42 -22.23
CA LYS D 33 18.66 -15.07 -20.82
C LYS D 33 17.24 -15.31 -20.32
N ILE D 34 16.25 -15.02 -21.14
CA ILE D 34 14.85 -15.27 -20.78
C ILE D 34 14.62 -16.75 -20.47
N GLY D 35 15.27 -17.62 -21.22
CA GLY D 35 15.21 -19.05 -20.95
C GLY D 35 15.90 -19.40 -19.65
N ARG D 36 17.14 -18.94 -19.48
CA ARG D 36 17.95 -19.25 -18.30
C ARG D 36 17.28 -18.76 -16.99
N ASP D 37 16.70 -17.55 -17.04
CA ASP D 37 16.19 -16.88 -15.84
C ASP D 37 14.75 -17.24 -15.46
N ASN D 38 13.95 -17.64 -16.44
CA ASN D 38 12.54 -17.86 -16.21
C ASN D 38 11.97 -19.17 -16.71
N VAL D 39 12.11 -19.43 -18.00
CA VAL D 39 11.35 -20.51 -18.62
C VAL D 39 11.94 -21.89 -18.34
N VAL D 40 13.26 -22.02 -18.42
CA VAL D 40 13.86 -23.33 -18.22
C VAL D 40 13.61 -23.86 -16.82
N PRO D 41 13.86 -23.05 -15.79
CA PRO D 41 13.52 -23.55 -14.46
C PRO D 41 12.04 -23.84 -14.27
N ALA D 42 11.17 -23.07 -14.92
CA ALA D 42 9.75 -23.31 -14.84
C ALA D 42 9.35 -24.63 -15.49
N ILE D 43 9.98 -25.00 -16.60
CA ILE D 43 9.68 -26.27 -17.23
C ILE D 43 10.11 -27.41 -16.30
N GLN D 44 11.28 -27.28 -15.66
CA GLN D 44 11.72 -28.32 -14.74
C GLN D 44 10.74 -28.41 -13.56
N ASP D 45 10.23 -27.28 -13.08
CA ASP D 45 9.27 -27.26 -11.98
C ASP D 45 7.90 -27.86 -12.42
N ALA D 46 7.57 -27.71 -13.69
CA ALA D 46 6.24 -28.04 -14.23
C ALA D 46 5.89 -29.51 -14.07
N GLU D 47 4.61 -29.80 -13.86
CA GLU D 47 4.17 -31.14 -13.53
C GLU D 47 4.13 -32.10 -14.69
N ASN D 48 3.92 -31.57 -15.89
CA ASN D 48 3.69 -32.42 -17.06
C ASN D 48 4.69 -32.19 -18.20
N CYS D 49 5.78 -31.49 -17.92
CA CYS D 49 6.90 -31.44 -18.86
C CYS D 49 8.26 -31.37 -18.19
N VAL D 50 9.28 -31.41 -19.02
CA VAL D 50 10.64 -31.47 -18.56
C VAL D 50 11.54 -31.02 -19.74
N VAL D 51 12.71 -30.44 -19.43
CA VAL D 51 13.68 -30.10 -20.46
C VAL D 51 14.65 -31.27 -20.63
N THR D 52 14.70 -31.85 -21.82
CA THR D 52 15.64 -32.94 -22.13
C THR D 52 16.87 -32.51 -22.94
N ALA D 53 16.81 -31.33 -23.57
CA ALA D 53 17.92 -30.87 -24.40
C ALA D 53 18.04 -29.34 -24.49
N ILE D 54 19.28 -28.88 -24.60
CA ILE D 54 19.58 -27.51 -24.91
C ILE D 54 20.51 -27.48 -26.12
N ALA D 55 20.28 -26.52 -27.01
CA ALA D 55 21.07 -26.40 -28.23
C ALA D 55 21.63 -25.00 -28.34
N SER D 56 22.87 -24.90 -28.76
CA SER D 56 23.53 -23.63 -29.02
C SER D 56 24.59 -23.83 -30.07
N ARG D 57 24.87 -22.77 -30.80
CA ARG D 57 25.93 -22.76 -31.76
C ARG D 57 27.18 -23.13 -31.01
N ASP D 58 27.24 -22.82 -29.72
CA ASP D 58 28.34 -23.14 -28.82
C ASP D 58 28.05 -24.35 -27.90
N LEU D 59 28.67 -25.47 -28.18
CA LEU D 59 28.42 -26.69 -27.42
C LEU D 59 28.76 -26.50 -25.98
N THR D 60 29.80 -25.74 -25.70
CA THR D 60 30.26 -25.56 -24.32
C THR D 60 29.23 -24.83 -23.48
N ARG D 61 28.68 -23.73 -24.02
CA ARG D 61 27.61 -22.98 -23.39
C ARG D 61 26.37 -23.84 -23.10
N ALA D 62 25.95 -24.61 -24.10
CA ALA D 62 24.79 -25.48 -24.00
C ALA D 62 24.97 -26.50 -22.88
N ARG D 63 26.16 -27.11 -22.84
CA ARG D 63 26.51 -28.15 -21.86
C ARG D 63 26.52 -27.58 -20.44
N GLU D 64 27.03 -26.37 -20.31
CA GLU D 64 27.05 -25.66 -19.04
C GLU D 64 25.66 -25.36 -18.48
N MSE D 65 24.77 -24.89 -19.35
CA MSE D 65 23.39 -24.64 -18.97
C MSE D 65 22.70 -25.94 -18.64
O MSE D 65 22.01 -26.06 -17.62
CB MSE D 65 22.67 -23.94 -20.11
CG MSE D 65 21.28 -23.53 -19.68
SE MSE D 65 20.51 -22.24 -20.97
CE MSE D 65 18.85 -23.15 -21.46
N ALA D 66 22.88 -26.94 -19.49
CA ALA D 66 22.31 -28.27 -19.25
C ALA D 66 22.72 -28.88 -17.91
N ASP D 67 24.02 -28.79 -17.60
CA ASP D 67 24.52 -29.27 -16.33
C ASP D 67 23.84 -28.56 -15.16
N ARG D 68 23.69 -27.24 -15.26
CA ARG D 68 23.07 -26.44 -14.19
C ARG D 68 21.63 -26.88 -13.86
N PHE D 69 20.86 -27.14 -14.90
CA PHE D 69 19.43 -27.34 -14.78
C PHE D 69 19.00 -28.81 -14.84
N SER D 70 19.97 -29.73 -14.76
CA SER D 70 19.69 -31.17 -14.74
C SER D 70 19.12 -31.66 -16.06
N VAL D 71 19.68 -31.17 -17.16
CA VAL D 71 19.22 -31.51 -18.51
C VAL D 71 20.19 -32.54 -19.10
N PRO D 72 19.67 -33.68 -19.58
CA PRO D 72 20.56 -34.76 -20.01
C PRO D 72 21.32 -34.52 -21.33
N HIS D 73 20.75 -33.76 -22.26
CA HIS D 73 21.37 -33.61 -23.58
C HIS D 73 21.71 -32.18 -23.92
N ALA D 74 22.86 -32.02 -24.57
CA ALA D 74 23.31 -30.73 -25.10
C ALA D 74 23.69 -30.93 -26.57
N PHE D 75 23.25 -30.04 -27.46
CA PHE D 75 23.56 -30.14 -28.89
C PHE D 75 24.32 -28.89 -29.37
N GLY D 76 25.16 -29.08 -30.38
CA GLY D 76 26.00 -28.02 -30.93
C GLY D 76 25.39 -27.26 -32.10
N SER D 77 24.16 -27.61 -32.45
CA SER D 77 23.41 -26.89 -33.47
C SER D 77 21.92 -27.10 -33.26
N TYR D 78 21.12 -26.14 -33.72
CA TYR D 78 19.67 -26.27 -33.60
C TYR D 78 19.18 -27.42 -34.45
N GLU D 79 19.76 -27.57 -35.65
CA GLU D 79 19.33 -28.57 -36.62
C GLU D 79 19.47 -29.98 -36.06
N GLU D 80 20.55 -30.22 -35.34
CA GLU D 80 20.81 -31.54 -34.78
C GLU D 80 19.78 -31.90 -33.71
N MSE D 81 19.44 -30.93 -32.86
CA MSE D 81 18.37 -31.15 -31.86
C MSE D 81 17.02 -31.38 -32.52
O MSE D 81 16.29 -32.28 -32.13
CB MSE D 81 18.27 -29.96 -30.89
CG MSE D 81 17.27 -30.27 -29.79
SE MSE D 81 17.30 -28.84 -28.43
CE MSE D 81 16.37 -27.41 -29.43
N LEU D 82 16.69 -30.59 -33.53
CA LEU D 82 15.42 -30.80 -34.24
C LEU D 82 15.31 -32.18 -34.88
N ALA D 83 16.42 -32.74 -35.36
CA ALA D 83 16.42 -34.05 -35.99
C ALA D 83 16.35 -35.18 -34.97
N SER D 84 16.60 -34.87 -33.70
CA SER D 84 16.65 -35.88 -32.66
C SER D 84 15.24 -36.30 -32.20
N ASP D 85 15.12 -37.52 -31.67
CA ASP D 85 13.87 -37.99 -31.06
C ASP D 85 13.84 -37.82 -29.53
N VAL D 86 14.83 -37.14 -28.96
CA VAL D 86 14.89 -36.93 -27.50
C VAL D 86 14.02 -35.76 -27.03
N ILE D 87 13.48 -34.97 -27.98
CA ILE D 87 12.52 -33.91 -27.68
C ILE D 87 11.20 -34.09 -28.45
N ASP D 88 10.11 -33.61 -27.85
CA ASP D 88 8.79 -33.55 -28.49
C ASP D 88 8.42 -32.13 -28.89
N ALA D 89 9.08 -31.14 -28.27
CA ALA D 89 8.68 -29.76 -28.39
C ALA D 89 9.89 -28.87 -28.20
N VAL D 90 9.81 -27.66 -28.72
CA VAL D 90 10.86 -26.68 -28.51
C VAL D 90 10.33 -25.37 -27.95
N TYR D 91 11.19 -24.72 -27.18
CA TYR D 91 10.99 -23.37 -26.72
C TYR D 91 12.00 -22.51 -27.45
N ILE D 92 11.55 -21.39 -27.98
CA ILE D 92 12.36 -20.52 -28.83
C ILE D 92 12.41 -19.09 -28.26
N PRO D 93 13.46 -18.78 -27.49
CA PRO D 93 13.69 -17.45 -26.95
C PRO D 93 14.72 -16.66 -27.73
N LEU D 94 14.81 -16.92 -29.03
CA LEU D 94 15.68 -16.18 -29.92
C LEU D 94 15.12 -14.76 -30.13
N PRO D 95 15.96 -13.86 -30.65
CA PRO D 95 15.45 -12.53 -31.06
C PRO D 95 14.34 -12.64 -32.12
N THR D 96 13.43 -11.66 -32.12
CA THR D 96 12.25 -11.67 -32.99
C THR D 96 12.58 -11.99 -34.44
N SER D 97 13.65 -11.38 -34.94
CA SER D 97 14.07 -11.59 -36.33
C SER D 97 14.33 -13.06 -36.68
N GLN D 98 14.49 -13.91 -35.67
CA GLN D 98 14.77 -15.34 -35.90
C GLN D 98 13.59 -16.26 -35.57
N HIS D 99 12.49 -15.70 -35.07
CA HIS D 99 11.34 -16.50 -34.66
C HIS D 99 10.68 -17.29 -35.78
N ILE D 100 10.39 -16.62 -36.89
CA ILE D 100 9.68 -17.27 -37.98
C ILE D 100 10.48 -18.47 -38.51
N GLU D 101 11.75 -18.23 -38.82
CA GLU D 101 12.61 -19.26 -39.39
C GLU D 101 12.59 -20.53 -38.55
N TRP D 102 12.78 -20.37 -37.24
CA TRP D 102 12.96 -21.54 -36.39
C TRP D 102 11.65 -22.17 -35.92
N SER D 103 10.60 -21.38 -35.82
CA SER D 103 9.27 -21.92 -35.56
C SER D 103 8.87 -22.86 -36.68
N ILE D 104 9.11 -22.44 -37.93
CA ILE D 104 8.77 -23.24 -39.10
C ILE D 104 9.64 -24.50 -39.19
N LYS D 105 10.94 -24.36 -39.01
CA LYS D 105 11.84 -25.51 -39.06
C LYS D 105 11.52 -26.53 -37.97
N ALA D 106 11.15 -26.05 -36.78
CA ALA D 106 10.79 -26.95 -35.68
C ALA D 106 9.53 -27.74 -36.02
N ALA D 107 8.50 -27.06 -36.52
CA ALA D 107 7.27 -27.71 -36.95
C ALA D 107 7.50 -28.69 -38.10
N ASP D 108 8.30 -28.29 -39.09
CA ASP D 108 8.63 -29.18 -40.21
C ASP D 108 9.42 -30.41 -39.73
N ALA D 109 10.09 -30.32 -38.59
CA ALA D 109 10.75 -31.47 -37.97
C ALA D 109 9.81 -32.26 -37.06
N GLY D 110 8.53 -31.89 -37.06
CA GLY D 110 7.53 -32.59 -36.26
C GLY D 110 7.48 -32.21 -34.78
N LYS D 111 8.07 -31.07 -34.40
CA LYS D 111 8.06 -30.65 -33.01
C LYS D 111 6.99 -29.58 -32.77
N HIS D 112 6.38 -29.64 -31.60
CA HIS D 112 5.48 -28.58 -31.13
C HIS D 112 6.33 -27.38 -30.73
N VAL D 113 5.75 -26.18 -30.81
CA VAL D 113 6.52 -24.96 -30.68
C VAL D 113 5.90 -23.98 -29.68
N VAL D 114 6.69 -23.56 -28.71
CA VAL D 114 6.39 -22.37 -27.90
C VAL D 114 7.42 -21.33 -28.33
N CYS D 115 6.95 -20.27 -28.99
CA CYS D 115 7.83 -19.22 -29.47
C CYS D 115 7.61 -17.94 -28.67
N GLU D 116 8.71 -17.32 -28.26
CA GLU D 116 8.60 -16.07 -27.51
C GLU D 116 7.93 -14.94 -28.32
N LYS D 117 7.32 -14.03 -27.60
CA LYS D 117 6.75 -12.81 -28.18
C LYS D 117 7.86 -11.79 -28.42
N PRO D 118 7.64 -10.85 -29.34
CA PRO D 118 6.58 -10.92 -30.33
C PRO D 118 6.95 -11.97 -31.37
N LEU D 119 5.95 -12.68 -31.87
CA LEU D 119 6.18 -13.75 -32.80
C LEU D 119 6.83 -13.21 -34.07
N ALA D 120 6.31 -12.08 -34.58
CA ALA D 120 6.72 -11.55 -35.85
C ALA D 120 6.88 -10.03 -35.86
N LEU D 121 7.53 -9.54 -36.90
CA LEU D 121 7.76 -8.11 -37.14
C LEU D 121 6.54 -7.45 -37.81
N LYS D 122 5.77 -8.25 -38.53
CA LYS D 122 4.52 -7.76 -39.07
C LYS D 122 3.53 -8.88 -39.28
N ALA D 123 2.26 -8.52 -39.29
CA ALA D 123 1.17 -9.49 -39.17
C ALA D 123 1.21 -10.54 -40.25
N GLY D 124 1.44 -10.08 -41.48
CA GLY D 124 1.46 -10.96 -42.65
C GLY D 124 2.44 -12.12 -42.53
N ASP D 125 3.51 -11.93 -41.76
CA ASP D 125 4.54 -12.95 -41.58
C ASP D 125 4.04 -14.20 -40.86
N ILE D 126 2.96 -14.05 -40.11
CA ILE D 126 2.39 -15.15 -39.32
C ILE D 126 1.66 -16.19 -40.20
N ASP D 127 1.26 -15.83 -41.42
CA ASP D 127 0.60 -16.80 -42.33
C ASP D 127 1.46 -18.03 -42.55
N ALA D 128 2.77 -17.85 -42.73
CA ALA D 128 3.67 -18.98 -42.96
C ALA D 128 3.81 -19.88 -41.74
N VAL D 129 3.66 -19.31 -40.56
CA VAL D 129 3.72 -20.10 -39.33
C VAL D 129 2.43 -20.90 -39.15
N ILE D 130 1.30 -20.27 -39.46
CA ILE D 130 0.02 -20.97 -39.53
C ILE D 130 0.08 -22.14 -40.51
N ALA D 131 0.66 -21.91 -41.68
CA ALA D 131 0.78 -22.97 -42.67
C ALA D 131 1.63 -24.13 -42.11
N ALA D 132 2.68 -23.80 -41.39
CA ALA D 132 3.55 -24.84 -40.82
C ALA D 132 2.85 -25.63 -39.72
N ARG D 133 2.05 -24.94 -38.90
CA ARG D 133 1.28 -25.57 -37.84
C ARG D 133 0.33 -26.61 -38.45
N ASP D 134 -0.44 -26.17 -39.44
CA ASP D 134 -1.50 -27.00 -40.03
C ASP D 134 -0.95 -28.14 -40.85
N ARG D 135 0.10 -27.90 -41.61
CA ARG D 135 0.72 -28.94 -42.41
C ARG D 135 1.38 -30.02 -41.60
N ASN D 136 1.95 -29.66 -40.48
CA ASN D 136 2.64 -30.66 -39.65
C ASN D 136 1.77 -31.22 -38.51
N LYS D 137 0.57 -30.65 -38.35
CA LYS D 137 -0.34 -31.03 -37.26
C LYS D 137 0.36 -31.01 -35.88
N VAL D 138 1.04 -29.91 -35.60
CA VAL D 138 1.65 -29.68 -34.29
C VAL D 138 1.04 -28.42 -33.68
N VAL D 139 1.11 -28.32 -32.35
CA VAL D 139 0.71 -27.14 -31.61
C VAL D 139 1.82 -26.12 -31.72
N VAL D 140 1.45 -24.91 -32.15
CA VAL D 140 2.37 -23.79 -32.25
C VAL D 140 1.73 -22.57 -31.58
N THR D 141 2.42 -21.97 -30.63
CA THR D 141 1.84 -20.85 -29.88
C THR D 141 2.87 -19.79 -29.50
N GLU D 142 2.43 -18.53 -29.48
CA GLU D 142 3.24 -17.41 -29.03
C GLU D 142 3.18 -17.33 -27.50
N ALA D 143 4.32 -17.15 -26.86
CA ALA D 143 4.43 -17.31 -25.41
C ALA D 143 3.92 -16.17 -24.51
N TYR D 144 2.64 -15.85 -24.59
CA TYR D 144 2.06 -14.82 -23.72
C TYR D 144 1.69 -15.43 -22.37
N MSE D 145 2.72 -15.58 -21.53
CA MSE D 145 2.59 -16.21 -20.21
C MSE D 145 1.50 -15.59 -19.38
O MSE D 145 0.77 -16.28 -18.67
CB MSE D 145 3.93 -16.20 -19.48
CG MSE D 145 4.34 -14.84 -18.91
SE MSE D 145 4.74 -13.48 -20.27
CE MSE D 145 5.60 -12.30 -19.02
N ILE D 146 1.31 -14.27 -19.51
CA ILE D 146 0.26 -13.57 -18.73
C ILE D 146 -1.14 -14.14 -18.90
N THR D 147 -1.46 -14.66 -20.07
CA THR D 147 -2.80 -15.16 -20.34
C THR D 147 -3.08 -16.45 -19.59
N TYR D 148 -2.04 -17.09 -19.03
CA TYR D 148 -2.24 -18.27 -18.18
C TYR D 148 -2.19 -17.95 -16.68
N SER D 149 -2.02 -16.67 -16.34
CA SER D 149 -1.96 -16.27 -14.93
C SER D 149 -3.35 -16.13 -14.32
N PRO D 150 -3.51 -16.58 -13.07
CA PRO D 150 -4.77 -16.36 -12.35
C PRO D 150 -5.14 -14.88 -12.23
N VAL D 151 -4.14 -14.03 -12.18
CA VAL D 151 -4.37 -12.58 -12.14
C VAL D 151 -5.17 -12.15 -13.36
N TRP D 152 -4.69 -12.50 -14.55
CA TRP D 152 -5.37 -12.04 -15.77
C TRP D 152 -6.67 -12.77 -16.03
N GLN D 153 -6.74 -14.03 -15.65
CA GLN D 153 -8.02 -14.73 -15.69
C GLN D 153 -9.05 -14.07 -14.78
N LYS D 154 -8.63 -13.53 -13.64
CA LYS D 154 -9.55 -12.90 -12.71
C LYS D 154 -9.99 -11.51 -13.25
N VAL D 155 -9.08 -10.78 -13.86
CA VAL D 155 -9.46 -9.52 -14.54
C VAL D 155 -10.54 -9.79 -15.59
N ARG D 156 -10.29 -10.77 -16.45
CA ARG D 156 -11.23 -11.14 -17.50
C ARG D 156 -12.58 -11.58 -16.93
N SER D 157 -12.60 -12.46 -15.92
CA SER D 157 -13.89 -12.90 -15.35
C SER D 157 -14.64 -11.76 -14.66
N LEU D 158 -13.93 -10.90 -13.94
CA LEU D 158 -14.57 -9.79 -13.21
C LEU D 158 -15.26 -8.83 -14.17
N ILE D 159 -14.57 -8.52 -15.26
CA ILE D 159 -15.17 -7.65 -16.28
C ILE D 159 -16.41 -8.34 -16.86
N ASP D 160 -16.28 -9.63 -17.15
CA ASP D 160 -17.35 -10.41 -17.77
C ASP D 160 -18.55 -10.58 -16.84
N GLU D 161 -18.31 -10.58 -15.54
CA GLU D 161 -19.36 -10.67 -14.52
C GLU D 161 -20.04 -9.35 -14.17
N GLY D 162 -19.60 -8.26 -14.75
CA GLY D 162 -20.22 -6.96 -14.48
C GLY D 162 -19.63 -6.22 -13.30
N ALA D 163 -18.49 -6.68 -12.77
CA ALA D 163 -17.94 -6.08 -11.57
C ALA D 163 -17.54 -4.60 -11.70
N ILE D 164 -17.21 -4.14 -12.90
CA ILE D 164 -16.93 -2.69 -13.09
C ILE D 164 -18.01 -1.95 -13.88
N GLY D 165 -19.15 -2.59 -14.08
CA GLY D 165 -20.20 -2.04 -14.95
C GLY D 165 -19.70 -2.08 -16.37
N SER D 166 -19.99 -1.03 -17.12
CA SER D 166 -19.53 -0.92 -18.50
CA SER D 166 -19.56 -0.88 -18.50
C SER D 166 -18.13 -0.35 -18.53
N LEU D 167 -17.21 -1.08 -19.17
CA LEU D 167 -15.83 -0.65 -19.35
C LEU D 167 -15.81 0.57 -20.24
N ARG D 168 -15.11 1.63 -19.82
CA ARG D 168 -15.03 2.87 -20.61
C ARG D 168 -13.60 3.32 -20.94
N HIS D 169 -12.65 2.98 -20.11
CA HIS D 169 -11.30 3.36 -20.39
C HIS D 169 -10.33 2.35 -19.78
N VAL D 170 -9.29 2.02 -20.52
CA VAL D 170 -8.17 1.21 -20.00
C VAL D 170 -6.92 2.04 -20.10
N GLN D 171 -6.27 2.28 -18.97
CA GLN D 171 -5.08 3.12 -18.95
C GLN D 171 -3.90 2.34 -18.39
N GLY D 172 -2.73 2.48 -19.02
CA GLY D 172 -1.54 1.78 -18.52
C GLY D 172 -0.23 2.29 -19.05
N ALA D 173 0.82 1.56 -18.70
CA ALA D 173 2.17 1.95 -19.05
C ALA D 173 3.09 0.73 -18.90
N PHE D 174 4.14 0.71 -19.71
CA PHE D 174 5.20 -0.29 -19.57
C PHE D 174 6.50 0.30 -20.07
N THR D 175 7.40 0.57 -19.14
CA THR D 175 8.66 1.20 -19.44
C THR D 175 9.81 0.53 -18.70
N TYR D 176 11.00 0.61 -19.29
CA TYR D 176 12.24 0.33 -18.60
C TYR D 176 13.37 1.11 -19.25
N PHE D 177 14.55 1.05 -18.63
CA PHE D 177 15.67 1.82 -19.09
C PHE D 177 16.77 0.90 -19.60
N ASN D 178 17.09 1.03 -20.88
CA ASN D 178 18.24 0.31 -21.46
C ASN D 178 18.86 1.12 -22.60
N ARG D 179 20.12 1.50 -22.47
CA ARG D 179 20.81 2.26 -23.55
C ARG D 179 21.99 1.56 -24.22
N ASP D 180 21.88 0.25 -24.36
CA ASP D 180 22.63 -0.42 -25.44
C ASP D 180 21.89 -1.61 -26.08
N GLY D 194 14.03 -4.00 -27.93
CA GLY D 194 13.23 -3.11 -28.78
C GLY D 194 11.91 -2.68 -28.16
N LEU D 195 11.29 -1.64 -28.74
CA LEU D 195 10.04 -1.09 -28.24
C LEU D 195 8.82 -2.06 -28.42
N PRO D 196 8.72 -2.79 -29.57
CA PRO D 196 7.70 -3.83 -29.76
C PRO D 196 7.67 -4.90 -28.65
N ASP D 197 8.84 -5.24 -28.11
CA ASP D 197 8.92 -6.25 -27.05
CA ASP D 197 8.99 -6.22 -27.01
C ASP D 197 8.12 -5.89 -25.79
N ILE D 198 7.83 -4.61 -25.60
CA ILE D 198 6.97 -4.19 -24.48
C ILE D 198 5.62 -3.64 -24.95
N GLY D 199 5.57 -3.05 -26.14
CA GLY D 199 4.33 -2.46 -26.69
C GLY D 199 3.24 -3.48 -26.85
N VAL D 200 3.64 -4.72 -27.13
CA VAL D 200 2.67 -5.79 -27.31
C VAL D 200 1.85 -6.09 -26.06
N TYR D 201 2.37 -5.78 -24.88
CA TYR D 201 1.74 -6.23 -23.64
C TYR D 201 0.45 -5.47 -23.26
N PRO D 202 0.48 -4.13 -23.30
CA PRO D 202 -0.78 -3.40 -23.10
C PRO D 202 -1.86 -3.82 -24.11
N VAL D 203 -1.45 -4.12 -25.34
CA VAL D 203 -2.38 -4.50 -26.40
C VAL D 203 -2.95 -5.89 -26.16
N MSE D 204 -2.08 -6.86 -25.90
CA MSE D 204 -2.55 -8.26 -25.70
C MSE D 204 -3.36 -8.38 -24.44
O MSE D 204 -4.37 -9.10 -24.43
CB MSE D 204 -1.35 -9.21 -25.65
CG MSE D 204 -1.73 -10.64 -25.22
SE MSE D 204 -3.15 -11.47 -26.38
CE MSE D 204 -1.99 -12.08 -27.86
N SER D 205 -2.95 -7.73 -23.37
CA SER D 205 -3.68 -7.86 -22.11
C SER D 205 -5.07 -7.25 -22.19
N THR D 206 -5.20 -6.12 -22.91
CA THR D 206 -6.53 -5.51 -23.13
C THR D 206 -7.42 -6.36 -24.03
N ARG D 207 -6.87 -6.87 -25.13
CA ARG D 207 -7.62 -7.76 -26.01
C ARG D 207 -8.06 -9.05 -25.28
N PHE D 208 -7.16 -9.64 -24.51
CA PHE D 208 -7.47 -10.82 -23.70
C PHE D 208 -8.56 -10.55 -22.66
N SER D 209 -8.43 -9.45 -21.94
CA SER D 209 -9.36 -9.15 -20.84
C SER D 209 -10.78 -8.81 -21.30
N THR D 210 -10.90 -8.31 -22.54
CA THR D 210 -12.16 -7.79 -23.04
C THR D 210 -12.77 -8.62 -24.17
N GLY D 211 -11.94 -9.39 -24.87
CA GLY D 211 -12.39 -10.10 -26.05
C GLY D 211 -12.71 -9.20 -27.24
N LYS D 212 -12.27 -7.95 -27.21
CA LYS D 212 -12.55 -7.00 -28.28
C LYS D 212 -11.27 -6.62 -29.05
N GLU D 213 -11.46 -6.04 -30.23
CA GLU D 213 -10.37 -5.59 -31.09
C GLU D 213 -10.51 -4.09 -31.30
N PRO D 214 -9.38 -3.35 -31.35
CA PRO D 214 -9.51 -1.91 -31.60
C PRO D 214 -9.80 -1.65 -33.06
N LEU D 215 -10.52 -0.57 -33.35
CA LEU D 215 -10.88 -0.19 -34.71
C LEU D 215 -9.91 0.82 -35.29
N ARG D 216 -9.36 1.69 -34.44
CA ARG D 216 -8.48 2.74 -34.92
C ARG D 216 -7.55 3.23 -33.82
N ILE D 217 -6.46 3.87 -34.25
CA ILE D 217 -5.33 4.20 -33.38
C ILE D 217 -4.86 5.64 -33.67
N GLN D 218 -4.54 6.38 -32.61
CA GLN D 218 -3.70 7.55 -32.68
C GLN D 218 -2.41 7.25 -31.92
N ALA D 219 -1.26 7.55 -32.51
CA ALA D 219 -0.01 7.34 -31.80
C ALA D 219 1.07 8.31 -32.23
N ASN D 220 2.04 8.46 -31.33
CA ASN D 220 3.18 9.31 -31.53
C ASN D 220 4.38 8.53 -31.04
N THR D 221 5.38 8.37 -31.90
CA THR D 221 6.57 7.55 -31.59
C THR D 221 7.81 8.43 -31.76
N GLU D 222 8.77 8.28 -30.86
CA GLU D 222 10.04 8.98 -30.92
C GLU D 222 11.16 7.98 -31.10
N ARG D 223 12.16 8.40 -31.83
CA ARG D 223 13.33 7.58 -32.15
C ARG D 223 14.58 8.10 -31.45
N ASP D 224 15.58 7.21 -31.24
CA ASP D 224 16.85 7.60 -30.63
C ASP D 224 17.63 8.49 -31.61
N PRO D 225 18.07 9.69 -31.15
CA PRO D 225 18.79 10.63 -32.01
C PRO D 225 19.95 10.00 -32.77
N ASP D 226 20.69 9.11 -32.10
CA ASP D 226 21.86 8.47 -32.71
C ASP D 226 21.50 7.26 -33.57
N PHE D 227 21.12 6.15 -32.93
CA PHE D 227 20.97 4.87 -33.69
C PHE D 227 19.55 4.70 -34.29
N GLY D 228 18.69 5.71 -34.15
CA GLY D 228 17.44 5.79 -34.95
C GLY D 228 16.30 4.83 -34.61
N THR D 229 16.47 3.93 -33.65
CA THR D 229 15.42 3.00 -33.26
C THR D 229 14.33 3.67 -32.39
N ASP D 230 13.17 3.03 -32.33
CA ASP D 230 12.01 3.58 -31.59
C ASP D 230 12.22 3.36 -30.10
N ILE D 231 12.17 4.43 -29.31
CA ILE D 231 12.42 4.35 -27.86
C ILE D 231 11.25 4.81 -27.00
N TYR D 232 10.21 5.34 -27.64
CA TYR D 232 9.04 5.87 -26.92
C TYR D 232 7.84 5.91 -27.84
N SER D 233 6.70 5.53 -27.30
CA SER D 233 5.44 5.58 -28.01
C SER D 233 4.31 5.84 -27.04
N SER D 234 3.48 6.85 -27.38
CA SER D 234 2.20 7.07 -26.72
C SER D 234 1.05 6.72 -27.66
N VAL D 235 0.12 5.93 -27.16
CA VAL D 235 -0.92 5.28 -27.98
C VAL D 235 -2.32 5.47 -27.40
N LYS D 236 -3.28 5.79 -28.26
CA LYS D 236 -4.68 5.69 -27.89
C LYS D 236 -5.39 4.81 -28.92
N ALA D 237 -6.10 3.81 -28.44
CA ALA D 237 -6.79 2.86 -29.30
C ALA D 237 -8.27 2.92 -29.01
N ASP D 238 -9.06 3.07 -30.05
CA ASP D 238 -10.50 3.15 -29.94
C ASP D 238 -11.10 1.75 -30.12
N PHE D 239 -11.66 1.21 -29.05
CA PHE D 239 -12.35 -0.08 -29.11
C PHE D 239 -13.86 0.11 -29.22
N ASP D 240 -14.29 1.31 -29.61
CA ASP D 240 -15.70 1.62 -29.80
C ASP D 240 -16.40 1.92 -28.47
N ASP D 241 -16.59 0.90 -27.65
CA ASP D 241 -17.24 1.08 -26.34
C ASP D 241 -16.31 1.66 -25.29
N PHE D 242 -14.99 1.53 -25.50
CA PHE D 242 -14.01 2.09 -24.59
C PHE D 242 -12.75 2.46 -25.37
N GLU D 243 -11.88 3.22 -24.72
CA GLU D 243 -10.56 3.54 -25.24
C GLU D 243 -9.47 2.96 -24.36
N LEU D 244 -8.39 2.53 -24.99
CA LEU D 244 -7.17 2.14 -24.35
C LEU D 244 -6.14 3.24 -24.57
N SER D 245 -5.53 3.71 -23.50
CA SER D 245 -4.42 4.66 -23.62
C SER D 245 -3.23 4.13 -22.85
N PHE D 246 -2.05 4.23 -23.44
CA PHE D 246 -0.84 3.82 -22.76
C PHE D 246 0.39 4.42 -23.39
N TYR D 247 1.52 4.30 -22.70
CA TYR D 247 2.80 4.62 -23.29
C TYR D 247 3.79 3.53 -22.92
N VAL D 248 4.78 3.37 -23.79
CA VAL D 248 5.90 2.50 -23.58
C VAL D 248 7.19 3.21 -23.93
N SER D 249 8.28 2.77 -23.31
CA SER D 249 9.58 3.35 -23.56
C SER D 249 10.70 2.42 -23.09
N THR D 250 11.81 2.45 -23.82
CA THR D 250 13.02 1.72 -23.43
C THR D 250 14.05 2.65 -22.83
N GLN D 251 13.68 3.92 -22.61
CA GLN D 251 14.59 4.88 -21.99
C GLN D 251 13.92 5.68 -20.86
N MSE D 252 13.14 5.02 -20.02
CA MSE D 252 12.50 5.67 -18.88
C MSE D 252 12.60 4.79 -17.66
O MSE D 252 12.87 3.57 -17.76
CB MSE D 252 11.03 6.02 -19.23
CG MSE D 252 10.92 7.12 -20.30
SE MSE D 252 9.04 7.49 -20.81
CE MSE D 252 8.47 8.17 -19.07
N ALA D 253 12.39 5.37 -16.49
CA ALA D 253 12.39 4.59 -15.25
C ALA D 253 11.40 3.44 -15.36
N ASN D 254 11.74 2.31 -14.76
CA ASN D 254 10.91 1.13 -14.81
C ASN D 254 9.54 1.42 -14.24
N ARG D 255 8.51 1.02 -14.96
CA ARG D 255 7.15 1.14 -14.48
C ARG D 255 6.25 0.17 -15.24
N GLN D 256 5.26 -0.40 -14.57
CA GLN D 256 4.22 -1.11 -15.26
C GLN D 256 2.93 -1.08 -14.48
N ILE D 257 1.83 -0.85 -15.19
CA ILE D 257 0.49 -0.78 -14.59
C ILE D 257 -0.57 -0.92 -15.66
N MSE D 258 -1.72 -1.48 -15.29
CA MSE D 258 -2.90 -1.48 -16.15
C MSE D 258 -4.10 -1.27 -15.24
O MSE D 258 -4.23 -1.92 -14.20
CB MSE D 258 -3.13 -2.82 -16.87
CG MSE D 258 -2.05 -3.19 -17.90
SE MSE D 258 -2.16 -1.96 -19.45
CE MSE D 258 -3.72 -2.71 -20.35
N VAL D 259 -5.00 -0.39 -15.66
CA VAL D 259 -6.24 -0.10 -14.96
C VAL D 259 -7.42 -0.21 -15.93
N PHE D 260 -8.41 -1.03 -15.59
CA PHE D 260 -9.61 -1.23 -16.36
C PHE D 260 -10.74 -0.52 -15.63
N HIS D 261 -11.26 0.54 -16.24
CA HIS D 261 -12.07 1.53 -15.53
C HIS D 261 -13.44 1.59 -16.16
N GLY D 262 -14.45 1.29 -15.35
CA GLY D 262 -15.83 1.31 -15.82
C GLY D 262 -16.75 2.22 -15.03
N THR D 263 -18.04 2.13 -15.38
CA THR D 263 -19.08 2.97 -14.83
C THR D 263 -19.38 2.63 -13.36
N ASN D 264 -19.05 1.40 -12.94
CA ASN D 264 -19.36 0.99 -11.59
C ASN D 264 -18.16 0.56 -10.75
N GLY D 265 -16.96 0.67 -11.29
CA GLY D 265 -15.77 0.33 -10.54
C GLY D 265 -14.54 0.41 -11.42
N TYR D 266 -13.37 0.07 -10.83
CA TYR D 266 -12.17 -0.13 -11.63
C TYR D 266 -11.31 -1.26 -11.07
N ILE D 267 -10.55 -1.85 -11.95
CA ILE D 267 -9.62 -2.94 -11.60
C ILE D 267 -8.22 -2.43 -11.86
N GLU D 268 -7.43 -2.35 -10.81
CA GLU D 268 -6.02 -2.02 -10.92
C GLU D 268 -5.16 -3.27 -10.79
N VAL D 269 -4.37 -3.54 -11.83
CA VAL D 269 -3.45 -4.66 -11.87
C VAL D 269 -2.08 -4.14 -11.46
N LYS D 270 -1.71 -4.61 -10.31
CA LYS D 270 -0.48 -4.15 -9.72
CA LYS D 270 -0.50 -4.18 -9.71
C LYS D 270 1.00 -4.45 -10.33
N SER D 271 0.97 -5.70 -10.82
CA SER D 271 2.18 -6.23 -11.42
C SER D 271 1.83 -6.93 -12.71
N PRO D 272 1.33 -6.18 -13.71
CA PRO D 272 0.66 -6.79 -14.85
C PRO D 272 1.48 -7.76 -15.72
N PHE D 273 2.76 -7.46 -15.95
CA PHE D 273 3.49 -8.11 -17.01
C PHE D 273 4.58 -9.01 -16.44
N ASN D 274 5.49 -8.47 -15.65
CA ASN D 274 6.54 -9.28 -15.04
C ASN D 274 6.15 -9.92 -13.70
N ALA D 275 4.92 -9.67 -13.27
CA ALA D 275 4.34 -10.35 -12.11
C ALA D 275 5.27 -10.29 -10.89
N ASN D 276 5.66 -11.46 -10.33
CA ASN D 276 6.47 -11.51 -9.13
C ASN D 276 7.84 -10.87 -9.27
N ARG D 277 8.34 -10.76 -10.49
CA ARG D 277 9.60 -10.04 -10.70
C ARG D 277 9.44 -8.53 -10.57
N TRP D 278 8.21 -8.03 -10.61
CA TRP D 278 7.93 -6.59 -10.44
C TRP D 278 7.39 -6.25 -9.04
N GLY D 279 6.42 -7.03 -8.56
CA GLY D 279 5.74 -6.72 -7.30
C GLY D 279 4.72 -7.76 -6.91
N PRO D 280 3.78 -7.40 -6.03
CA PRO D 280 2.75 -8.36 -5.65
C PRO D 280 1.83 -8.78 -6.81
N GLU D 281 1.52 -10.07 -6.82
CA GLU D 281 0.65 -10.67 -7.82
C GLU D 281 -0.79 -10.50 -7.36
N GLU D 282 -1.35 -9.30 -7.55
CA GLU D 282 -2.65 -8.99 -7.01
C GLU D 282 -3.37 -7.93 -7.82
N ILE D 283 -4.68 -7.88 -7.64
CA ILE D 283 -5.48 -6.85 -8.22
C ILE D 283 -6.38 -6.20 -7.19
N GLU D 284 -6.68 -4.92 -7.41
CA GLU D 284 -7.62 -4.21 -6.60
C GLU D 284 -8.85 -3.93 -7.42
N LEU D 285 -10.01 -4.29 -6.89
CA LEU D 285 -11.29 -3.93 -7.47
C LEU D 285 -11.91 -2.84 -6.58
N ALA D 286 -12.00 -1.62 -7.11
CA ALA D 286 -12.57 -0.51 -6.36
C ALA D 286 -14.02 -0.34 -6.78
N ASP D 287 -14.90 0.00 -5.85
CA ASP D 287 -16.33 0.24 -6.20
C ASP D 287 -16.52 1.66 -6.75
N ARG D 288 -17.77 2.02 -7.10
CA ARG D 288 -18.02 3.30 -7.75
C ARG D 288 -17.56 4.51 -6.94
N SER D 289 -17.81 4.50 -5.64
CA SER D 289 -17.47 5.61 -4.75
C SER D 289 -16.02 5.59 -4.25
N HIS D 290 -15.35 4.47 -4.37
CA HIS D 290 -14.04 4.23 -3.77
C HIS D 290 -14.06 4.03 -2.25
N ASN D 291 -15.22 3.96 -1.62
CA ASN D 291 -15.26 3.73 -0.19
C ASN D 291 -15.05 2.25 0.18
N GLU D 292 -15.06 1.38 -0.81
CA GLU D 292 -14.71 -0.01 -0.58
C GLU D 292 -13.98 -0.59 -1.77
N SER D 293 -12.89 -1.31 -1.51
CA SER D 293 -12.21 -2.08 -2.51
C SER D 293 -12.07 -3.54 -2.03
N ARG D 294 -11.88 -4.44 -2.98
CA ARG D 294 -11.51 -5.81 -2.72
C ARG D 294 -10.14 -6.04 -3.31
N ILE D 295 -9.28 -6.73 -2.57
CA ILE D 295 -7.95 -7.11 -3.06
C ILE D 295 -7.97 -8.61 -3.25
N PHE D 296 -7.62 -9.05 -4.46
CA PHE D 296 -7.53 -10.46 -4.77
C PHE D 296 -6.05 -10.79 -4.98
N ARG D 297 -5.55 -11.76 -4.25
CA ARG D 297 -4.12 -12.09 -4.26
C ARG D 297 -3.85 -13.47 -4.83
N PHE D 298 -2.79 -13.56 -5.64
CA PHE D 298 -2.43 -14.80 -6.33
C PHE D 298 -0.92 -15.04 -6.23
N GLN D 299 -0.40 -14.89 -5.02
CA GLN D 299 1.05 -14.99 -4.77
C GLN D 299 1.61 -16.33 -5.21
N ASP D 300 2.83 -16.30 -5.77
CA ASP D 300 3.53 -17.47 -6.24
C ASP D 300 2.73 -18.27 -7.28
N SER D 301 2.16 -17.54 -8.23
CA SER D 301 1.39 -18.11 -9.34
C SER D 301 2.25 -18.87 -10.34
N ARG D 302 3.53 -18.50 -10.45
CA ARG D 302 4.47 -19.12 -11.41
C ARG D 302 3.92 -19.17 -12.84
N GLN D 303 3.72 -17.99 -13.41
CA GLN D 303 3.00 -17.86 -14.66
C GLN D 303 3.71 -18.55 -15.84
N TYR D 304 5.03 -18.58 -15.84
CA TYR D 304 5.75 -19.31 -16.89
C TYR D 304 5.51 -20.82 -16.79
N ARG D 305 5.40 -21.33 -15.58
CA ARG D 305 5.12 -22.75 -15.38
C ARG D 305 3.69 -23.06 -15.85
N ARG D 306 2.77 -22.17 -15.57
CA ARG D 306 1.42 -22.36 -15.97
C ARG D 306 1.33 -22.39 -17.48
N GLU D 307 2.08 -21.54 -18.15
CA GLU D 307 2.12 -21.48 -19.60
C GLU D 307 2.51 -22.81 -20.23
N VAL D 308 3.61 -23.38 -19.76
CA VAL D 308 4.10 -24.60 -20.37
C VAL D 308 3.21 -25.78 -19.98
N GLU D 309 2.61 -25.73 -18.80
CA GLU D 309 1.65 -26.78 -18.40
C GLU D 309 0.39 -26.75 -19.29
N ALA D 310 -0.10 -25.55 -19.60
CA ALA D 310 -1.24 -25.41 -20.52
C ALA D 310 -0.88 -25.92 -21.92
N PHE D 311 0.31 -25.57 -22.39
CA PHE D 311 0.82 -26.08 -23.67
C PHE D 311 0.89 -27.61 -23.71
N ALA D 312 1.43 -28.22 -22.66
CA ALA D 312 1.51 -29.68 -22.60
C ALA D 312 0.14 -30.33 -22.62
N ARG D 313 -0.82 -29.76 -21.90
CA ARG D 313 -2.21 -30.24 -21.97
C ARG D 313 -2.77 -30.09 -23.38
N ALA D 314 -2.48 -28.97 -24.04
CA ALA D 314 -2.97 -28.76 -25.40
C ALA D 314 -2.40 -29.80 -26.37
N VAL D 315 -1.13 -30.12 -26.23
CA VAL D 315 -0.51 -31.16 -27.03
C VAL D 315 -1.20 -32.50 -26.79
N GLU D 316 -1.55 -32.78 -25.54
CA GLU D 316 -2.11 -34.07 -25.19
C GLU D 316 -3.59 -34.24 -25.55
N ASN D 317 -4.40 -33.18 -25.49
CA ASN D 317 -5.85 -33.31 -25.65
C ASN D 317 -6.51 -32.46 -26.74
N GLY D 318 -5.81 -31.42 -27.20
CA GLY D 318 -6.34 -30.54 -28.26
C GLY D 318 -7.46 -29.59 -27.88
N LYS D 319 -7.76 -29.45 -26.58
CA LYS D 319 -8.90 -28.63 -26.12
C LYS D 319 -8.52 -27.46 -25.20
N GLU D 320 -7.34 -27.53 -24.60
CA GLU D 320 -6.86 -26.48 -23.71
C GLU D 320 -6.77 -25.12 -24.42
N GLU D 321 -7.26 -24.06 -23.76
CA GLU D 321 -7.05 -22.70 -24.26
C GLU D 321 -5.53 -22.42 -24.29
N VAL D 322 -4.93 -22.36 -25.46
CA VAL D 322 -3.64 -21.70 -25.65
C VAL D 322 -3.76 -20.61 -26.69
N VAL D 323 -2.91 -19.60 -26.59
CA VAL D 323 -2.98 -18.47 -27.51
C VAL D 323 -2.86 -18.96 -28.95
N THR D 324 -3.88 -18.73 -29.77
CA THR D 324 -3.87 -19.19 -31.16
C THR D 324 -3.03 -18.26 -32.03
N LEU D 325 -2.48 -18.79 -33.11
CA LEU D 325 -1.72 -17.97 -34.06
C LEU D 325 -2.63 -16.93 -34.71
N GLU D 326 -3.90 -17.28 -34.86
CA GLU D 326 -4.89 -16.35 -35.40
C GLU D 326 -5.00 -15.14 -34.47
N ASN D 327 -5.12 -15.46 -33.20
CA ASN D 327 -4.93 -14.42 -32.37
CA ASN D 327 -5.01 -14.36 -32.25
C ASN D 327 -3.66 -13.44 -32.18
N SER D 328 -2.58 -14.24 -32.28
CA SER D 328 -1.28 -13.58 -32.45
C SER D 328 -1.30 -12.59 -33.65
N LYS D 329 -1.89 -13.02 -34.75
CA LYS D 329 -1.98 -12.16 -35.92
C LYS D 329 -2.86 -10.93 -35.69
N LEU D 330 -3.99 -11.11 -35.02
CA LEU D 330 -4.83 -9.97 -34.69
C LEU D 330 -4.07 -8.97 -33.82
N ASN D 331 -3.29 -9.49 -32.90
CA ASN D 331 -2.49 -8.65 -32.00
C ASN D 331 -1.48 -7.84 -32.80
N GLN D 332 -0.82 -8.50 -33.73
CA GLN D 332 0.21 -7.84 -34.54
C GLN D 332 -0.40 -6.82 -35.48
N LYS D 333 -1.64 -7.05 -35.91
CA LYS D 333 -2.33 -6.03 -36.71
C LYS D 333 -2.44 -4.70 -35.97
N VAL D 334 -2.64 -4.76 -34.66
CA VAL D 334 -2.71 -3.54 -33.85
C VAL D 334 -1.35 -2.85 -33.82
N ILE D 335 -0.28 -3.62 -33.60
CA ILE D 335 1.08 -3.06 -33.58
C ILE D 335 1.42 -2.41 -34.92
N ASP D 336 1.06 -3.07 -36.02
CA ASP D 336 1.31 -2.55 -37.37
C ASP D 336 0.55 -1.22 -37.56
N ALA D 337 -0.69 -1.16 -37.08
CA ALA D 337 -1.48 0.07 -37.14
C ALA D 337 -0.84 1.17 -36.31
N ILE D 338 -0.20 0.81 -35.20
CA ILE D 338 0.51 1.79 -34.36
C ILE D 338 1.69 2.38 -35.12
N TYR D 339 2.46 1.55 -35.83
CA TYR D 339 3.51 2.10 -36.71
C TYR D 339 2.93 3.07 -37.75
N ARG D 340 1.85 2.68 -38.41
CA ARG D 340 1.26 3.54 -39.45
C ARG D 340 0.74 4.83 -38.85
N ALA D 341 0.06 4.73 -37.71
CA ALA D 341 -0.47 5.92 -37.04
C ALA D 341 0.64 6.92 -36.65
N SER D 342 1.80 6.39 -36.28
CA SER D 342 2.94 7.23 -35.91
C SER D 342 3.47 8.10 -37.03
N GLU D 343 3.09 7.81 -38.28
CA GLU D 343 3.49 8.61 -39.42
C GLU D 343 2.42 9.62 -39.83
N LYS D 344 1.33 9.73 -39.08
CA LYS D 344 0.22 10.63 -39.45
C LYS D 344 -0.23 11.49 -38.29
N ASP D 345 -1.02 12.51 -38.59
CA ASP D 345 -1.47 13.44 -37.57
CA ASP D 345 -1.54 13.50 -37.64
C ASP D 345 -2.76 13.01 -36.85
N GLY D 346 -3.55 12.11 -37.44
CA GLY D 346 -4.84 11.72 -36.86
C GLY D 346 -5.04 10.20 -36.70
N TRP D 347 -6.30 9.77 -36.72
CA TRP D 347 -6.64 8.36 -36.52
C TRP D 347 -6.20 7.51 -37.69
N GLU D 348 -5.77 6.27 -37.42
CA GLU D 348 -5.44 5.29 -38.43
C GLU D 348 -6.30 4.05 -38.20
N ALA D 349 -7.01 3.60 -39.23
CA ALA D 349 -7.84 2.40 -39.09
C ALA D 349 -6.94 1.18 -38.93
N VAL D 350 -7.34 0.25 -38.08
CA VAL D 350 -6.57 -0.97 -37.83
C VAL D 350 -6.77 -1.95 -38.98
NA NA E . -20.17 24.92 14.33
NA NA F . -9.40 31.98 11.13
NA NA G . 20.76 -26.29 -10.52
NA NA H . 9.03 -30.69 -14.79
#